data_3EXN
# 
_entry.id   3EXN 
# 
_audit_conform.dict_name       mmcif_pdbx.dic 
_audit_conform.dict_version    5.397 
_audit_conform.dict_location   http://mmcif.pdb.org/dictionaries/ascii/mmcif_pdbx.dic 
# 
loop_
_database_2.database_id 
_database_2.database_code 
_database_2.pdbx_database_accession 
_database_2.pdbx_DOI 
PDB   3EXN         pdb_00003exn 10.2210/pdb3exn/pdb 
RCSB  RCSB049895   ?            ?                   
WWPDB D_1000049895 ?            ?                   
# 
loop_
_pdbx_audit_revision_history.ordinal 
_pdbx_audit_revision_history.data_content_type 
_pdbx_audit_revision_history.major_revision 
_pdbx_audit_revision_history.minor_revision 
_pdbx_audit_revision_history.revision_date 
1 'Structure model' 1 0 2009-01-06 
2 'Structure model' 1 1 2011-07-13 
3 'Structure model' 1 2 2017-10-25 
4 'Structure model' 1 3 2023-12-27 
5 'Structure model' 1 4 2024-10-30 
# 
_pdbx_audit_revision_details.ordinal             1 
_pdbx_audit_revision_details.revision_ordinal    1 
_pdbx_audit_revision_details.data_content_type   'Structure model' 
_pdbx_audit_revision_details.provider            repository 
_pdbx_audit_revision_details.type                'Initial release' 
_pdbx_audit_revision_details.description         ? 
_pdbx_audit_revision_details.details             ? 
# 
loop_
_pdbx_audit_revision_group.ordinal 
_pdbx_audit_revision_group.revision_ordinal 
_pdbx_audit_revision_group.data_content_type 
_pdbx_audit_revision_group.group 
1 2 'Structure model' Advisory                    
2 2 'Structure model' 'Source and taxonomy'       
3 2 'Structure model' 'Version format compliance' 
4 3 'Structure model' 'Refinement description'    
5 4 'Structure model' 'Data collection'           
6 4 'Structure model' 'Database references'       
7 4 'Structure model' 'Derived calculations'      
8 5 'Structure model' 'Structure summary'         
# 
loop_
_pdbx_audit_revision_category.ordinal 
_pdbx_audit_revision_category.revision_ordinal 
_pdbx_audit_revision_category.data_content_type 
_pdbx_audit_revision_category.category 
1 3 'Structure model' software                  
2 4 'Structure model' chem_comp_atom            
3 4 'Structure model' chem_comp_bond            
4 4 'Structure model' database_2                
5 4 'Structure model' struct_conn               
6 4 'Structure model' struct_site               
7 5 'Structure model' pdbx_entry_details        
8 5 'Structure model' pdbx_modification_feature 
# 
loop_
_pdbx_audit_revision_item.ordinal 
_pdbx_audit_revision_item.revision_ordinal 
_pdbx_audit_revision_item.data_content_type 
_pdbx_audit_revision_item.item 
1 3 'Structure model' '_software.name'                      
2 4 'Structure model' '_database_2.pdbx_DOI'                
3 4 'Structure model' '_database_2.pdbx_database_accession' 
4 4 'Structure model' '_struct_conn.pdbx_leaving_atom_flag' 
5 4 'Structure model' '_struct_site.pdbx_auth_asym_id'      
6 4 'Structure model' '_struct_site.pdbx_auth_comp_id'      
7 4 'Structure model' '_struct_site.pdbx_auth_seq_id'       
# 
_pdbx_database_status.status_code                     REL 
_pdbx_database_status.entry_id                        3EXN 
_pdbx_database_status.recvd_initial_deposition_date   2008-10-16 
_pdbx_database_status.deposit_site                    RCSB 
_pdbx_database_status.process_site                    RCSB 
_pdbx_database_status.status_code_sf                  REL 
_pdbx_database_status.status_code_mr                  ? 
_pdbx_database_status.SG_entry                        Y 
_pdbx_database_status.pdb_format_compatible           Y 
_pdbx_database_status.status_code_cs                  ? 
_pdbx_database_status.methods_development_category    ? 
_pdbx_database_status.status_code_nmr_data            ? 
# 
_pdbx_database_related.db_name        TargetDB 
_pdbx_database_related.db_id          APC61206 
_pdbx_database_related.details        . 
_pdbx_database_related.content_type   unspecified 
# 
loop_
_audit_author.name 
_audit_author.pdbx_ordinal 
'Nocek, B.'                                     1 
'Hatzos, C.'                                    2 
'Clancy, S.'                                    3 
'Joachimiak, A.'                                4 
'Midwest Center for Structural Genomics (MCSG)' 5 
# 
_citation.id                        primary 
_citation.title                     'Crystal structure of acetyltransferase from Thermus thermophilus HB8' 
_citation.journal_abbrev            'To be Published' 
_citation.journal_volume            ? 
_citation.page_first                ? 
_citation.page_last                 ? 
_citation.year                      ? 
_citation.journal_id_ASTM           ? 
_citation.country                   ? 
_citation.journal_id_ISSN           ? 
_citation.journal_id_CSD            0353 
_citation.book_publisher            ? 
_citation.pdbx_database_id_PubMed   ? 
_citation.pdbx_database_id_DOI      ? 
# 
loop_
_citation_author.citation_id 
_citation_author.name 
_citation_author.ordinal 
_citation_author.identifier_ORCID 
primary 'Nocek, B.'      1 ? 
primary 'Hatzos, C.'     2 ? 
primary 'Clancy, S.'     3 ? 
primary 'Joachimiak, A.' 4 ? 
# 
loop_
_entity.id 
_entity.type 
_entity.src_method 
_entity.pdbx_description 
_entity.formula_weight 
_entity.pdbx_number_of_molecules 
_entity.pdbx_ec 
_entity.pdbx_mutation 
_entity.pdbx_fragment 
_entity.details 
1 polymer     man 'Probable acetyltransferase' 18037.291 1   ? ? ? ? 
2 non-polymer syn 'CHLORIDE ION'               35.453    1   ? ? ? ? 
3 non-polymer syn 'ACETYL COENZYME *A'         809.571   1   ? ? ? ? 
4 water       nat water                        18.015    108 ? ? ? ? 
# 
_entity_poly.entity_id                      1 
_entity_poly.type                           'polypeptide(L)' 
_entity_poly.nstd_linkage                   no 
_entity_poly.nstd_monomer                   yes 
_entity_poly.pdbx_seq_one_letter_code       
;SNA(MSE)GA(MSE)HVLTLDLAPVTPKDAPLLHRVFHLSPSYFALIG(MSE)ELPTLEDVVRDLQTLEVDPRRRAFLLF
LGQEPVGYLDAKLGYPEAEDATLSLLLIREDHQGRGLGRQALERFAAGLDGVRRLYAVVYGHNPKAKAFFQAQGFRYVKD
GGPTLTWYVRPL
;
_entity_poly.pdbx_seq_one_letter_code_can   
;SNAMGAMHVLTLDLAPVTPKDAPLLHRVFHLSPSYFALIGMELPTLEDVVRDLQTLEVDPRRRAFLLFLGQEPVGYLDAK
LGYPEAEDATLSLLLIREDHQGRGLGRQALERFAAGLDGVRRLYAVVYGHNPKAKAFFQAQGFRYVKDGGPTLTWYVRPL
;
_entity_poly.pdbx_strand_id                 A 
_entity_poly.pdbx_target_identifier         APC61206 
# 
loop_
_pdbx_entity_nonpoly.entity_id 
_pdbx_entity_nonpoly.name 
_pdbx_entity_nonpoly.comp_id 
2 'CHLORIDE ION'       CL  
3 'ACETYL COENZYME *A' ACO 
4 water                HOH 
# 
loop_
_entity_poly_seq.entity_id 
_entity_poly_seq.num 
_entity_poly_seq.mon_id 
_entity_poly_seq.hetero 
1 1   SER n 
1 2   ASN n 
1 3   ALA n 
1 4   MSE n 
1 5   GLY n 
1 6   ALA n 
1 7   MSE n 
1 8   HIS n 
1 9   VAL n 
1 10  LEU n 
1 11  THR n 
1 12  LEU n 
1 13  ASP n 
1 14  LEU n 
1 15  ALA n 
1 16  PRO n 
1 17  VAL n 
1 18  THR n 
1 19  PRO n 
1 20  LYS n 
1 21  ASP n 
1 22  ALA n 
1 23  PRO n 
1 24  LEU n 
1 25  LEU n 
1 26  HIS n 
1 27  ARG n 
1 28  VAL n 
1 29  PHE n 
1 30  HIS n 
1 31  LEU n 
1 32  SER n 
1 33  PRO n 
1 34  SER n 
1 35  TYR n 
1 36  PHE n 
1 37  ALA n 
1 38  LEU n 
1 39  ILE n 
1 40  GLY n 
1 41  MSE n 
1 42  GLU n 
1 43  LEU n 
1 44  PRO n 
1 45  THR n 
1 46  LEU n 
1 47  GLU n 
1 48  ASP n 
1 49  VAL n 
1 50  VAL n 
1 51  ARG n 
1 52  ASP n 
1 53  LEU n 
1 54  GLN n 
1 55  THR n 
1 56  LEU n 
1 57  GLU n 
1 58  VAL n 
1 59  ASP n 
1 60  PRO n 
1 61  ARG n 
1 62  ARG n 
1 63  ARG n 
1 64  ALA n 
1 65  PHE n 
1 66  LEU n 
1 67  LEU n 
1 68  PHE n 
1 69  LEU n 
1 70  GLY n 
1 71  GLN n 
1 72  GLU n 
1 73  PRO n 
1 74  VAL n 
1 75  GLY n 
1 76  TYR n 
1 77  LEU n 
1 78  ASP n 
1 79  ALA n 
1 80  LYS n 
1 81  LEU n 
1 82  GLY n 
1 83  TYR n 
1 84  PRO n 
1 85  GLU n 
1 86  ALA n 
1 87  GLU n 
1 88  ASP n 
1 89  ALA n 
1 90  THR n 
1 91  LEU n 
1 92  SER n 
1 93  LEU n 
1 94  LEU n 
1 95  LEU n 
1 96  ILE n 
1 97  ARG n 
1 98  GLU n 
1 99  ASP n 
1 100 HIS n 
1 101 GLN n 
1 102 GLY n 
1 103 ARG n 
1 104 GLY n 
1 105 LEU n 
1 106 GLY n 
1 107 ARG n 
1 108 GLN n 
1 109 ALA n 
1 110 LEU n 
1 111 GLU n 
1 112 ARG n 
1 113 PHE n 
1 114 ALA n 
1 115 ALA n 
1 116 GLY n 
1 117 LEU n 
1 118 ASP n 
1 119 GLY n 
1 120 VAL n 
1 121 ARG n 
1 122 ARG n 
1 123 LEU n 
1 124 TYR n 
1 125 ALA n 
1 126 VAL n 
1 127 VAL n 
1 128 TYR n 
1 129 GLY n 
1 130 HIS n 
1 131 ASN n 
1 132 PRO n 
1 133 LYS n 
1 134 ALA n 
1 135 LYS n 
1 136 ALA n 
1 137 PHE n 
1 138 PHE n 
1 139 GLN n 
1 140 ALA n 
1 141 GLN n 
1 142 GLY n 
1 143 PHE n 
1 144 ARG n 
1 145 TYR n 
1 146 VAL n 
1 147 LYS n 
1 148 ASP n 
1 149 GLY n 
1 150 GLY n 
1 151 PRO n 
1 152 THR n 
1 153 LEU n 
1 154 THR n 
1 155 TRP n 
1 156 TYR n 
1 157 VAL n 
1 158 ARG n 
1 159 PRO n 
1 160 LEU n 
# 
_entity_src_gen.entity_id                          1 
_entity_src_gen.pdbx_src_id                        1 
_entity_src_gen.pdbx_alt_source_flag               sample 
_entity_src_gen.pdbx_seq_type                      ? 
_entity_src_gen.pdbx_beg_seq_num                   ? 
_entity_src_gen.pdbx_end_seq_num                   ? 
_entity_src_gen.gene_src_common_name               ? 
_entity_src_gen.gene_src_genus                     ? 
_entity_src_gen.pdbx_gene_src_gene                 TTHA0176 
_entity_src_gen.gene_src_species                   ? 
_entity_src_gen.gene_src_strain                    HB8 
_entity_src_gen.gene_src_tissue                    ? 
_entity_src_gen.gene_src_tissue_fraction           ? 
_entity_src_gen.gene_src_details                   ? 
_entity_src_gen.pdbx_gene_src_fragment             ? 
_entity_src_gen.pdbx_gene_src_scientific_name      'Thermus thermophilus' 
_entity_src_gen.pdbx_gene_src_ncbi_taxonomy_id     300852 
_entity_src_gen.pdbx_gene_src_variant              ? 
_entity_src_gen.pdbx_gene_src_cell_line            ? 
_entity_src_gen.pdbx_gene_src_atcc                 ? 
_entity_src_gen.pdbx_gene_src_organ                ? 
_entity_src_gen.pdbx_gene_src_organelle            ? 
_entity_src_gen.pdbx_gene_src_cell                 ? 
_entity_src_gen.pdbx_gene_src_cellular_location    ? 
_entity_src_gen.host_org_common_name               ? 
_entity_src_gen.pdbx_host_org_scientific_name      'Escherichia coli' 
_entity_src_gen.pdbx_host_org_ncbi_taxonomy_id     562 
_entity_src_gen.host_org_genus                     ? 
_entity_src_gen.pdbx_host_org_gene                 ? 
_entity_src_gen.pdbx_host_org_organ                ? 
_entity_src_gen.host_org_species                   ? 
_entity_src_gen.pdbx_host_org_tissue               ? 
_entity_src_gen.pdbx_host_org_tissue_fraction      ? 
_entity_src_gen.pdbx_host_org_strain               'BL21DE(3)' 
_entity_src_gen.pdbx_host_org_variant              ? 
_entity_src_gen.pdbx_host_org_cell_line            ? 
_entity_src_gen.pdbx_host_org_atcc                 ? 
_entity_src_gen.pdbx_host_org_culture_collection   ? 
_entity_src_gen.pdbx_host_org_cell                 ? 
_entity_src_gen.pdbx_host_org_organelle            ? 
_entity_src_gen.pdbx_host_org_cellular_location    ? 
_entity_src_gen.pdbx_host_org_vector_type          plasmid 
_entity_src_gen.pdbx_host_org_vector               ? 
_entity_src_gen.host_org_details                   ? 
_entity_src_gen.expression_system_id               ? 
_entity_src_gen.plasmid_name                       pMCSG7 
_entity_src_gen.plasmid_details                    ? 
_entity_src_gen.pdbx_description                   ? 
# 
loop_
_chem_comp.id 
_chem_comp.type 
_chem_comp.mon_nstd_flag 
_chem_comp.name 
_chem_comp.pdbx_synonyms 
_chem_comp.formula 
_chem_comp.formula_weight 
ACO non-polymer         . 'ACETYL COENZYME *A' ? 'C23 H38 N7 O17 P3 S' 809.571 
ALA 'L-peptide linking' y ALANINE              ? 'C3 H7 N O2'          89.093  
ARG 'L-peptide linking' y ARGININE             ? 'C6 H15 N4 O2 1'      175.209 
ASN 'L-peptide linking' y ASPARAGINE           ? 'C4 H8 N2 O3'         132.118 
ASP 'L-peptide linking' y 'ASPARTIC ACID'      ? 'C4 H7 N O4'          133.103 
CL  non-polymer         . 'CHLORIDE ION'       ? 'Cl -1'               35.453  
GLN 'L-peptide linking' y GLUTAMINE            ? 'C5 H10 N2 O3'        146.144 
GLU 'L-peptide linking' y 'GLUTAMIC ACID'      ? 'C5 H9 N O4'          147.129 
GLY 'peptide linking'   y GLYCINE              ? 'C2 H5 N O2'          75.067  
HIS 'L-peptide linking' y HISTIDINE            ? 'C6 H10 N3 O2 1'      156.162 
HOH non-polymer         . WATER                ? 'H2 O'                18.015  
ILE 'L-peptide linking' y ISOLEUCINE           ? 'C6 H13 N O2'         131.173 
LEU 'L-peptide linking' y LEUCINE              ? 'C6 H13 N O2'         131.173 
LYS 'L-peptide linking' y LYSINE               ? 'C6 H15 N2 O2 1'      147.195 
MSE 'L-peptide linking' n SELENOMETHIONINE     ? 'C5 H11 N O2 Se'      196.106 
PHE 'L-peptide linking' y PHENYLALANINE        ? 'C9 H11 N O2'         165.189 
PRO 'L-peptide linking' y PROLINE              ? 'C5 H9 N O2'          115.130 
SER 'L-peptide linking' y SERINE               ? 'C3 H7 N O3'          105.093 
THR 'L-peptide linking' y THREONINE            ? 'C4 H9 N O3'          119.119 
TRP 'L-peptide linking' y TRYPTOPHAN           ? 'C11 H12 N2 O2'       204.225 
TYR 'L-peptide linking' y TYROSINE             ? 'C9 H11 N O3'         181.189 
VAL 'L-peptide linking' y VALINE               ? 'C5 H11 N O2'         117.146 
# 
loop_
_pdbx_poly_seq_scheme.asym_id 
_pdbx_poly_seq_scheme.entity_id 
_pdbx_poly_seq_scheme.seq_id 
_pdbx_poly_seq_scheme.mon_id 
_pdbx_poly_seq_scheme.ndb_seq_num 
_pdbx_poly_seq_scheme.pdb_seq_num 
_pdbx_poly_seq_scheme.auth_seq_num 
_pdbx_poly_seq_scheme.pdb_mon_id 
_pdbx_poly_seq_scheme.auth_mon_id 
_pdbx_poly_seq_scheme.pdb_strand_id 
_pdbx_poly_seq_scheme.pdb_ins_code 
_pdbx_poly_seq_scheme.hetero 
A 1 1   SER 1   -2  ?   ?   ?   A . n 
A 1 2   ASN 2   -1  ?   ?   ?   A . n 
A 1 3   ALA 3   0   ?   ?   ?   A . n 
A 1 4   MSE 4   1   ?   ?   ?   A . n 
A 1 5   GLY 5   2   ?   ?   ?   A . n 
A 1 6   ALA 6   3   ?   ?   ?   A . n 
A 1 7   MSE 7   4   4   MSE MSE A . n 
A 1 8   HIS 8   5   5   HIS HIS A . n 
A 1 9   VAL 9   6   6   VAL VAL A . n 
A 1 10  LEU 10  7   7   LEU LEU A . n 
A 1 11  THR 11  8   8   THR THR A . n 
A 1 12  LEU 12  9   9   LEU LEU A . n 
A 1 13  ASP 13  10  10  ASP ASP A . n 
A 1 14  LEU 14  11  11  LEU LEU A . n 
A 1 15  ALA 15  12  12  ALA ALA A . n 
A 1 16  PRO 16  13  13  PRO PRO A . n 
A 1 17  VAL 17  14  14  VAL VAL A . n 
A 1 18  THR 18  15  15  THR THR A . n 
A 1 19  PRO 19  16  16  PRO PRO A . n 
A 1 20  LYS 20  17  17  LYS LYS A . n 
A 1 21  ASP 21  18  18  ASP ASP A . n 
A 1 22  ALA 22  19  19  ALA ALA A . n 
A 1 23  PRO 23  20  20  PRO PRO A . n 
A 1 24  LEU 24  21  21  LEU LEU A . n 
A 1 25  LEU 25  22  22  LEU LEU A . n 
A 1 26  HIS 26  23  23  HIS HIS A . n 
A 1 27  ARG 27  24  24  ARG ARG A . n 
A 1 28  VAL 28  25  25  VAL VAL A . n 
A 1 29  PHE 29  26  26  PHE PHE A . n 
A 1 30  HIS 30  27  27  HIS HIS A . n 
A 1 31  LEU 31  28  28  LEU LEU A . n 
A 1 32  SER 32  29  29  SER SER A . n 
A 1 33  PRO 33  30  30  PRO PRO A . n 
A 1 34  SER 34  31  31  SER SER A . n 
A 1 35  TYR 35  32  32  TYR TYR A . n 
A 1 36  PHE 36  33  33  PHE PHE A . n 
A 1 37  ALA 37  34  34  ALA ALA A . n 
A 1 38  LEU 38  35  35  LEU LEU A . n 
A 1 39  ILE 39  36  36  ILE ILE A . n 
A 1 40  GLY 40  37  37  GLY GLY A . n 
A 1 41  MSE 41  38  38  MSE MSE A . n 
A 1 42  GLU 42  39  39  GLU GLU A . n 
A 1 43  LEU 43  40  40  LEU LEU A . n 
A 1 44  PRO 44  41  41  PRO PRO A . n 
A 1 45  THR 45  42  42  THR THR A . n 
A 1 46  LEU 46  43  43  LEU LEU A . n 
A 1 47  GLU 47  44  44  GLU GLU A . n 
A 1 48  ASP 48  45  45  ASP ASP A . n 
A 1 49  VAL 49  46  46  VAL VAL A . n 
A 1 50  VAL 50  47  47  VAL VAL A . n 
A 1 51  ARG 51  48  48  ARG ARG A . n 
A 1 52  ASP 52  49  49  ASP ASP A . n 
A 1 53  LEU 53  50  50  LEU LEU A . n 
A 1 54  GLN 54  51  51  GLN GLN A . n 
A 1 55  THR 55  52  52  THR THR A . n 
A 1 56  LEU 56  53  53  LEU LEU A . n 
A 1 57  GLU 57  54  54  GLU GLU A . n 
A 1 58  VAL 58  55  55  VAL VAL A . n 
A 1 59  ASP 59  56  56  ASP ASP A . n 
A 1 60  PRO 60  57  57  PRO PRO A . n 
A 1 61  ARG 61  58  58  ARG ARG A . n 
A 1 62  ARG 62  59  59  ARG ARG A . n 
A 1 63  ARG 63  60  60  ARG ARG A . n 
A 1 64  ALA 64  61  61  ALA ALA A . n 
A 1 65  PHE 65  62  62  PHE PHE A . n 
A 1 66  LEU 66  63  63  LEU LEU A . n 
A 1 67  LEU 67  64  64  LEU LEU A . n 
A 1 68  PHE 68  65  65  PHE PHE A . n 
A 1 69  LEU 69  66  66  LEU LEU A . n 
A 1 70  GLY 70  67  67  GLY GLY A . n 
A 1 71  GLN 71  68  68  GLN GLN A . n 
A 1 72  GLU 72  69  69  GLU GLU A . n 
A 1 73  PRO 73  70  70  PRO PRO A . n 
A 1 74  VAL 74  71  71  VAL VAL A . n 
A 1 75  GLY 75  72  72  GLY GLY A . n 
A 1 76  TYR 76  73  73  TYR TYR A . n 
A 1 77  LEU 77  74  74  LEU LEU A . n 
A 1 78  ASP 78  75  75  ASP ASP A . n 
A 1 79  ALA 79  76  76  ALA ALA A . n 
A 1 80  LYS 80  77  77  LYS LYS A . n 
A 1 81  LEU 81  78  78  LEU LEU A . n 
A 1 82  GLY 82  79  79  GLY GLY A . n 
A 1 83  TYR 83  80  80  TYR TYR A . n 
A 1 84  PRO 84  81  81  PRO PRO A . n 
A 1 85  GLU 85  82  82  GLU GLU A . n 
A 1 86  ALA 86  83  83  ALA ALA A . n 
A 1 87  GLU 87  84  84  GLU GLU A . n 
A 1 88  ASP 88  85  85  ASP ASP A . n 
A 1 89  ALA 89  86  86  ALA ALA A . n 
A 1 90  THR 90  87  87  THR THR A . n 
A 1 91  LEU 91  88  88  LEU LEU A . n 
A 1 92  SER 92  89  89  SER SER A . n 
A 1 93  LEU 93  90  90  LEU LEU A . n 
A 1 94  LEU 94  91  91  LEU LEU A . n 
A 1 95  LEU 95  92  92  LEU LEU A . n 
A 1 96  ILE 96  93  93  ILE ILE A . n 
A 1 97  ARG 97  94  94  ARG ARG A . n 
A 1 98  GLU 98  95  95  GLU GLU A . n 
A 1 99  ASP 99  96  96  ASP ASP A . n 
A 1 100 HIS 100 97  97  HIS HIS A . n 
A 1 101 GLN 101 98  98  GLN GLN A . n 
A 1 102 GLY 102 99  99  GLY GLY A . n 
A 1 103 ARG 103 100 100 ARG ARG A . n 
A 1 104 GLY 104 101 101 GLY GLY A . n 
A 1 105 LEU 105 102 102 LEU LEU A . n 
A 1 106 GLY 106 103 103 GLY GLY A . n 
A 1 107 ARG 107 104 104 ARG ARG A . n 
A 1 108 GLN 108 105 105 GLN GLN A . n 
A 1 109 ALA 109 106 106 ALA ALA A . n 
A 1 110 LEU 110 107 107 LEU LEU A . n 
A 1 111 GLU 111 108 108 GLU GLU A . n 
A 1 112 ARG 112 109 109 ARG ARG A . n 
A 1 113 PHE 113 110 110 PHE PHE A . n 
A 1 114 ALA 114 111 111 ALA ALA A . n 
A 1 115 ALA 115 112 112 ALA ALA A . n 
A 1 116 GLY 116 113 113 GLY GLY A . n 
A 1 117 LEU 117 114 114 LEU LEU A . n 
A 1 118 ASP 118 115 115 ASP ASP A . n 
A 1 119 GLY 119 116 116 GLY GLY A . n 
A 1 120 VAL 120 117 117 VAL VAL A . n 
A 1 121 ARG 121 118 118 ARG ARG A . n 
A 1 122 ARG 122 119 119 ARG ARG A . n 
A 1 123 LEU 123 120 120 LEU LEU A . n 
A 1 124 TYR 124 121 121 TYR TYR A . n 
A 1 125 ALA 125 122 122 ALA ALA A . n 
A 1 126 VAL 126 123 123 VAL VAL A . n 
A 1 127 VAL 127 124 124 VAL VAL A . n 
A 1 128 TYR 128 125 125 TYR TYR A . n 
A 1 129 GLY 129 126 126 GLY GLY A . n 
A 1 130 HIS 130 127 127 HIS HIS A . n 
A 1 131 ASN 131 128 128 ASN ASN A . n 
A 1 132 PRO 132 129 129 PRO PRO A . n 
A 1 133 LYS 133 130 130 LYS LYS A . n 
A 1 134 ALA 134 131 131 ALA ALA A . n 
A 1 135 LYS 135 132 132 LYS LYS A . n 
A 1 136 ALA 136 133 133 ALA ALA A . n 
A 1 137 PHE 137 134 134 PHE PHE A . n 
A 1 138 PHE 138 135 135 PHE PHE A . n 
A 1 139 GLN 139 136 136 GLN GLN A . n 
A 1 140 ALA 140 137 137 ALA ALA A . n 
A 1 141 GLN 141 138 138 GLN GLN A . n 
A 1 142 GLY 142 139 139 GLY GLY A . n 
A 1 143 PHE 143 140 140 PHE PHE A . n 
A 1 144 ARG 144 141 141 ARG ARG A . n 
A 1 145 TYR 145 142 142 TYR TYR A . n 
A 1 146 VAL 146 143 143 VAL VAL A . n 
A 1 147 LYS 147 144 144 LYS LYS A . n 
A 1 148 ASP 148 145 145 ASP ASP A . n 
A 1 149 GLY 149 146 146 GLY GLY A . n 
A 1 150 GLY 150 147 147 GLY GLY A . n 
A 1 151 PRO 151 148 148 PRO PRO A . n 
A 1 152 THR 152 149 149 THR THR A . n 
A 1 153 LEU 153 150 150 LEU LEU A . n 
A 1 154 THR 154 151 151 THR THR A . n 
A 1 155 TRP 155 152 152 TRP TRP A . n 
A 1 156 TYR 156 153 153 TYR TYR A . n 
A 1 157 VAL 157 154 154 VAL VAL A . n 
A 1 158 ARG 158 155 155 ARG ARG A . n 
A 1 159 PRO 159 156 156 PRO PRO A . n 
A 1 160 LEU 160 157 157 LEU LEU A . n 
# 
loop_
_pdbx_nonpoly_scheme.asym_id 
_pdbx_nonpoly_scheme.entity_id 
_pdbx_nonpoly_scheme.mon_id 
_pdbx_nonpoly_scheme.ndb_seq_num 
_pdbx_nonpoly_scheme.pdb_seq_num 
_pdbx_nonpoly_scheme.auth_seq_num 
_pdbx_nonpoly_scheme.pdb_mon_id 
_pdbx_nonpoly_scheme.auth_mon_id 
_pdbx_nonpoly_scheme.pdb_strand_id 
_pdbx_nonpoly_scheme.pdb_ins_code 
B 2 CL  1   159  159  CL  CL  A . 
C 3 ACO 1   1001 1001 ACO ACO A . 
D 4 HOH 1   160  160  HOH HOH A . 
D 4 HOH 2   161  161  HOH HOH A . 
D 4 HOH 3   162  162  HOH HOH A . 
D 4 HOH 4   163  163  HOH HOH A . 
D 4 HOH 5   164  164  HOH HOH A . 
D 4 HOH 6   165  165  HOH HOH A . 
D 4 HOH 7   166  166  HOH HOH A . 
D 4 HOH 8   167  167  HOH HOH A . 
D 4 HOH 9   168  168  HOH HOH A . 
D 4 HOH 10  169  169  HOH HOH A . 
D 4 HOH 11  170  170  HOH HOH A . 
D 4 HOH 12  171  171  HOH HOH A . 
D 4 HOH 13  172  172  HOH HOH A . 
D 4 HOH 14  173  173  HOH HOH A . 
D 4 HOH 15  174  174  HOH HOH A . 
D 4 HOH 16  175  175  HOH HOH A . 
D 4 HOH 17  176  176  HOH HOH A . 
D 4 HOH 18  177  177  HOH HOH A . 
D 4 HOH 19  178  178  HOH HOH A . 
D 4 HOH 20  179  179  HOH HOH A . 
D 4 HOH 21  180  180  HOH HOH A . 
D 4 HOH 22  181  181  HOH HOH A . 
D 4 HOH 23  182  182  HOH HOH A . 
D 4 HOH 24  183  183  HOH HOH A . 
D 4 HOH 25  184  184  HOH HOH A . 
D 4 HOH 26  185  185  HOH HOH A . 
D 4 HOH 27  186  186  HOH HOH A . 
D 4 HOH 28  187  187  HOH HOH A . 
D 4 HOH 29  188  188  HOH HOH A . 
D 4 HOH 30  189  189  HOH HOH A . 
D 4 HOH 31  190  190  HOH HOH A . 
D 4 HOH 32  191  191  HOH HOH A . 
D 4 HOH 33  192  192  HOH HOH A . 
D 4 HOH 34  193  193  HOH HOH A . 
D 4 HOH 35  194  194  HOH HOH A . 
D 4 HOH 36  195  195  HOH HOH A . 
D 4 HOH 37  196  196  HOH HOH A . 
D 4 HOH 38  197  197  HOH HOH A . 
D 4 HOH 39  198  198  HOH HOH A . 
D 4 HOH 40  199  199  HOH HOH A . 
D 4 HOH 41  200  200  HOH HOH A . 
D 4 HOH 42  201  201  HOH HOH A . 
D 4 HOH 43  202  202  HOH HOH A . 
D 4 HOH 44  203  203  HOH HOH A . 
D 4 HOH 45  204  204  HOH HOH A . 
D 4 HOH 46  205  205  HOH HOH A . 
D 4 HOH 47  206  206  HOH HOH A . 
D 4 HOH 48  207  207  HOH HOH A . 
D 4 HOH 49  208  208  HOH HOH A . 
D 4 HOH 50  209  209  HOH HOH A . 
D 4 HOH 51  210  210  HOH HOH A . 
D 4 HOH 52  212  212  HOH HOH A . 
D 4 HOH 53  213  213  HOH HOH A . 
D 4 HOH 54  214  214  HOH HOH A . 
D 4 HOH 55  215  215  HOH HOH A . 
D 4 HOH 56  216  216  HOH HOH A . 
D 4 HOH 57  217  217  HOH HOH A . 
D 4 HOH 58  218  218  HOH HOH A . 
D 4 HOH 59  219  219  HOH HOH A . 
D 4 HOH 60  220  220  HOH HOH A . 
D 4 HOH 61  221  221  HOH HOH A . 
D 4 HOH 62  222  222  HOH HOH A . 
D 4 HOH 63  223  223  HOH HOH A . 
D 4 HOH 64  224  224  HOH HOH A . 
D 4 HOH 65  225  225  HOH HOH A . 
D 4 HOH 66  226  226  HOH HOH A . 
D 4 HOH 67  227  227  HOH HOH A . 
D 4 HOH 68  228  228  HOH HOH A . 
D 4 HOH 69  229  229  HOH HOH A . 
D 4 HOH 70  230  230  HOH HOH A . 
D 4 HOH 71  231  231  HOH HOH A . 
D 4 HOH 72  232  232  HOH HOH A . 
D 4 HOH 73  233  233  HOH HOH A . 
D 4 HOH 74  234  234  HOH HOH A . 
D 4 HOH 75  235  235  HOH HOH A . 
D 4 HOH 76  236  236  HOH HOH A . 
D 4 HOH 77  237  237  HOH HOH A . 
D 4 HOH 78  238  238  HOH HOH A . 
D 4 HOH 79  239  239  HOH HOH A . 
D 4 HOH 80  240  240  HOH HOH A . 
D 4 HOH 81  241  241  HOH HOH A . 
D 4 HOH 82  242  242  HOH HOH A . 
D 4 HOH 83  243  243  HOH HOH A . 
D 4 HOH 84  244  244  HOH HOH A . 
D 4 HOH 85  245  245  HOH HOH A . 
D 4 HOH 86  246  246  HOH HOH A . 
D 4 HOH 87  247  247  HOH HOH A . 
D 4 HOH 88  248  248  HOH HOH A . 
D 4 HOH 89  249  249  HOH HOH A . 
D 4 HOH 90  250  250  HOH HOH A . 
D 4 HOH 91  251  251  HOH HOH A . 
D 4 HOH 92  252  252  HOH HOH A . 
D 4 HOH 93  253  253  HOH HOH A . 
D 4 HOH 94  254  254  HOH HOH A . 
D 4 HOH 95  255  255  HOH HOH A . 
D 4 HOH 96  256  256  HOH HOH A . 
D 4 HOH 97  257  257  HOH HOH A . 
D 4 HOH 98  258  258  HOH HOH A . 
D 4 HOH 99  259  259  HOH HOH A . 
D 4 HOH 100 260  260  HOH HOH A . 
D 4 HOH 101 261  261  HOH HOH A . 
D 4 HOH 102 262  262  HOH HOH A . 
D 4 HOH 103 263  263  HOH HOH A . 
D 4 HOH 104 264  264  HOH HOH A . 
D 4 HOH 105 265  265  HOH HOH A . 
D 4 HOH 106 266  266  HOH HOH A . 
D 4 HOH 107 267  267  HOH HOH A . 
D 4 HOH 108 268  268  HOH HOH A . 
# 
loop_
_pdbx_unobs_or_zero_occ_atoms.id 
_pdbx_unobs_or_zero_occ_atoms.PDB_model_num 
_pdbx_unobs_or_zero_occ_atoms.polymer_flag 
_pdbx_unobs_or_zero_occ_atoms.occupancy_flag 
_pdbx_unobs_or_zero_occ_atoms.auth_asym_id 
_pdbx_unobs_or_zero_occ_atoms.auth_comp_id 
_pdbx_unobs_or_zero_occ_atoms.auth_seq_id 
_pdbx_unobs_or_zero_occ_atoms.PDB_ins_code 
_pdbx_unobs_or_zero_occ_atoms.auth_atom_id 
_pdbx_unobs_or_zero_occ_atoms.label_alt_id 
_pdbx_unobs_or_zero_occ_atoms.label_asym_id 
_pdbx_unobs_or_zero_occ_atoms.label_comp_id 
_pdbx_unobs_or_zero_occ_atoms.label_seq_id 
_pdbx_unobs_or_zero_occ_atoms.label_atom_id 
1  1 N 1 A ACO 1001 ? N1A ? C ACO 1 N1A 
2  1 N 1 A ACO 1001 ? C2A ? C ACO 1 C2A 
3  1 N 1 A ACO 1001 ? N3A ? C ACO 1 N3A 
4  1 N 1 A ACO 1001 ? C4A ? C ACO 1 C4A 
5  1 N 1 A ACO 1001 ? C5A ? C ACO 1 C5A 
6  1 N 1 A ACO 1001 ? C6A ? C ACO 1 C6A 
7  1 N 1 A ACO 1001 ? N6A ? C ACO 1 N6A 
8  1 N 1 A ACO 1001 ? N7A ? C ACO 1 N7A 
9  1 N 1 A ACO 1001 ? C8A ? C ACO 1 C8A 
10 1 N 1 A ACO 1001 ? N9A ? C ACO 1 N9A 
11 1 N 1 A ACO 1001 ? C1B ? C ACO 1 C1B 
12 1 N 1 A ACO 1001 ? C2B ? C ACO 1 C2B 
13 1 N 1 A ACO 1001 ? O2B ? C ACO 1 O2B 
14 1 N 1 A ACO 1001 ? C3B ? C ACO 1 C3B 
15 1 N 1 A ACO 1001 ? O3B ? C ACO 1 O3B 
16 1 N 1 A ACO 1001 ? P3B ? C ACO 1 P3B 
17 1 N 1 A ACO 1001 ? O7A ? C ACO 1 O7A 
18 1 N 1 A ACO 1001 ? O8A ? C ACO 1 O8A 
19 1 N 1 A ACO 1001 ? O9A ? C ACO 1 O9A 
20 1 N 1 A ACO 1001 ? C4B ? C ACO 1 C4B 
21 1 N 1 A ACO 1001 ? O4B ? C ACO 1 O4B 
22 1 N 1 A ACO 1001 ? C5B ? C ACO 1 C5B 
# 
loop_
_software.name 
_software.classification 
_software.version 
_software.citation_id 
_software.pdbx_ordinal 
SBC-Collect 'data collection' Collect  ? 1  
HKL-3000    phasing           .        ? 2  
SHELX       'model building'  .        ? 3  
Coot        'model building'  .        ? 4  
MLPHARE     phasing           .        ? 5  
CCP4        'model building'  .        ? 6  
REFMAC      refinement        5.5.0054 ? 7  
HKL-3000    'data reduction'  .        ? 8  
HKL-3000    'data scaling'    .        ? 9  
SHELX       phasing           .        ? 10 
CCP4        phasing           .        ? 11 
# 
_cell.entry_id           3EXN 
_cell.length_a           32.197 
_cell.length_b           52.408 
_cell.length_c           47.514 
_cell.angle_alpha        90.00 
_cell.angle_beta         92.50 
_cell.angle_gamma        90.00 
_cell.Z_PDB              2 
_cell.pdbx_unique_axis   ? 
_cell.length_a_esd       ? 
_cell.length_b_esd       ? 
_cell.length_c_esd       ? 
_cell.angle_alpha_esd    ? 
_cell.angle_beta_esd     ? 
_cell.angle_gamma_esd    ? 
# 
_symmetry.entry_id                         3EXN 
_symmetry.space_group_name_H-M             'P 1 21 1' 
_symmetry.pdbx_full_space_group_name_H-M   ? 
_symmetry.cell_setting                     ? 
_symmetry.Int_Tables_number                4 
_symmetry.space_group_name_Hall            ? 
# 
_exptl.entry_id          3EXN 
_exptl.method            'X-RAY DIFFRACTION' 
_exptl.crystals_number   1 
# 
_exptl_crystal.id                    1 
_exptl_crystal.density_meas          ? 
_exptl_crystal.density_Matthews      2.22 
_exptl_crystal.density_percent_sol   44.60 
_exptl_crystal.description           ? 
_exptl_crystal.F_000                 ? 
_exptl_crystal.preparation           ? 
# 
_exptl_crystal_grow.crystal_id      1 
_exptl_crystal_grow.method          ? 
_exptl_crystal_grow.temp            289 
_exptl_crystal_grow.temp_details    ? 
_exptl_crystal_grow.pH              7.5 
_exptl_crystal_grow.pdbx_pH_range   ? 
_exptl_crystal_grow.pdbx_details    '0.1 M lithium Chloride 25% Peg 6000, pH 7.5, VAPOR DIFFUSION, SITTING DROP, temperature 289K' 
# 
_diffrn.id                     1 
_diffrn.ambient_temp           100 
_diffrn.ambient_temp_details   ? 
_diffrn.crystal_id             1 
# 
_diffrn_detector.diffrn_id              1 
_diffrn_detector.detector               CCD 
_diffrn_detector.type                   SBC-3 
_diffrn_detector.pdbx_collection_date   2008-10-13 
_diffrn_detector.details                MIRROR 
# 
_diffrn_radiation.diffrn_id                        1 
_diffrn_radiation.wavelength_id                    1 
_diffrn_radiation.pdbx_monochromatic_or_laue_m_l   M 
_diffrn_radiation.monochromator                    'SI CRYSTALL 111' 
_diffrn_radiation.pdbx_diffrn_protocol             'SINGLE WAVELENGTH' 
_diffrn_radiation.pdbx_scattering_type             x-ray 
# 
_diffrn_radiation_wavelength.id           1 
_diffrn_radiation_wavelength.wavelength   0.9794 
_diffrn_radiation_wavelength.wt           1.0 
# 
_diffrn_source.diffrn_id                   1 
_diffrn_source.source                      SYNCHROTRON 
_diffrn_source.type                        'APS BEAMLINE 19-BM' 
_diffrn_source.pdbx_synchrotron_site       APS 
_diffrn_source.pdbx_synchrotron_beamline   19-BM 
_diffrn_source.pdbx_wavelength             0.9794 
_diffrn_source.pdbx_wavelength_list        ? 
# 
_reflns.entry_id                     3EXN 
_reflns.observed_criterion_sigma_I   2.000 
_reflns.observed_criterion_sigma_F   ? 
_reflns.d_resolution_low             30.000 
_reflns.d_resolution_high            1.800 
_reflns.number_obs                   14476 
_reflns.number_all                   ? 
_reflns.percent_possible_obs         98.6 
_reflns.pdbx_Rmerge_I_obs            0.04800 
_reflns.pdbx_Rsym_value              ? 
_reflns.pdbx_netI_over_sigmaI        26.3000 
_reflns.B_iso_Wilson_estimate        ? 
_reflns.pdbx_redundancy              3.800 
_reflns.R_free_details               ? 
_reflns.limit_h_max                  ? 
_reflns.limit_h_min                  ? 
_reflns.limit_k_max                  ? 
_reflns.limit_k_min                  ? 
_reflns.limit_l_max                  ? 
_reflns.limit_l_min                  ? 
_reflns.observed_criterion_F_max     ? 
_reflns.observed_criterion_F_min     ? 
_reflns.pdbx_chi_squared             ? 
_reflns.pdbx_scaling_rejects         ? 
_reflns.pdbx_ordinal                 1 
_reflns.pdbx_diffrn_id               1 
# 
_reflns_shell.d_res_high             1.80 
_reflns_shell.d_res_low              1.83 
_reflns_shell.percent_possible_all   94.9 
_reflns_shell.Rmerge_I_obs           0.19400 
_reflns_shell.pdbx_Rsym_value        ? 
_reflns_shell.meanI_over_sigI_obs    4.800 
_reflns_shell.pdbx_redundancy        3.40 
_reflns_shell.percent_possible_obs   ? 
_reflns_shell.number_unique_all      ? 
_reflns_shell.number_measured_all    ? 
_reflns_shell.number_measured_obs    ? 
_reflns_shell.number_unique_obs      ? 
_reflns_shell.pdbx_chi_squared       ? 
_reflns_shell.pdbx_ordinal           1 
_reflns_shell.pdbx_diffrn_id         1 
# 
_refine.pdbx_refine_id                           'X-RAY DIFFRACTION' 
_refine.entry_id                                 3EXN 
_refine.ls_number_reflns_obs                     13727 
_refine.ls_number_reflns_all                     14457 
_refine.pdbx_ls_sigma_I                          ? 
_refine.pdbx_ls_sigma_F                          . 
_refine.pdbx_data_cutoff_high_absF               ? 
_refine.pdbx_data_cutoff_low_absF                ? 
_refine.pdbx_data_cutoff_high_rms_absF           ? 
_refine.ls_d_res_low                             30 
_refine.ls_d_res_high                            1.80 
_refine.ls_percent_reflns_obs                    97.73 
_refine.ls_R_factor_obs                          0.17825 
_refine.ls_R_factor_all                          ? 
_refine.ls_R_factor_R_work                       0.17604 
_refine.ls_R_factor_R_free                       0.21899 
_refine.ls_R_factor_R_free_error                 ? 
_refine.ls_R_factor_R_free_error_details         ? 
_refine.ls_percent_reflns_R_free                 5.1 
_refine.ls_number_reflns_R_free                  733 
_refine.ls_number_parameters                     ? 
_refine.ls_number_restraints                     ? 
_refine.occupancy_min                            ? 
_refine.occupancy_max                            ? 
_refine.correlation_coeff_Fo_to_Fc               0.962 
_refine.correlation_coeff_Fo_to_Fc_free          0.941 
_refine.B_iso_mean                               8.301 
_refine.aniso_B[1][1]                            0.28 
_refine.aniso_B[2][2]                            -1.73 
_refine.aniso_B[3][3]                            1.66 
_refine.aniso_B[1][2]                            0.00 
_refine.aniso_B[1][3]                            2.40 
_refine.aniso_B[2][3]                            0.00 
_refine.solvent_model_details                    MASK 
_refine.solvent_model_param_ksol                 ? 
_refine.solvent_model_param_bsol                 ? 
_refine.pdbx_solvent_vdw_probe_radii             1.20 
_refine.pdbx_solvent_ion_probe_radii             0.80 
_refine.pdbx_solvent_shrinkage_radii             0.80 
_refine.pdbx_ls_cross_valid_method               THROUGHOUT 
_refine.details                                  'HYDROGENS HAVE BEEN ADDED IN THE RIDING POSITIONS' 
_refine.pdbx_starting_model                      ? 
_refine.pdbx_method_to_determine_struct          SAD 
_refine.pdbx_isotropic_thermal_model             ? 
_refine.pdbx_stereochemistry_target_values       'MAXIMUM LIKELIHOOD' 
_refine.pdbx_stereochem_target_val_spec_case     ? 
_refine.pdbx_R_Free_selection_details            RANDOM 
_refine.pdbx_overall_ESU_R                       0.133 
_refine.pdbx_overall_ESU_R_Free                  0.128 
_refine.overall_SU_ML                            0.092 
_refine.pdbx_overall_phase_error                 ? 
_refine.overall_SU_B                             6.251 
_refine.ls_redundancy_reflns_obs                 ? 
_refine.B_iso_min                                ? 
_refine.B_iso_max                                ? 
_refine.overall_SU_R_Cruickshank_DPI             ? 
_refine.overall_SU_R_free                        ? 
_refine.ls_wR_factor_R_free                      ? 
_refine.ls_wR_factor_R_work                      ? 
_refine.overall_FOM_free_R_set                   ? 
_refine.overall_FOM_work_R_set                   ? 
_refine.pdbx_TLS_residual_ADP_flag               'LIKELY RESIDUAL' 
_refine.pdbx_diffrn_id                           1 
_refine.pdbx_overall_SU_R_free_Cruickshank_DPI   ? 
_refine.pdbx_overall_SU_R_Blow_DPI               ? 
_refine.pdbx_overall_SU_R_free_Blow_DPI          ? 
# 
_refine_hist.pdbx_refine_id                   'X-RAY DIFFRACTION' 
_refine_hist.cycle_id                         LAST 
_refine_hist.pdbx_number_atoms_protein        1229 
_refine_hist.pdbx_number_atoms_nucleic_acid   0 
_refine_hist.pdbx_number_atoms_ligand         30 
_refine_hist.number_atoms_solvent             108 
_refine_hist.number_atoms_total               1367 
_refine_hist.d_res_high                       1.80 
_refine_hist.d_res_low                        30 
# 
loop_
_refine_ls_restr.type 
_refine_ls_restr.dev_ideal 
_refine_ls_restr.dev_ideal_target 
_refine_ls_restr.weight 
_refine_ls_restr.number 
_refine_ls_restr.pdbx_refine_id 
_refine_ls_restr.pdbx_restraint_function 
r_bond_refined_d             0.018  0.022  ? 1307 'X-RAY DIFFRACTION' ? 
r_bond_other_d               0.001  0.020  ? 909  'X-RAY DIFFRACTION' ? 
r_angle_refined_deg          1.589  2.009  ? 1781 'X-RAY DIFFRACTION' ? 
r_angle_other_deg            0.947  3.000  ? 2192 'X-RAY DIFFRACTION' ? 
r_dihedral_angle_1_deg       6.260  5.000  ? 157  'X-RAY DIFFRACTION' ? 
r_dihedral_angle_2_deg       27.316 21.803 ? 61   'X-RAY DIFFRACTION' ? 
r_dihedral_angle_3_deg       13.809 15.000 ? 207  'X-RAY DIFFRACTION' ? 
r_dihedral_angle_4_deg       14.095 15.000 ? 14   'X-RAY DIFFRACTION' ? 
r_chiral_restr               0.108  0.200  ? 192  'X-RAY DIFFRACTION' ? 
r_gen_planes_refined         0.007  0.021  ? 1446 'X-RAY DIFFRACTION' ? 
r_gen_planes_other           0.001  0.020  ? 289  'X-RAY DIFFRACTION' ? 
r_nbd_refined                ?      ?      ? ?    'X-RAY DIFFRACTION' ? 
r_nbd_other                  ?      ?      ? ?    'X-RAY DIFFRACTION' ? 
r_nbtor_refined              ?      ?      ? ?    'X-RAY DIFFRACTION' ? 
r_nbtor_other                ?      ?      ? ?    'X-RAY DIFFRACTION' ? 
r_xyhbond_nbd_refined        ?      ?      ? ?    'X-RAY DIFFRACTION' ? 
r_xyhbond_nbd_other          ?      ?      ? ?    'X-RAY DIFFRACTION' ? 
r_metal_ion_refined          ?      ?      ? ?    'X-RAY DIFFRACTION' ? 
r_metal_ion_other            ?      ?      ? ?    'X-RAY DIFFRACTION' ? 
r_symmetry_vdw_refined       ?      ?      ? ?    'X-RAY DIFFRACTION' ? 
r_symmetry_vdw_other         ?      ?      ? ?    'X-RAY DIFFRACTION' ? 
r_symmetry_hbond_refined     ?      ?      ? ?    'X-RAY DIFFRACTION' ? 
r_symmetry_hbond_other       ?      ?      ? ?    'X-RAY DIFFRACTION' ? 
r_symmetry_metal_ion_refined ?      ?      ? ?    'X-RAY DIFFRACTION' ? 
r_symmetry_metal_ion_other   ?      ?      ? ?    'X-RAY DIFFRACTION' ? 
r_mcbond_it                  0.877  1.500  ? 777  'X-RAY DIFFRACTION' ? 
r_mcbond_other               0.265  1.500  ? 311  'X-RAY DIFFRACTION' ? 
r_mcangle_it                 1.446  2.000  ? 1247 'X-RAY DIFFRACTION' ? 
r_scbond_it                  2.318  3.000  ? 530  'X-RAY DIFFRACTION' ? 
r_scangle_it                 3.702  4.500  ? 532  'X-RAY DIFFRACTION' ? 
r_rigid_bond_restr           ?      ?      ? ?    'X-RAY DIFFRACTION' ? 
r_sphericity_free            ?      ?      ? ?    'X-RAY DIFFRACTION' ? 
r_sphericity_bonded          ?      ?      ? ?    'X-RAY DIFFRACTION' ? 
# 
_refine_ls_shell.pdbx_refine_id                   'X-RAY DIFFRACTION' 
_refine_ls_shell.pdbx_total_number_of_bins_used   20 
_refine_ls_shell.d_res_high                       1.798 
_refine_ls_shell.d_res_low                        1.845 
_refine_ls_shell.number_reflns_R_work             857 
_refine_ls_shell.R_factor_R_work                  0.232 
_refine_ls_shell.percent_reflns_obs               83.52 
_refine_ls_shell.R_factor_R_free                  0.344 
_refine_ls_shell.R_factor_R_free_error            ? 
_refine_ls_shell.percent_reflns_R_free            ? 
_refine_ls_shell.number_reflns_R_free             35 
_refine_ls_shell.number_reflns_all                ? 
_refine_ls_shell.R_factor_all                     ? 
_refine_ls_shell.redundancy_reflns_obs            ? 
_refine_ls_shell.number_reflns_obs                ? 
# 
_struct.entry_id                  3EXN 
_struct.title                     'Crystal structure of acetyltransferase from Thermus thermophilus HB8' 
_struct.pdbx_model_details        ? 
_struct.pdbx_CASP_flag            ? 
_struct.pdbx_model_type_details   ? 
# 
_struct_keywords.entry_id        3EXN 
_struct_keywords.pdbx_keywords   TRANSFERASE 
_struct_keywords.text            
;acetyltransferase, GCN5-related N-acetyltransferase, MCSG, PSI, Structural Genomics, Protein Structure Initiative, Midwest Center for Structural Genomics, Transferase
;
# 
loop_
_struct_asym.id 
_struct_asym.pdbx_blank_PDB_chainid_flag 
_struct_asym.pdbx_modified 
_struct_asym.entity_id 
_struct_asym.details 
A N N 1 ? 
B N N 2 ? 
C N N 3 ? 
D N N 4 ? 
# 
_struct_ref.id                         1 
_struct_ref.db_name                    UNP 
_struct_ref.db_code                    Q5SLW7_THET8 
_struct_ref.pdbx_db_accession          Q5SLW7 
_struct_ref.entity_id                  1 
_struct_ref.pdbx_seq_one_letter_code   
;MGAMHVLTLDLAPVTPKDAPLLHRVFHLSPSYFALIGMELPTLEDVVRDLQTLEVDPRRRAFLLFLGQEPVGYLDAKLGY
PEAEDATLSLLLIREDHQGRGLGRQALERFAAGLDGVRRLYAVVYGHNPKAKAFFQAQGFRYVKDGGPTLTWYVRPL
;
_struct_ref.pdbx_align_begin           1 
_struct_ref.pdbx_db_isoform            ? 
# 
_struct_ref_seq.align_id                      1 
_struct_ref_seq.ref_id                        1 
_struct_ref_seq.pdbx_PDB_id_code              3EXN 
_struct_ref_seq.pdbx_strand_id                A 
_struct_ref_seq.seq_align_beg                 4 
_struct_ref_seq.pdbx_seq_align_beg_ins_code   ? 
_struct_ref_seq.seq_align_end                 160 
_struct_ref_seq.pdbx_seq_align_end_ins_code   ? 
_struct_ref_seq.pdbx_db_accession             Q5SLW7 
_struct_ref_seq.db_align_beg                  1 
_struct_ref_seq.pdbx_db_align_beg_ins_code    ? 
_struct_ref_seq.db_align_end                  157 
_struct_ref_seq.pdbx_db_align_end_ins_code    ? 
_struct_ref_seq.pdbx_auth_seq_align_beg       1 
_struct_ref_seq.pdbx_auth_seq_align_end       157 
# 
loop_
_struct_ref_seq_dif.align_id 
_struct_ref_seq_dif.pdbx_pdb_id_code 
_struct_ref_seq_dif.mon_id 
_struct_ref_seq_dif.pdbx_pdb_strand_id 
_struct_ref_seq_dif.seq_num 
_struct_ref_seq_dif.pdbx_pdb_ins_code 
_struct_ref_seq_dif.pdbx_seq_db_name 
_struct_ref_seq_dif.pdbx_seq_db_accession_code 
_struct_ref_seq_dif.db_mon_id 
_struct_ref_seq_dif.pdbx_seq_db_seq_num 
_struct_ref_seq_dif.details 
_struct_ref_seq_dif.pdbx_auth_seq_num 
_struct_ref_seq_dif.pdbx_ordinal 
1 3EXN SER A 1 ? UNP Q5SLW7 ? ? 'expression tag' -2 1 
1 3EXN ASN A 2 ? UNP Q5SLW7 ? ? 'expression tag' -1 2 
1 3EXN ALA A 3 ? UNP Q5SLW7 ? ? 'expression tag' 0  3 
# 
_pdbx_struct_assembly.id                   1 
_pdbx_struct_assembly.details              author_and_software_defined_assembly 
_pdbx_struct_assembly.method_details       PISA 
_pdbx_struct_assembly.oligomeric_details   monomeric 
_pdbx_struct_assembly.oligomeric_count     1 
# 
_pdbx_struct_assembly_gen.assembly_id       1 
_pdbx_struct_assembly_gen.oper_expression   1 
_pdbx_struct_assembly_gen.asym_id_list      A,B,C,D 
# 
_pdbx_struct_oper_list.id                   1 
_pdbx_struct_oper_list.type                 'identity operation' 
_pdbx_struct_oper_list.name                 1_555 
_pdbx_struct_oper_list.symmetry_operation   x,y,z 
_pdbx_struct_oper_list.matrix[1][1]         1.0000000000 
_pdbx_struct_oper_list.matrix[1][2]         0.0000000000 
_pdbx_struct_oper_list.matrix[1][3]         0.0000000000 
_pdbx_struct_oper_list.vector[1]            0.0000000000 
_pdbx_struct_oper_list.matrix[2][1]         0.0000000000 
_pdbx_struct_oper_list.matrix[2][2]         1.0000000000 
_pdbx_struct_oper_list.matrix[2][3]         0.0000000000 
_pdbx_struct_oper_list.vector[2]            0.0000000000 
_pdbx_struct_oper_list.matrix[3][1]         0.0000000000 
_pdbx_struct_oper_list.matrix[3][2]         0.0000000000 
_pdbx_struct_oper_list.matrix[3][3]         1.0000000000 
_pdbx_struct_oper_list.vector[3]            0.0000000000 
# 
_struct_biol.id        1 
_struct_biol.details   'likely monomer' 
# 
loop_
_struct_conf.conf_type_id 
_struct_conf.id 
_struct_conf.pdbx_PDB_helix_id 
_struct_conf.beg_label_comp_id 
_struct_conf.beg_label_asym_id 
_struct_conf.beg_label_seq_id 
_struct_conf.pdbx_beg_PDB_ins_code 
_struct_conf.end_label_comp_id 
_struct_conf.end_label_asym_id 
_struct_conf.end_label_seq_id 
_struct_conf.pdbx_end_PDB_ins_code 
_struct_conf.beg_auth_comp_id 
_struct_conf.beg_auth_asym_id 
_struct_conf.beg_auth_seq_id 
_struct_conf.end_auth_comp_id 
_struct_conf.end_auth_asym_id 
_struct_conf.end_auth_seq_id 
_struct_conf.pdbx_PDB_helix_class 
_struct_conf.details 
_struct_conf.pdbx_PDB_helix_length 
HELX_P HELX_P1 1 THR A 18  ? LYS A 20  ? THR A 15  LYS A 17  5 ? 3  
HELX_P HELX_P2 2 ASP A 21  ? LEU A 31  ? ASP A 18  LEU A 28  1 ? 11 
HELX_P HELX_P3 3 SER A 32  ? ILE A 39  ? SER A 29  ILE A 36  1 ? 8  
HELX_P HELX_P4 4 THR A 45  ? VAL A 58  ? THR A 42  VAL A 55  1 ? 14 
HELX_P HELX_P5 5 GLU A 98  ? GLN A 101 ? GLU A 95  GLN A 98  5 ? 4  
HELX_P HELX_P6 6 GLY A 104 ? GLY A 116 ? GLY A 101 GLY A 113 1 ? 13 
HELX_P HELX_P7 7 ASN A 131 ? GLN A 141 ? ASN A 128 GLN A 138 1 ? 11 
# 
_struct_conf_type.id          HELX_P 
_struct_conf_type.criteria    ? 
_struct_conf_type.reference   ? 
# 
loop_
_struct_conn.id 
_struct_conn.conn_type_id 
_struct_conn.pdbx_leaving_atom_flag 
_struct_conn.pdbx_PDB_id 
_struct_conn.ptnr1_label_asym_id 
_struct_conn.ptnr1_label_comp_id 
_struct_conn.ptnr1_label_seq_id 
_struct_conn.ptnr1_label_atom_id 
_struct_conn.pdbx_ptnr1_label_alt_id 
_struct_conn.pdbx_ptnr1_PDB_ins_code 
_struct_conn.pdbx_ptnr1_standard_comp_id 
_struct_conn.ptnr1_symmetry 
_struct_conn.ptnr2_label_asym_id 
_struct_conn.ptnr2_label_comp_id 
_struct_conn.ptnr2_label_seq_id 
_struct_conn.ptnr2_label_atom_id 
_struct_conn.pdbx_ptnr2_label_alt_id 
_struct_conn.pdbx_ptnr2_PDB_ins_code 
_struct_conn.ptnr1_auth_asym_id 
_struct_conn.ptnr1_auth_comp_id 
_struct_conn.ptnr1_auth_seq_id 
_struct_conn.ptnr2_auth_asym_id 
_struct_conn.ptnr2_auth_comp_id 
_struct_conn.ptnr2_auth_seq_id 
_struct_conn.ptnr2_symmetry 
_struct_conn.pdbx_ptnr3_label_atom_id 
_struct_conn.pdbx_ptnr3_label_seq_id 
_struct_conn.pdbx_ptnr3_label_comp_id 
_struct_conn.pdbx_ptnr3_label_asym_id 
_struct_conn.pdbx_ptnr3_label_alt_id 
_struct_conn.pdbx_ptnr3_PDB_ins_code 
_struct_conn.details 
_struct_conn.pdbx_dist_value 
_struct_conn.pdbx_value_order 
_struct_conn.pdbx_role 
covale1 covale both ? A MSE 7  C ? ? ? 1_555 A HIS 8  N ? ? A MSE 4  A HIS 5  1_555 ? ? ? ? ? ? ? 1.331 ? ? 
covale2 covale both ? A GLY 40 C ? ? ? 1_555 A MSE 41 N ? ? A GLY 37 A MSE 38 1_555 ? ? ? ? ? ? ? 1.342 ? ? 
covale3 covale both ? A MSE 41 C ? ? ? 1_555 A GLU 42 N ? ? A MSE 38 A GLU 39 1_555 ? ? ? ? ? ? ? 1.334 ? ? 
# 
_struct_conn_type.id          covale 
_struct_conn_type.criteria    ? 
_struct_conn_type.reference   ? 
# 
loop_
_pdbx_modification_feature.ordinal 
_pdbx_modification_feature.label_comp_id 
_pdbx_modification_feature.label_asym_id 
_pdbx_modification_feature.label_seq_id 
_pdbx_modification_feature.label_alt_id 
_pdbx_modification_feature.modified_residue_label_comp_id 
_pdbx_modification_feature.modified_residue_label_asym_id 
_pdbx_modification_feature.modified_residue_label_seq_id 
_pdbx_modification_feature.modified_residue_label_alt_id 
_pdbx_modification_feature.auth_comp_id 
_pdbx_modification_feature.auth_asym_id 
_pdbx_modification_feature.auth_seq_id 
_pdbx_modification_feature.PDB_ins_code 
_pdbx_modification_feature.symmetry 
_pdbx_modification_feature.modified_residue_auth_comp_id 
_pdbx_modification_feature.modified_residue_auth_asym_id 
_pdbx_modification_feature.modified_residue_auth_seq_id 
_pdbx_modification_feature.modified_residue_PDB_ins_code 
_pdbx_modification_feature.modified_residue_symmetry 
_pdbx_modification_feature.comp_id_linking_atom 
_pdbx_modification_feature.modified_residue_id_linking_atom 
_pdbx_modification_feature.modified_residue_id 
_pdbx_modification_feature.ref_pcm_id 
_pdbx_modification_feature.ref_comp_id 
_pdbx_modification_feature.type 
_pdbx_modification_feature.category 
1 MSE A 7  ? . . . . MSE A 4  ? 1_555 . . . . . . . MET 1 MSE Selenomethionine 'Named protein modification' 
2 MSE A 41 ? . . . . MSE A 38 ? 1_555 . . . . . . . MET 1 MSE Selenomethionine 'Named protein modification' 
# 
_struct_mon_prot_cis.pdbx_id                1 
_struct_mon_prot_cis.label_comp_id          TYR 
_struct_mon_prot_cis.label_seq_id           83 
_struct_mon_prot_cis.label_asym_id          A 
_struct_mon_prot_cis.label_alt_id           . 
_struct_mon_prot_cis.pdbx_PDB_ins_code      ? 
_struct_mon_prot_cis.auth_comp_id           TYR 
_struct_mon_prot_cis.auth_seq_id            80 
_struct_mon_prot_cis.auth_asym_id           A 
_struct_mon_prot_cis.pdbx_label_comp_id_2   PRO 
_struct_mon_prot_cis.pdbx_label_seq_id_2    84 
_struct_mon_prot_cis.pdbx_label_asym_id_2   A 
_struct_mon_prot_cis.pdbx_PDB_ins_code_2    ? 
_struct_mon_prot_cis.pdbx_auth_comp_id_2    PRO 
_struct_mon_prot_cis.pdbx_auth_seq_id_2     81 
_struct_mon_prot_cis.pdbx_auth_asym_id_2    A 
_struct_mon_prot_cis.pdbx_PDB_model_num     1 
_struct_mon_prot_cis.pdbx_omega_angle       4.91 
# 
_struct_sheet.id               A 
_struct_sheet.type             ? 
_struct_sheet.number_strands   7 
_struct_sheet.details          ? 
# 
loop_
_struct_sheet_order.sheet_id 
_struct_sheet_order.range_id_1 
_struct_sheet_order.range_id_2 
_struct_sheet_order.offset 
_struct_sheet_order.sense 
A 1 2 ? anti-parallel 
A 2 3 ? anti-parallel 
A 3 4 ? anti-parallel 
A 4 5 ? parallel      
A 5 6 ? anti-parallel 
A 6 7 ? anti-parallel 
# 
loop_
_struct_sheet_range.sheet_id 
_struct_sheet_range.id 
_struct_sheet_range.beg_label_comp_id 
_struct_sheet_range.beg_label_asym_id 
_struct_sheet_range.beg_label_seq_id 
_struct_sheet_range.pdbx_beg_PDB_ins_code 
_struct_sheet_range.end_label_comp_id 
_struct_sheet_range.end_label_asym_id 
_struct_sheet_range.end_label_seq_id 
_struct_sheet_range.pdbx_end_PDB_ins_code 
_struct_sheet_range.beg_auth_comp_id 
_struct_sheet_range.beg_auth_asym_id 
_struct_sheet_range.beg_auth_seq_id 
_struct_sheet_range.end_auth_comp_id 
_struct_sheet_range.end_auth_asym_id 
_struct_sheet_range.end_auth_seq_id 
A 1 ASP A 13  ? PRO A 16  ? ASP A 10  PRO A 13  
A 2 ARG A 62  ? LEU A 69  ? ARG A 59  LEU A 66  
A 3 GLU A 72  ? LEU A 81  ? GLU A 69  LEU A 78  
A 4 ALA A 89  ? ILE A 96  ? ALA A 86  ILE A 93  
A 5 ARG A 122 ? TYR A 128 ? ARG A 119 TYR A 125 
A 6 LEU A 153 ? PRO A 159 ? LEU A 150 PRO A 156 
A 7 ARG A 144 ? ASP A 148 ? ARG A 141 ASP A 145 
# 
loop_
_pdbx_struct_sheet_hbond.sheet_id 
_pdbx_struct_sheet_hbond.range_id_1 
_pdbx_struct_sheet_hbond.range_id_2 
_pdbx_struct_sheet_hbond.range_1_label_atom_id 
_pdbx_struct_sheet_hbond.range_1_label_comp_id 
_pdbx_struct_sheet_hbond.range_1_label_asym_id 
_pdbx_struct_sheet_hbond.range_1_label_seq_id 
_pdbx_struct_sheet_hbond.range_1_PDB_ins_code 
_pdbx_struct_sheet_hbond.range_1_auth_atom_id 
_pdbx_struct_sheet_hbond.range_1_auth_comp_id 
_pdbx_struct_sheet_hbond.range_1_auth_asym_id 
_pdbx_struct_sheet_hbond.range_1_auth_seq_id 
_pdbx_struct_sheet_hbond.range_2_label_atom_id 
_pdbx_struct_sheet_hbond.range_2_label_comp_id 
_pdbx_struct_sheet_hbond.range_2_label_asym_id 
_pdbx_struct_sheet_hbond.range_2_label_seq_id 
_pdbx_struct_sheet_hbond.range_2_PDB_ins_code 
_pdbx_struct_sheet_hbond.range_2_auth_atom_id 
_pdbx_struct_sheet_hbond.range_2_auth_comp_id 
_pdbx_struct_sheet_hbond.range_2_auth_asym_id 
_pdbx_struct_sheet_hbond.range_2_auth_seq_id 
A 1 2 N ALA A 15  ? N ALA A 12  O LEU A 66  ? O LEU A 63  
A 2 3 N LEU A 67  ? N LEU A 64  O VAL A 74  ? O VAL A 71  
A 3 4 N ASP A 78  ? N ASP A 75  O LEU A 93  ? O LEU A 90  
A 4 5 N ALA A 89  ? N ALA A 86  O TYR A 124 ? O TYR A 121 
A 5 6 N VAL A 127 ? N VAL A 124 O THR A 154 ? O THR A 151 
A 6 7 O TRP A 155 ? O TRP A 152 N LYS A 147 ? N LYS A 144 
# 
loop_
_struct_site.id 
_struct_site.pdbx_evidence_code 
_struct_site.pdbx_auth_asym_id 
_struct_site.pdbx_auth_comp_id 
_struct_site.pdbx_auth_seq_id 
_struct_site.pdbx_auth_ins_code 
_struct_site.pdbx_num_residues 
_struct_site.details 
AC1 Software A CL 159 ? 3  'BINDING SITE FOR RESIDUE CL A 159'  
AC2 Software ? ?  ?   ? 19 'BINDING SITE FOR RESIDUE ACO A1001' 
# 
loop_
_struct_site_gen.id 
_struct_site_gen.site_id 
_struct_site_gen.pdbx_num_res 
_struct_site_gen.label_comp_id 
_struct_site_gen.label_asym_id 
_struct_site_gen.label_seq_id 
_struct_site_gen.pdbx_auth_ins_code 
_struct_site_gen.auth_comp_id 
_struct_site_gen.auth_asym_id 
_struct_site_gen.auth_seq_id 
_struct_site_gen.label_atom_id 
_struct_site_gen.label_alt_id 
_struct_site_gen.symmetry 
_struct_site_gen.details 
1  AC1 3  LEU A 10  ? LEU A 7   . ? 1_555 ? 
2  AC1 3  THR A 11  ? THR A 8   . ? 1_555 ? 
3  AC1 3  LYS A 80  ? LYS A 77  . ? 1_655 ? 
4  AC2 19 TYR A 35  ? TYR A 32  . ? 1_555 ? 
5  AC2 19 LEU A 93  ? LEU A 90  . ? 1_555 ? 
6  AC2 19 LEU A 94  ? LEU A 91  . ? 1_555 ? 
7  AC2 19 LEU A 95  ? LEU A 92  . ? 1_555 ? 
8  AC2 19 ILE A 96  ? ILE A 93  . ? 1_555 ? 
9  AC2 19 GLN A 101 ? GLN A 98  . ? 1_555 ? 
10 AC2 19 GLY A 102 ? GLY A 99  . ? 1_555 ? 
11 AC2 19 ARG A 103 ? ARG A 100 . ? 1_555 ? 
12 AC2 19 GLY A 104 ? GLY A 101 . ? 1_555 ? 
13 AC2 19 LEU A 105 ? LEU A 102 . ? 1_555 ? 
14 AC2 19 GLY A 106 ? GLY A 103 . ? 1_555 ? 
15 AC2 19 ARG A 107 ? ARG A 104 . ? 1_555 ? 
16 AC2 19 VAL A 126 ? VAL A 123 . ? 1_555 ? 
17 AC2 19 ASN A 131 ? ASN A 128 . ? 1_555 ? 
18 AC2 19 LYS A 133 ? LYS A 130 . ? 1_555 ? 
19 AC2 19 PHE A 137 ? PHE A 134 . ? 1_555 ? 
20 AC2 19 PHE A 138 ? PHE A 135 . ? 1_555 ? 
21 AC2 19 HOH D .   ? HOH A 173 . ? 1_555 ? 
22 AC2 19 HOH D .   ? HOH A 235 . ? 1_555 ? 
# 
_pdbx_entry_details.entry_id                   3EXN 
_pdbx_entry_details.compound_details           ? 
_pdbx_entry_details.source_details             ? 
_pdbx_entry_details.nonpolymer_details         ? 
_pdbx_entry_details.sequence_details           ? 
_pdbx_entry_details.has_ligand_of_interest     ? 
_pdbx_entry_details.has_protein_modification   Y 
# 
_pdbx_SG_project.id                    1 
_pdbx_SG_project.project_name          'PSI, Protein Structure Initiative' 
_pdbx_SG_project.full_name_of_center   'Midwest Center for Structural Genomics' 
_pdbx_SG_project.initial_of_center     MCSG 
# 
loop_
_pdbx_struct_mod_residue.id 
_pdbx_struct_mod_residue.label_asym_id 
_pdbx_struct_mod_residue.label_comp_id 
_pdbx_struct_mod_residue.label_seq_id 
_pdbx_struct_mod_residue.auth_asym_id 
_pdbx_struct_mod_residue.auth_comp_id 
_pdbx_struct_mod_residue.auth_seq_id 
_pdbx_struct_mod_residue.PDB_ins_code 
_pdbx_struct_mod_residue.parent_comp_id 
_pdbx_struct_mod_residue.details 
1 A MSE 7  A MSE 4  ? MET SELENOMETHIONINE 
2 A MSE 41 A MSE 38 ? MET SELENOMETHIONINE 
# 
loop_
_pdbx_refine_tls.pdbx_refine_id 
_pdbx_refine_tls.id 
_pdbx_refine_tls.details 
_pdbx_refine_tls.method 
_pdbx_refine_tls.origin_x 
_pdbx_refine_tls.origin_y 
_pdbx_refine_tls.origin_z 
_pdbx_refine_tls.T[1][1] 
_pdbx_refine_tls.T[2][2] 
_pdbx_refine_tls.T[3][3] 
_pdbx_refine_tls.T[1][2] 
_pdbx_refine_tls.T[1][3] 
_pdbx_refine_tls.T[2][3] 
_pdbx_refine_tls.L[1][1] 
_pdbx_refine_tls.L[2][2] 
_pdbx_refine_tls.L[3][3] 
_pdbx_refine_tls.L[1][2] 
_pdbx_refine_tls.L[1][3] 
_pdbx_refine_tls.L[2][3] 
_pdbx_refine_tls.S[1][1] 
_pdbx_refine_tls.S[1][2] 
_pdbx_refine_tls.S[1][3] 
_pdbx_refine_tls.S[2][1] 
_pdbx_refine_tls.S[2][2] 
_pdbx_refine_tls.S[2][3] 
_pdbx_refine_tls.S[3][1] 
_pdbx_refine_tls.S[3][2] 
_pdbx_refine_tls.S[3][3] 
'X-RAY DIFFRACTION' 1  ? refined -11.9757 7.0611   -12.2642 0.2146 0.2068 0.2083 0.0059  -0.0070 -0.0147 4.0829  2.0874  6.3998  -0.2677 3.2964  -2.9767 0.1869  0.0024  -0.1493 0.2713  -0.0634 -0.0409 -0.2729 0.1541  -0.1233 
'X-RAY DIFFRACTION' 2  ? refined -11.9505 -4.4670  1.4748   0.1685 0.1892 0.2622 0.0317  0.0210  0.0246  1.5211  6.4787  3.6729  2.7534  -1.0431 -3.7300 0.0258  -0.0230 0.0656  0.1950  0.2042  0.5251  -0.2006 -0.3192 -0.2300 
'X-RAY DIFFRACTION' 3  ? refined -6.0224  -10.4693 -5.4783  0.1781 0.1856 0.1827 -0.0026 -0.0018 -0.0166 7.3078  2.3112  5.7407  -0.5047 -3.2445 -1.4042 0.0417  0.4649  -0.0869 -0.1864 0.0419  0.2060  0.0905  -0.1830 -0.0836 
'X-RAY DIFFRACTION' 4  ? refined 4.6760   -8.3437  -8.7164  0.1894 0.2078 0.2351 0.0316  0.0221  0.0004  6.6846  0.9038  0.6222  -1.4427 -0.7021 -0.3242 -0.1260 -0.0521 0.4148  -0.0524 0.0052  -0.0619 0.1297  -0.0081 0.1207  
'X-RAY DIFFRACTION' 5  ? refined 8.0973   -12.8146 -4.6626  0.2379 0.2268 0.2047 0.0331  0.0385  0.0059  17.2599 10.3288 3.6513  11.3088 4.9605  3.1796  0.0750  -0.5833 -0.2063 0.3656  -0.1354 -0.0442 0.2572  -0.0195 0.0604  
'X-RAY DIFFRACTION' 6  ? refined -2.1033  -16.9527 -0.3274  0.1869 0.1742 0.2092 0.0154  0.0046  0.0023  9.2313  4.8867  13.9109 -1.2190 -0.4514 2.0988  0.0757  -0.2119 -0.5686 0.0068  -0.0700 -0.2109 0.5771  0.3316  -0.0057 
'X-RAY DIFFRACTION' 7  ? refined -5.2455  -11.2325 8.7291   0.1898 0.2223 0.1934 0.0277  0.0070  0.0448  2.3440  6.7711  6.8418  3.3601  1.0268  3.9067  0.0249  -0.1566 -0.2805 0.3106  0.0549  -0.1089 0.2587  0.0805  -0.0799 
'X-RAY DIFFRACTION' 8  ? refined -4.8217  -0.8051  12.3191  0.1958 0.2144 0.1978 -0.0063 -0.0039 -0.0063 8.3243  7.3353  9.6339  -2.6914 -6.7647 -2.4184 -0.0185 -0.7194 0.0520  0.5630  0.1705  -0.0127 -0.2815 0.3771  -0.1518 
'X-RAY DIFFRACTION' 9  ? refined -10.8000 -0.9270  -5.1453  0.1581 0.2007 0.2213 0.0152  -0.0092 0.0405  5.0718  2.8351  4.6804  -1.0373 0.9455  -1.2610 0.1681  0.2251  -0.0591 -0.0470 0.1496  0.4065  -0.0824 -0.4131 -0.3177 
'X-RAY DIFFRACTION' 10 ? refined -0.4728  0.9204   6.7979   0.1969 0.1832 0.1676 0.0113  0.0086  0.0007  3.4108  1.2851  5.3731  0.1291  2.3087  0.8950  -0.1023 -0.2434 0.0672  0.1937  0.0840  0.0873  -0.0249 0.0815  0.0182  
'X-RAY DIFFRACTION' 11 ? refined 0.5078   1.2693   -2.9706  0.1799 0.1654 0.1721 -0.0053 0.0043  0.0000  1.7472  1.3617  9.9174  -0.5375 0.4170  1.2594  0.0508  0.0403  0.0610  -0.0793 -0.0375 -0.0703 -0.2233 0.0499  -0.0133 
'X-RAY DIFFRACTION' 12 ? refined -3.1830  8.4615   -9.0215  0.1873 0.1838 0.2062 0.0189  0.0070  0.0345  11.7549 8.6953  12.0604 -4.3096 -5.2857 -3.8133 -0.0840 0.4632  0.2926  -0.4092 -0.1157 0.0035  -0.1877 -0.0998 0.1997  
'X-RAY DIFFRACTION' 13 ? refined -5.4119  9.8679   1.6156   0.1839 0.1609 0.1993 -0.0022 0.0061  -0.0009 3.4264  5.5770  19.1008 -1.7503 -1.5646 1.2777  0.0051  0.0114  0.2969  -0.1233 0.0188  0.1852  -0.4348 -0.2246 -0.0239 
'X-RAY DIFFRACTION' 14 ? refined 0.8091   12.0659  12.0510  0.3078 0.3209 0.2830 0.0305  -0.0318 -0.1056 11.0852 5.9651  9.3571  -1.7449 -3.6693 -0.8637 -0.0142 -0.9794 0.8463  0.5307  0.0580  -0.2195 -0.4827 0.1819  -0.0437 
'X-RAY DIFFRACTION' 15 ? refined 10.8184  1.0939   2.1633   0.1983 0.2095 0.2279 -0.0322 -0.0071 -0.0133 4.6249  7.2606  11.0511 -5.1317 -4.9878 5.5549  -0.2071 -0.0053 -0.3299 -0.0507 0.0889  -0.0520 0.4660  0.5659  0.1182  
'X-RAY DIFFRACTION' 16 ? refined 10.6817  4.4715   -6.0890  0.2597 0.1990 0.2346 -0.0329 0.0343  -0.0205 9.5423  9.9991  1.9622  -6.7967 -2.7875 1.3897  -0.0333 0.5492  -0.4232 -0.6537 -0.0374 -0.0637 -0.0279 -0.1006 0.0708  
'X-RAY DIFFRACTION' 17 ? refined 8.4982   11.3843  -0.4148  0.2025 0.1427 0.2138 -0.0343 -0.0046 0.0036  2.4243  7.5900  5.5016  1.4165  0.6309  -0.6130 -0.0432 -0.0430 0.1290  0.0834  -0.0090 -0.2072 -0.0757 -0.2992 0.0523  
'X-RAY DIFFRACTION' 18 ? refined 17.2556  5.4034   6.3682   0.5828 0.4631 0.4168 0.2469  -0.0822 0.1426  10.2616 10.6706 0.8441  10.4317 2.9223  2.9888  0.1147  -0.0045 -0.8923 0.2836  0.1050  -0.9679 0.0818  0.0714  -0.2198 
'X-RAY DIFFRACTION' 19 ? refined 14.6318  -0.3105  4.9350   0.3188 0.2669 0.3786 0.0520  0.0706  0.0714  3.1427  18.4547 7.9951  -2.4806 2.9089  -0.4322 -0.1037 -0.0002 -0.5181 0.2583  0.1017  -0.2758 0.5969  0.3975  0.0021  
'X-RAY DIFFRACTION' 20 ? refined 6.2790   12.1387  5.3230   0.1641 0.1019 0.1829 -0.0351 0.0026  -0.0332 5.3739  0.7673  7.2455  1.9775  -3.4415 -0.8655 0.0633  0.0810  0.5041  0.0263  -0.0265 0.2253  -0.3675 -0.4255 -0.0368 
# 
loop_
_pdbx_refine_tls_group.id 
_pdbx_refine_tls_group.refine_tls_id 
_pdbx_refine_tls_group.beg_auth_asym_id 
_pdbx_refine_tls_group.beg_auth_seq_id 
_pdbx_refine_tls_group.end_auth_asym_id 
_pdbx_refine_tls_group.end_auth_seq_id 
_pdbx_refine_tls_group.selection 
_pdbx_refine_tls_group.beg_label_asym_id 
_pdbx_refine_tls_group.beg_label_seq_id 
_pdbx_refine_tls_group.end_label_asym_id 
_pdbx_refine_tls_group.end_label_seq_id 
_pdbx_refine_tls_group.pdbx_refine_id 
_pdbx_refine_tls_group.selection_details 
1  1  A 4   A 9   ? . . . . 'X-RAY DIFFRACTION' ? 
2  2  A 10  A 18  ? . . . . 'X-RAY DIFFRACTION' ? 
3  3  A 19  A 26  ? . . . . 'X-RAY DIFFRACTION' ? 
4  4  A 27  A 35  ? . . . . 'X-RAY DIFFRACTION' ? 
5  5  A 36  A 40  ? . . . . 'X-RAY DIFFRACTION' ? 
6  6  A 41  A 46  ? . . . . 'X-RAY DIFFRACTION' ? 
7  7  A 47  A 56  ? . . . . 'X-RAY DIFFRACTION' ? 
8  8  A 57  A 60  ? . . . . 'X-RAY DIFFRACTION' ? 
9  9  A 61  A 69  ? . . . . 'X-RAY DIFFRACTION' ? 
10 10 A 70  A 83  ? . . . . 'X-RAY DIFFRACTION' ? 
11 11 A 84  A 99  ? . . . . 'X-RAY DIFFRACTION' ? 
12 12 A 100 A 105 ? . . . . 'X-RAY DIFFRACTION' ? 
13 13 A 106 A 114 ? . . . . 'X-RAY DIFFRACTION' ? 
14 14 A 115 A 120 ? . . . . 'X-RAY DIFFRACTION' ? 
15 15 A 121 A 127 ? . . . . 'X-RAY DIFFRACTION' ? 
16 16 A 128 A 134 ? . . . . 'X-RAY DIFFRACTION' ? 
17 17 A 135 A 141 ? . . . . 'X-RAY DIFFRACTION' ? 
18 18 A 142 A 147 ? . . . . 'X-RAY DIFFRACTION' ? 
19 19 A 148 A 152 ? . . . . 'X-RAY DIFFRACTION' ? 
20 20 A 153 A 157 ? . . . . 'X-RAY DIFFRACTION' ? 
# 
loop_
_pdbx_unobs_or_zero_occ_residues.id 
_pdbx_unobs_or_zero_occ_residues.PDB_model_num 
_pdbx_unobs_or_zero_occ_residues.polymer_flag 
_pdbx_unobs_or_zero_occ_residues.occupancy_flag 
_pdbx_unobs_or_zero_occ_residues.auth_asym_id 
_pdbx_unobs_or_zero_occ_residues.auth_comp_id 
_pdbx_unobs_or_zero_occ_residues.auth_seq_id 
_pdbx_unobs_or_zero_occ_residues.PDB_ins_code 
_pdbx_unobs_or_zero_occ_residues.label_asym_id 
_pdbx_unobs_or_zero_occ_residues.label_comp_id 
_pdbx_unobs_or_zero_occ_residues.label_seq_id 
1 1 Y 1 A SER -2 ? A SER 1 
2 1 Y 1 A ASN -1 ? A ASN 2 
3 1 Y 1 A ALA 0  ? A ALA 3 
4 1 Y 1 A MSE 1  ? A MSE 4 
5 1 Y 1 A GLY 2  ? A GLY 5 
6 1 Y 1 A ALA 3  ? A ALA 6 
# 
loop_
_chem_comp_atom.comp_id 
_chem_comp_atom.atom_id 
_chem_comp_atom.type_symbol 
_chem_comp_atom.pdbx_aromatic_flag 
_chem_comp_atom.pdbx_stereo_config 
_chem_comp_atom.pdbx_ordinal 
ACO N1A  N  Y N 1   
ACO C2A  C  Y N 2   
ACO N3A  N  Y N 3   
ACO C4A  C  Y N 4   
ACO C5A  C  Y N 5   
ACO C6A  C  Y N 6   
ACO N6A  N  N N 7   
ACO N7A  N  Y N 8   
ACO C8A  C  Y N 9   
ACO N9A  N  Y N 10  
ACO C1B  C  N R 11  
ACO C2B  C  N R 12  
ACO O2B  O  N N 13  
ACO C3B  C  N S 14  
ACO O3B  O  N N 15  
ACO P3B  P  N N 16  
ACO O7A  O  N N 17  
ACO O8A  O  N N 18  
ACO O9A  O  N N 19  
ACO C4B  C  N R 20  
ACO O4B  O  N N 21  
ACO C5B  C  N N 22  
ACO O5B  O  N N 23  
ACO P1A  P  N S 24  
ACO O1A  O  N N 25  
ACO O2A  O  N N 26  
ACO O3A  O  N N 27  
ACO P2A  P  N S 28  
ACO O4A  O  N N 29  
ACO O5A  O  N N 30  
ACO O6A  O  N N 31  
ACO CBP  C  N N 32  
ACO CCP  C  N N 33  
ACO CDP  C  N N 34  
ACO CEP  C  N N 35  
ACO CAP  C  N R 36  
ACO OAP  O  N N 37  
ACO C9P  C  N N 38  
ACO O9P  O  N N 39  
ACO N8P  N  N N 40  
ACO C7P  C  N N 41  
ACO C6P  C  N N 42  
ACO C5P  C  N N 43  
ACO O5P  O  N N 44  
ACO N4P  N  N N 45  
ACO C3P  C  N N 46  
ACO C2P  C  N N 47  
ACO S1P  S  N N 48  
ACO C    C  N N 49  
ACO O    O  N N 50  
ACO CH3  C  N N 51  
ACO H2A  H  N N 52  
ACO H61A H  N N 53  
ACO H62A H  N N 54  
ACO H8A  H  N N 55  
ACO H1B  H  N N 56  
ACO H2B  H  N N 57  
ACO HO2A H  N N 58  
ACO H3B  H  N N 59  
ACO HOA8 H  N N 60  
ACO HOA9 H  N N 61  
ACO H4B  H  N N 62  
ACO H51A H  N N 63  
ACO H52A H  N N 64  
ACO HOA2 H  N N 65  
ACO HOA5 H  N N 66  
ACO H121 H  N N 67  
ACO H122 H  N N 68  
ACO H131 H  N N 69  
ACO H132 H  N N 70  
ACO H133 H  N N 71  
ACO H141 H  N N 72  
ACO H142 H  N N 73  
ACO H143 H  N N 74  
ACO H10  H  N N 75  
ACO HO1  H  N N 76  
ACO HN8  H  N N 77  
ACO H71  H  N N 78  
ACO H72  H  N N 79  
ACO H61  H  N N 80  
ACO H62  H  N N 81  
ACO HN4  H  N N 82  
ACO H31  H  N N 83  
ACO H32  H  N N 84  
ACO H21  H  N N 85  
ACO H22  H  N N 86  
ACO HH31 H  N N 87  
ACO HH32 H  N N 88  
ACO HH33 H  N N 89  
ALA N    N  N N 90  
ALA CA   C  N S 91  
ALA C    C  N N 92  
ALA O    O  N N 93  
ALA CB   C  N N 94  
ALA OXT  O  N N 95  
ALA H    H  N N 96  
ALA H2   H  N N 97  
ALA HA   H  N N 98  
ALA HB1  H  N N 99  
ALA HB2  H  N N 100 
ALA HB3  H  N N 101 
ALA HXT  H  N N 102 
ARG N    N  N N 103 
ARG CA   C  N S 104 
ARG C    C  N N 105 
ARG O    O  N N 106 
ARG CB   C  N N 107 
ARG CG   C  N N 108 
ARG CD   C  N N 109 
ARG NE   N  N N 110 
ARG CZ   C  N N 111 
ARG NH1  N  N N 112 
ARG NH2  N  N N 113 
ARG OXT  O  N N 114 
ARG H    H  N N 115 
ARG H2   H  N N 116 
ARG HA   H  N N 117 
ARG HB2  H  N N 118 
ARG HB3  H  N N 119 
ARG HG2  H  N N 120 
ARG HG3  H  N N 121 
ARG HD2  H  N N 122 
ARG HD3  H  N N 123 
ARG HE   H  N N 124 
ARG HH11 H  N N 125 
ARG HH12 H  N N 126 
ARG HH21 H  N N 127 
ARG HH22 H  N N 128 
ARG HXT  H  N N 129 
ASN N    N  N N 130 
ASN CA   C  N S 131 
ASN C    C  N N 132 
ASN O    O  N N 133 
ASN CB   C  N N 134 
ASN CG   C  N N 135 
ASN OD1  O  N N 136 
ASN ND2  N  N N 137 
ASN OXT  O  N N 138 
ASN H    H  N N 139 
ASN H2   H  N N 140 
ASN HA   H  N N 141 
ASN HB2  H  N N 142 
ASN HB3  H  N N 143 
ASN HD21 H  N N 144 
ASN HD22 H  N N 145 
ASN HXT  H  N N 146 
ASP N    N  N N 147 
ASP CA   C  N S 148 
ASP C    C  N N 149 
ASP O    O  N N 150 
ASP CB   C  N N 151 
ASP CG   C  N N 152 
ASP OD1  O  N N 153 
ASP OD2  O  N N 154 
ASP OXT  O  N N 155 
ASP H    H  N N 156 
ASP H2   H  N N 157 
ASP HA   H  N N 158 
ASP HB2  H  N N 159 
ASP HB3  H  N N 160 
ASP HD2  H  N N 161 
ASP HXT  H  N N 162 
CL  CL   CL N N 163 
GLN N    N  N N 164 
GLN CA   C  N S 165 
GLN C    C  N N 166 
GLN O    O  N N 167 
GLN CB   C  N N 168 
GLN CG   C  N N 169 
GLN CD   C  N N 170 
GLN OE1  O  N N 171 
GLN NE2  N  N N 172 
GLN OXT  O  N N 173 
GLN H    H  N N 174 
GLN H2   H  N N 175 
GLN HA   H  N N 176 
GLN HB2  H  N N 177 
GLN HB3  H  N N 178 
GLN HG2  H  N N 179 
GLN HG3  H  N N 180 
GLN HE21 H  N N 181 
GLN HE22 H  N N 182 
GLN HXT  H  N N 183 
GLU N    N  N N 184 
GLU CA   C  N S 185 
GLU C    C  N N 186 
GLU O    O  N N 187 
GLU CB   C  N N 188 
GLU CG   C  N N 189 
GLU CD   C  N N 190 
GLU OE1  O  N N 191 
GLU OE2  O  N N 192 
GLU OXT  O  N N 193 
GLU H    H  N N 194 
GLU H2   H  N N 195 
GLU HA   H  N N 196 
GLU HB2  H  N N 197 
GLU HB3  H  N N 198 
GLU HG2  H  N N 199 
GLU HG3  H  N N 200 
GLU HE2  H  N N 201 
GLU HXT  H  N N 202 
GLY N    N  N N 203 
GLY CA   C  N N 204 
GLY C    C  N N 205 
GLY O    O  N N 206 
GLY OXT  O  N N 207 
GLY H    H  N N 208 
GLY H2   H  N N 209 
GLY HA2  H  N N 210 
GLY HA3  H  N N 211 
GLY HXT  H  N N 212 
HIS N    N  N N 213 
HIS CA   C  N S 214 
HIS C    C  N N 215 
HIS O    O  N N 216 
HIS CB   C  N N 217 
HIS CG   C  Y N 218 
HIS ND1  N  Y N 219 
HIS CD2  C  Y N 220 
HIS CE1  C  Y N 221 
HIS NE2  N  Y N 222 
HIS OXT  O  N N 223 
HIS H    H  N N 224 
HIS H2   H  N N 225 
HIS HA   H  N N 226 
HIS HB2  H  N N 227 
HIS HB3  H  N N 228 
HIS HD1  H  N N 229 
HIS HD2  H  N N 230 
HIS HE1  H  N N 231 
HIS HE2  H  N N 232 
HIS HXT  H  N N 233 
HOH O    O  N N 234 
HOH H1   H  N N 235 
HOH H2   H  N N 236 
ILE N    N  N N 237 
ILE CA   C  N S 238 
ILE C    C  N N 239 
ILE O    O  N N 240 
ILE CB   C  N S 241 
ILE CG1  C  N N 242 
ILE CG2  C  N N 243 
ILE CD1  C  N N 244 
ILE OXT  O  N N 245 
ILE H    H  N N 246 
ILE H2   H  N N 247 
ILE HA   H  N N 248 
ILE HB   H  N N 249 
ILE HG12 H  N N 250 
ILE HG13 H  N N 251 
ILE HG21 H  N N 252 
ILE HG22 H  N N 253 
ILE HG23 H  N N 254 
ILE HD11 H  N N 255 
ILE HD12 H  N N 256 
ILE HD13 H  N N 257 
ILE HXT  H  N N 258 
LEU N    N  N N 259 
LEU CA   C  N S 260 
LEU C    C  N N 261 
LEU O    O  N N 262 
LEU CB   C  N N 263 
LEU CG   C  N N 264 
LEU CD1  C  N N 265 
LEU CD2  C  N N 266 
LEU OXT  O  N N 267 
LEU H    H  N N 268 
LEU H2   H  N N 269 
LEU HA   H  N N 270 
LEU HB2  H  N N 271 
LEU HB3  H  N N 272 
LEU HG   H  N N 273 
LEU HD11 H  N N 274 
LEU HD12 H  N N 275 
LEU HD13 H  N N 276 
LEU HD21 H  N N 277 
LEU HD22 H  N N 278 
LEU HD23 H  N N 279 
LEU HXT  H  N N 280 
LYS N    N  N N 281 
LYS CA   C  N S 282 
LYS C    C  N N 283 
LYS O    O  N N 284 
LYS CB   C  N N 285 
LYS CG   C  N N 286 
LYS CD   C  N N 287 
LYS CE   C  N N 288 
LYS NZ   N  N N 289 
LYS OXT  O  N N 290 
LYS H    H  N N 291 
LYS H2   H  N N 292 
LYS HA   H  N N 293 
LYS HB2  H  N N 294 
LYS HB3  H  N N 295 
LYS HG2  H  N N 296 
LYS HG3  H  N N 297 
LYS HD2  H  N N 298 
LYS HD3  H  N N 299 
LYS HE2  H  N N 300 
LYS HE3  H  N N 301 
LYS HZ1  H  N N 302 
LYS HZ2  H  N N 303 
LYS HZ3  H  N N 304 
LYS HXT  H  N N 305 
MSE N    N  N N 306 
MSE CA   C  N S 307 
MSE C    C  N N 308 
MSE O    O  N N 309 
MSE OXT  O  N N 310 
MSE CB   C  N N 311 
MSE CG   C  N N 312 
MSE SE   SE N N 313 
MSE CE   C  N N 314 
MSE H    H  N N 315 
MSE H2   H  N N 316 
MSE HA   H  N N 317 
MSE HXT  H  N N 318 
MSE HB2  H  N N 319 
MSE HB3  H  N N 320 
MSE HG2  H  N N 321 
MSE HG3  H  N N 322 
MSE HE1  H  N N 323 
MSE HE2  H  N N 324 
MSE HE3  H  N N 325 
PHE N    N  N N 326 
PHE CA   C  N S 327 
PHE C    C  N N 328 
PHE O    O  N N 329 
PHE CB   C  N N 330 
PHE CG   C  Y N 331 
PHE CD1  C  Y N 332 
PHE CD2  C  Y N 333 
PHE CE1  C  Y N 334 
PHE CE2  C  Y N 335 
PHE CZ   C  Y N 336 
PHE OXT  O  N N 337 
PHE H    H  N N 338 
PHE H2   H  N N 339 
PHE HA   H  N N 340 
PHE HB2  H  N N 341 
PHE HB3  H  N N 342 
PHE HD1  H  N N 343 
PHE HD2  H  N N 344 
PHE HE1  H  N N 345 
PHE HE2  H  N N 346 
PHE HZ   H  N N 347 
PHE HXT  H  N N 348 
PRO N    N  N N 349 
PRO CA   C  N S 350 
PRO C    C  N N 351 
PRO O    O  N N 352 
PRO CB   C  N N 353 
PRO CG   C  N N 354 
PRO CD   C  N N 355 
PRO OXT  O  N N 356 
PRO H    H  N N 357 
PRO HA   H  N N 358 
PRO HB2  H  N N 359 
PRO HB3  H  N N 360 
PRO HG2  H  N N 361 
PRO HG3  H  N N 362 
PRO HD2  H  N N 363 
PRO HD3  H  N N 364 
PRO HXT  H  N N 365 
SER N    N  N N 366 
SER CA   C  N S 367 
SER C    C  N N 368 
SER O    O  N N 369 
SER CB   C  N N 370 
SER OG   O  N N 371 
SER OXT  O  N N 372 
SER H    H  N N 373 
SER H2   H  N N 374 
SER HA   H  N N 375 
SER HB2  H  N N 376 
SER HB3  H  N N 377 
SER HG   H  N N 378 
SER HXT  H  N N 379 
THR N    N  N N 380 
THR CA   C  N S 381 
THR C    C  N N 382 
THR O    O  N N 383 
THR CB   C  N R 384 
THR OG1  O  N N 385 
THR CG2  C  N N 386 
THR OXT  O  N N 387 
THR H    H  N N 388 
THR H2   H  N N 389 
THR HA   H  N N 390 
THR HB   H  N N 391 
THR HG1  H  N N 392 
THR HG21 H  N N 393 
THR HG22 H  N N 394 
THR HG23 H  N N 395 
THR HXT  H  N N 396 
TRP N    N  N N 397 
TRP CA   C  N S 398 
TRP C    C  N N 399 
TRP O    O  N N 400 
TRP CB   C  N N 401 
TRP CG   C  Y N 402 
TRP CD1  C  Y N 403 
TRP CD2  C  Y N 404 
TRP NE1  N  Y N 405 
TRP CE2  C  Y N 406 
TRP CE3  C  Y N 407 
TRP CZ2  C  Y N 408 
TRP CZ3  C  Y N 409 
TRP CH2  C  Y N 410 
TRP OXT  O  N N 411 
TRP H    H  N N 412 
TRP H2   H  N N 413 
TRP HA   H  N N 414 
TRP HB2  H  N N 415 
TRP HB3  H  N N 416 
TRP HD1  H  N N 417 
TRP HE1  H  N N 418 
TRP HE3  H  N N 419 
TRP HZ2  H  N N 420 
TRP HZ3  H  N N 421 
TRP HH2  H  N N 422 
TRP HXT  H  N N 423 
TYR N    N  N N 424 
TYR CA   C  N S 425 
TYR C    C  N N 426 
TYR O    O  N N 427 
TYR CB   C  N N 428 
TYR CG   C  Y N 429 
TYR CD1  C  Y N 430 
TYR CD2  C  Y N 431 
TYR CE1  C  Y N 432 
TYR CE2  C  Y N 433 
TYR CZ   C  Y N 434 
TYR OH   O  N N 435 
TYR OXT  O  N N 436 
TYR H    H  N N 437 
TYR H2   H  N N 438 
TYR HA   H  N N 439 
TYR HB2  H  N N 440 
TYR HB3  H  N N 441 
TYR HD1  H  N N 442 
TYR HD2  H  N N 443 
TYR HE1  H  N N 444 
TYR HE2  H  N N 445 
TYR HH   H  N N 446 
TYR HXT  H  N N 447 
VAL N    N  N N 448 
VAL CA   C  N S 449 
VAL C    C  N N 450 
VAL O    O  N N 451 
VAL CB   C  N N 452 
VAL CG1  C  N N 453 
VAL CG2  C  N N 454 
VAL OXT  O  N N 455 
VAL H    H  N N 456 
VAL H2   H  N N 457 
VAL HA   H  N N 458 
VAL HB   H  N N 459 
VAL HG11 H  N N 460 
VAL HG12 H  N N 461 
VAL HG13 H  N N 462 
VAL HG21 H  N N 463 
VAL HG22 H  N N 464 
VAL HG23 H  N N 465 
VAL HXT  H  N N 466 
# 
loop_
_chem_comp_bond.comp_id 
_chem_comp_bond.atom_id_1 
_chem_comp_bond.atom_id_2 
_chem_comp_bond.value_order 
_chem_comp_bond.pdbx_aromatic_flag 
_chem_comp_bond.pdbx_stereo_config 
_chem_comp_bond.pdbx_ordinal 
ACO N1A C2A  sing Y N 1   
ACO N1A C6A  doub Y N 2   
ACO C2A N3A  doub Y N 3   
ACO C2A H2A  sing N N 4   
ACO N3A C4A  sing Y N 5   
ACO C4A C5A  doub Y N 6   
ACO C4A N9A  sing Y N 7   
ACO C5A C6A  sing Y N 8   
ACO C5A N7A  sing Y N 9   
ACO C6A N6A  sing N N 10  
ACO N6A H61A sing N N 11  
ACO N6A H62A sing N N 12  
ACO N7A C8A  doub Y N 13  
ACO C8A N9A  sing Y N 14  
ACO C8A H8A  sing N N 15  
ACO N9A C1B  sing N N 16  
ACO C1B C2B  sing N N 17  
ACO C1B O4B  sing N N 18  
ACO C1B H1B  sing N N 19  
ACO C2B O2B  sing N N 20  
ACO C2B C3B  sing N N 21  
ACO C2B H2B  sing N N 22  
ACO O2B HO2A sing N N 23  
ACO C3B O3B  sing N N 24  
ACO C3B C4B  sing N N 25  
ACO C3B H3B  sing N N 26  
ACO O3B P3B  sing N N 27  
ACO P3B O7A  doub N N 28  
ACO P3B O8A  sing N N 29  
ACO P3B O9A  sing N N 30  
ACO O8A HOA8 sing N N 31  
ACO O9A HOA9 sing N N 32  
ACO C4B O4B  sing N N 33  
ACO C4B C5B  sing N N 34  
ACO C4B H4B  sing N N 35  
ACO C5B O5B  sing N N 36  
ACO C5B H51A sing N N 37  
ACO C5B H52A sing N N 38  
ACO O5B P1A  sing N N 39  
ACO P1A O1A  doub N N 40  
ACO P1A O2A  sing N N 41  
ACO P1A O3A  sing N N 42  
ACO O2A HOA2 sing N N 43  
ACO O3A P2A  sing N N 44  
ACO P2A O4A  doub N N 45  
ACO P2A O5A  sing N N 46  
ACO P2A O6A  sing N N 47  
ACO O5A HOA5 sing N N 48  
ACO O6A CCP  sing N N 49  
ACO CBP CCP  sing N N 50  
ACO CBP CDP  sing N N 51  
ACO CBP CEP  sing N N 52  
ACO CBP CAP  sing N N 53  
ACO CCP H121 sing N N 54  
ACO CCP H122 sing N N 55  
ACO CDP H131 sing N N 56  
ACO CDP H132 sing N N 57  
ACO CDP H133 sing N N 58  
ACO CEP H141 sing N N 59  
ACO CEP H142 sing N N 60  
ACO CEP H143 sing N N 61  
ACO CAP OAP  sing N N 62  
ACO CAP C9P  sing N N 63  
ACO CAP H10  sing N N 64  
ACO OAP HO1  sing N N 65  
ACO C9P O9P  doub N N 66  
ACO C9P N8P  sing N N 67  
ACO N8P C7P  sing N N 68  
ACO N8P HN8  sing N N 69  
ACO C7P C6P  sing N N 70  
ACO C7P H71  sing N N 71  
ACO C7P H72  sing N N 72  
ACO C6P C5P  sing N N 73  
ACO C6P H61  sing N N 74  
ACO C6P H62  sing N N 75  
ACO C5P O5P  doub N N 76  
ACO C5P N4P  sing N N 77  
ACO N4P C3P  sing N N 78  
ACO N4P HN4  sing N N 79  
ACO C3P C2P  sing N N 80  
ACO C3P H31  sing N N 81  
ACO C3P H32  sing N N 82  
ACO C2P S1P  sing N N 83  
ACO C2P H21  sing N N 84  
ACO C2P H22  sing N N 85  
ACO S1P C    sing N N 86  
ACO C   O    doub N N 87  
ACO C   CH3  sing N N 88  
ACO CH3 HH31 sing N N 89  
ACO CH3 HH32 sing N N 90  
ACO CH3 HH33 sing N N 91  
ALA N   CA   sing N N 92  
ALA N   H    sing N N 93  
ALA N   H2   sing N N 94  
ALA CA  C    sing N N 95  
ALA CA  CB   sing N N 96  
ALA CA  HA   sing N N 97  
ALA C   O    doub N N 98  
ALA C   OXT  sing N N 99  
ALA CB  HB1  sing N N 100 
ALA CB  HB2  sing N N 101 
ALA CB  HB3  sing N N 102 
ALA OXT HXT  sing N N 103 
ARG N   CA   sing N N 104 
ARG N   H    sing N N 105 
ARG N   H2   sing N N 106 
ARG CA  C    sing N N 107 
ARG CA  CB   sing N N 108 
ARG CA  HA   sing N N 109 
ARG C   O    doub N N 110 
ARG C   OXT  sing N N 111 
ARG CB  CG   sing N N 112 
ARG CB  HB2  sing N N 113 
ARG CB  HB3  sing N N 114 
ARG CG  CD   sing N N 115 
ARG CG  HG2  sing N N 116 
ARG CG  HG3  sing N N 117 
ARG CD  NE   sing N N 118 
ARG CD  HD2  sing N N 119 
ARG CD  HD3  sing N N 120 
ARG NE  CZ   sing N N 121 
ARG NE  HE   sing N N 122 
ARG CZ  NH1  sing N N 123 
ARG CZ  NH2  doub N N 124 
ARG NH1 HH11 sing N N 125 
ARG NH1 HH12 sing N N 126 
ARG NH2 HH21 sing N N 127 
ARG NH2 HH22 sing N N 128 
ARG OXT HXT  sing N N 129 
ASN N   CA   sing N N 130 
ASN N   H    sing N N 131 
ASN N   H2   sing N N 132 
ASN CA  C    sing N N 133 
ASN CA  CB   sing N N 134 
ASN CA  HA   sing N N 135 
ASN C   O    doub N N 136 
ASN C   OXT  sing N N 137 
ASN CB  CG   sing N N 138 
ASN CB  HB2  sing N N 139 
ASN CB  HB3  sing N N 140 
ASN CG  OD1  doub N N 141 
ASN CG  ND2  sing N N 142 
ASN ND2 HD21 sing N N 143 
ASN ND2 HD22 sing N N 144 
ASN OXT HXT  sing N N 145 
ASP N   CA   sing N N 146 
ASP N   H    sing N N 147 
ASP N   H2   sing N N 148 
ASP CA  C    sing N N 149 
ASP CA  CB   sing N N 150 
ASP CA  HA   sing N N 151 
ASP C   O    doub N N 152 
ASP C   OXT  sing N N 153 
ASP CB  CG   sing N N 154 
ASP CB  HB2  sing N N 155 
ASP CB  HB3  sing N N 156 
ASP CG  OD1  doub N N 157 
ASP CG  OD2  sing N N 158 
ASP OD2 HD2  sing N N 159 
ASP OXT HXT  sing N N 160 
GLN N   CA   sing N N 161 
GLN N   H    sing N N 162 
GLN N   H2   sing N N 163 
GLN CA  C    sing N N 164 
GLN CA  CB   sing N N 165 
GLN CA  HA   sing N N 166 
GLN C   O    doub N N 167 
GLN C   OXT  sing N N 168 
GLN CB  CG   sing N N 169 
GLN CB  HB2  sing N N 170 
GLN CB  HB3  sing N N 171 
GLN CG  CD   sing N N 172 
GLN CG  HG2  sing N N 173 
GLN CG  HG3  sing N N 174 
GLN CD  OE1  doub N N 175 
GLN CD  NE2  sing N N 176 
GLN NE2 HE21 sing N N 177 
GLN NE2 HE22 sing N N 178 
GLN OXT HXT  sing N N 179 
GLU N   CA   sing N N 180 
GLU N   H    sing N N 181 
GLU N   H2   sing N N 182 
GLU CA  C    sing N N 183 
GLU CA  CB   sing N N 184 
GLU CA  HA   sing N N 185 
GLU C   O    doub N N 186 
GLU C   OXT  sing N N 187 
GLU CB  CG   sing N N 188 
GLU CB  HB2  sing N N 189 
GLU CB  HB3  sing N N 190 
GLU CG  CD   sing N N 191 
GLU CG  HG2  sing N N 192 
GLU CG  HG3  sing N N 193 
GLU CD  OE1  doub N N 194 
GLU CD  OE2  sing N N 195 
GLU OE2 HE2  sing N N 196 
GLU OXT HXT  sing N N 197 
GLY N   CA   sing N N 198 
GLY N   H    sing N N 199 
GLY N   H2   sing N N 200 
GLY CA  C    sing N N 201 
GLY CA  HA2  sing N N 202 
GLY CA  HA3  sing N N 203 
GLY C   O    doub N N 204 
GLY C   OXT  sing N N 205 
GLY OXT HXT  sing N N 206 
HIS N   CA   sing N N 207 
HIS N   H    sing N N 208 
HIS N   H2   sing N N 209 
HIS CA  C    sing N N 210 
HIS CA  CB   sing N N 211 
HIS CA  HA   sing N N 212 
HIS C   O    doub N N 213 
HIS C   OXT  sing N N 214 
HIS CB  CG   sing N N 215 
HIS CB  HB2  sing N N 216 
HIS CB  HB3  sing N N 217 
HIS CG  ND1  sing Y N 218 
HIS CG  CD2  doub Y N 219 
HIS ND1 CE1  doub Y N 220 
HIS ND1 HD1  sing N N 221 
HIS CD2 NE2  sing Y N 222 
HIS CD2 HD2  sing N N 223 
HIS CE1 NE2  sing Y N 224 
HIS CE1 HE1  sing N N 225 
HIS NE2 HE2  sing N N 226 
HIS OXT HXT  sing N N 227 
HOH O   H1   sing N N 228 
HOH O   H2   sing N N 229 
ILE N   CA   sing N N 230 
ILE N   H    sing N N 231 
ILE N   H2   sing N N 232 
ILE CA  C    sing N N 233 
ILE CA  CB   sing N N 234 
ILE CA  HA   sing N N 235 
ILE C   O    doub N N 236 
ILE C   OXT  sing N N 237 
ILE CB  CG1  sing N N 238 
ILE CB  CG2  sing N N 239 
ILE CB  HB   sing N N 240 
ILE CG1 CD1  sing N N 241 
ILE CG1 HG12 sing N N 242 
ILE CG1 HG13 sing N N 243 
ILE CG2 HG21 sing N N 244 
ILE CG2 HG22 sing N N 245 
ILE CG2 HG23 sing N N 246 
ILE CD1 HD11 sing N N 247 
ILE CD1 HD12 sing N N 248 
ILE CD1 HD13 sing N N 249 
ILE OXT HXT  sing N N 250 
LEU N   CA   sing N N 251 
LEU N   H    sing N N 252 
LEU N   H2   sing N N 253 
LEU CA  C    sing N N 254 
LEU CA  CB   sing N N 255 
LEU CA  HA   sing N N 256 
LEU C   O    doub N N 257 
LEU C   OXT  sing N N 258 
LEU CB  CG   sing N N 259 
LEU CB  HB2  sing N N 260 
LEU CB  HB3  sing N N 261 
LEU CG  CD1  sing N N 262 
LEU CG  CD2  sing N N 263 
LEU CG  HG   sing N N 264 
LEU CD1 HD11 sing N N 265 
LEU CD1 HD12 sing N N 266 
LEU CD1 HD13 sing N N 267 
LEU CD2 HD21 sing N N 268 
LEU CD2 HD22 sing N N 269 
LEU CD2 HD23 sing N N 270 
LEU OXT HXT  sing N N 271 
LYS N   CA   sing N N 272 
LYS N   H    sing N N 273 
LYS N   H2   sing N N 274 
LYS CA  C    sing N N 275 
LYS CA  CB   sing N N 276 
LYS CA  HA   sing N N 277 
LYS C   O    doub N N 278 
LYS C   OXT  sing N N 279 
LYS CB  CG   sing N N 280 
LYS CB  HB2  sing N N 281 
LYS CB  HB3  sing N N 282 
LYS CG  CD   sing N N 283 
LYS CG  HG2  sing N N 284 
LYS CG  HG3  sing N N 285 
LYS CD  CE   sing N N 286 
LYS CD  HD2  sing N N 287 
LYS CD  HD3  sing N N 288 
LYS CE  NZ   sing N N 289 
LYS CE  HE2  sing N N 290 
LYS CE  HE3  sing N N 291 
LYS NZ  HZ1  sing N N 292 
LYS NZ  HZ2  sing N N 293 
LYS NZ  HZ3  sing N N 294 
LYS OXT HXT  sing N N 295 
MSE N   CA   sing N N 296 
MSE N   H    sing N N 297 
MSE N   H2   sing N N 298 
MSE CA  C    sing N N 299 
MSE CA  CB   sing N N 300 
MSE CA  HA   sing N N 301 
MSE C   O    doub N N 302 
MSE C   OXT  sing N N 303 
MSE OXT HXT  sing N N 304 
MSE CB  CG   sing N N 305 
MSE CB  HB2  sing N N 306 
MSE CB  HB3  sing N N 307 
MSE CG  SE   sing N N 308 
MSE CG  HG2  sing N N 309 
MSE CG  HG3  sing N N 310 
MSE SE  CE   sing N N 311 
MSE CE  HE1  sing N N 312 
MSE CE  HE2  sing N N 313 
MSE CE  HE3  sing N N 314 
PHE N   CA   sing N N 315 
PHE N   H    sing N N 316 
PHE N   H2   sing N N 317 
PHE CA  C    sing N N 318 
PHE CA  CB   sing N N 319 
PHE CA  HA   sing N N 320 
PHE C   O    doub N N 321 
PHE C   OXT  sing N N 322 
PHE CB  CG   sing N N 323 
PHE CB  HB2  sing N N 324 
PHE CB  HB3  sing N N 325 
PHE CG  CD1  doub Y N 326 
PHE CG  CD2  sing Y N 327 
PHE CD1 CE1  sing Y N 328 
PHE CD1 HD1  sing N N 329 
PHE CD2 CE2  doub Y N 330 
PHE CD2 HD2  sing N N 331 
PHE CE1 CZ   doub Y N 332 
PHE CE1 HE1  sing N N 333 
PHE CE2 CZ   sing Y N 334 
PHE CE2 HE2  sing N N 335 
PHE CZ  HZ   sing N N 336 
PHE OXT HXT  sing N N 337 
PRO N   CA   sing N N 338 
PRO N   CD   sing N N 339 
PRO N   H    sing N N 340 
PRO CA  C    sing N N 341 
PRO CA  CB   sing N N 342 
PRO CA  HA   sing N N 343 
PRO C   O    doub N N 344 
PRO C   OXT  sing N N 345 
PRO CB  CG   sing N N 346 
PRO CB  HB2  sing N N 347 
PRO CB  HB3  sing N N 348 
PRO CG  CD   sing N N 349 
PRO CG  HG2  sing N N 350 
PRO CG  HG3  sing N N 351 
PRO CD  HD2  sing N N 352 
PRO CD  HD3  sing N N 353 
PRO OXT HXT  sing N N 354 
SER N   CA   sing N N 355 
SER N   H    sing N N 356 
SER N   H2   sing N N 357 
SER CA  C    sing N N 358 
SER CA  CB   sing N N 359 
SER CA  HA   sing N N 360 
SER C   O    doub N N 361 
SER C   OXT  sing N N 362 
SER CB  OG   sing N N 363 
SER CB  HB2  sing N N 364 
SER CB  HB3  sing N N 365 
SER OG  HG   sing N N 366 
SER OXT HXT  sing N N 367 
THR N   CA   sing N N 368 
THR N   H    sing N N 369 
THR N   H2   sing N N 370 
THR CA  C    sing N N 371 
THR CA  CB   sing N N 372 
THR CA  HA   sing N N 373 
THR C   O    doub N N 374 
THR C   OXT  sing N N 375 
THR CB  OG1  sing N N 376 
THR CB  CG2  sing N N 377 
THR CB  HB   sing N N 378 
THR OG1 HG1  sing N N 379 
THR CG2 HG21 sing N N 380 
THR CG2 HG22 sing N N 381 
THR CG2 HG23 sing N N 382 
THR OXT HXT  sing N N 383 
TRP N   CA   sing N N 384 
TRP N   H    sing N N 385 
TRP N   H2   sing N N 386 
TRP CA  C    sing N N 387 
TRP CA  CB   sing N N 388 
TRP CA  HA   sing N N 389 
TRP C   O    doub N N 390 
TRP C   OXT  sing N N 391 
TRP CB  CG   sing N N 392 
TRP CB  HB2  sing N N 393 
TRP CB  HB3  sing N N 394 
TRP CG  CD1  doub Y N 395 
TRP CG  CD2  sing Y N 396 
TRP CD1 NE1  sing Y N 397 
TRP CD1 HD1  sing N N 398 
TRP CD2 CE2  doub Y N 399 
TRP CD2 CE3  sing Y N 400 
TRP NE1 CE2  sing Y N 401 
TRP NE1 HE1  sing N N 402 
TRP CE2 CZ2  sing Y N 403 
TRP CE3 CZ3  doub Y N 404 
TRP CE3 HE3  sing N N 405 
TRP CZ2 CH2  doub Y N 406 
TRP CZ2 HZ2  sing N N 407 
TRP CZ3 CH2  sing Y N 408 
TRP CZ3 HZ3  sing N N 409 
TRP CH2 HH2  sing N N 410 
TRP OXT HXT  sing N N 411 
TYR N   CA   sing N N 412 
TYR N   H    sing N N 413 
TYR N   H2   sing N N 414 
TYR CA  C    sing N N 415 
TYR CA  CB   sing N N 416 
TYR CA  HA   sing N N 417 
TYR C   O    doub N N 418 
TYR C   OXT  sing N N 419 
TYR CB  CG   sing N N 420 
TYR CB  HB2  sing N N 421 
TYR CB  HB3  sing N N 422 
TYR CG  CD1  doub Y N 423 
TYR CG  CD2  sing Y N 424 
TYR CD1 CE1  sing Y N 425 
TYR CD1 HD1  sing N N 426 
TYR CD2 CE2  doub Y N 427 
TYR CD2 HD2  sing N N 428 
TYR CE1 CZ   doub Y N 429 
TYR CE1 HE1  sing N N 430 
TYR CE2 CZ   sing Y N 431 
TYR CE2 HE2  sing N N 432 
TYR CZ  OH   sing N N 433 
TYR OH  HH   sing N N 434 
TYR OXT HXT  sing N N 435 
VAL N   CA   sing N N 436 
VAL N   H    sing N N 437 
VAL N   H2   sing N N 438 
VAL CA  C    sing N N 439 
VAL CA  CB   sing N N 440 
VAL CA  HA   sing N N 441 
VAL C   O    doub N N 442 
VAL C   OXT  sing N N 443 
VAL CB  CG1  sing N N 444 
VAL CB  CG2  sing N N 445 
VAL CB  HB   sing N N 446 
VAL CG1 HG11 sing N N 447 
VAL CG1 HG12 sing N N 448 
VAL CG1 HG13 sing N N 449 
VAL CG2 HG21 sing N N 450 
VAL CG2 HG22 sing N N 451 
VAL CG2 HG23 sing N N 452 
VAL OXT HXT  sing N N 453 
# 
_atom_sites.entry_id                    3EXN 
_atom_sites.fract_transf_matrix[1][1]   -0.01642482 
_atom_sites.fract_transf_matrix[1][2]   0.01152845 
_atom_sites.fract_transf_matrix[1][3]   -0.02374490 
_atom_sites.fract_transf_matrix[2][1]   0.01616468 
_atom_sites.fract_transf_matrix[2][2]   0.00553559 
_atom_sites.fract_transf_matrix[2][3]   -0.00849382 
_atom_sites.fract_transf_matrix[3][1]   0.00070385 
_atom_sites.fract_transf_matrix[3][2]   -0.01822657 
_atom_sites.fract_transf_matrix[3][3]   -0.01053912 
_atom_sites.fract_transf_vector[1]      0.063499 
_atom_sites.fract_transf_vector[2]      -0.005239 
_atom_sites.fract_transf_vector[3]      0.220883 
# 
loop_
_atom_type.symbol 
C  
CL 
N  
O  
P  
S  
SE 
# 
loop_
_atom_site.group_PDB 
_atom_site.id 
_atom_site.type_symbol 
_atom_site.label_atom_id 
_atom_site.label_alt_id 
_atom_site.label_comp_id 
_atom_site.label_asym_id 
_atom_site.label_entity_id 
_atom_site.label_seq_id 
_atom_site.pdbx_PDB_ins_code 
_atom_site.Cartn_x 
_atom_site.Cartn_y 
_atom_site.Cartn_z 
_atom_site.occupancy 
_atom_site.B_iso_or_equiv 
_atom_site.pdbx_formal_charge 
_atom_site.auth_seq_id 
_atom_site.auth_comp_id 
_atom_site.auth_asym_id 
_atom_site.auth_atom_id 
_atom_site.pdbx_PDB_model_num 
HETATM 1    N  N   . MSE A 1 7   ? -14.036 4.526   -22.178 1.00 24.19 ? 4    MSE A N   1 
HETATM 2    C  CA  . MSE A 1 7   ? -14.476 5.395   -21.022 1.00 24.70 ? 4    MSE A CA  1 
HETATM 3    C  C   . MSE A 1 7   ? -13.609 5.174   -19.752 1.00 24.40 ? 4    MSE A C   1 
HETATM 4    O  O   . MSE A 1 7   ? -12.957 4.119   -19.582 1.00 24.71 ? 4    MSE A O   1 
HETATM 5    C  CB  . MSE A 1 7   ? -15.958 5.138   -20.752 1.00 24.52 ? 4    MSE A CB  1 
HETATM 6    C  CG  . MSE A 1 7   ? -16.838 5.208   -22.027 1.00 24.04 ? 4    MSE A CG  1 
HETATM 7    SE SE  . MSE A 1 7   ? -18.529 4.258   -21.686 0.50 22.21 ? 4    MSE A SE  1 
HETATM 8    C  CE  . MSE A 1 7   ? -18.766 5.107   -19.972 1.00 13.86 ? 4    MSE A CE  1 
ATOM   9    N  N   . HIS A 1 8   ? -13.545 6.192   -18.897 1.00 23.16 ? 5    HIS A N   1 
ATOM   10   C  CA  . HIS A 1 8   ? -12.709 6.147   -17.711 1.00 22.10 ? 5    HIS A CA  1 
ATOM   11   C  C   . HIS A 1 8   ? -13.458 6.628   -16.508 1.00 19.63 ? 5    HIS A C   1 
ATOM   12   O  O   . HIS A 1 8   ? -14.005 7.743   -16.516 1.00 20.24 ? 5    HIS A O   1 
ATOM   13   C  CB  . HIS A 1 8   ? -11.481 7.038   -17.875 1.00 23.24 ? 5    HIS A CB  1 
ATOM   14   C  CG  . HIS A 1 8   ? -10.459 6.475   -18.805 1.00 26.48 ? 5    HIS A CG  1 
ATOM   15   N  ND1 . HIS A 1 8   ? -9.344  5.802   -18.361 1.00 31.71 ? 5    HIS A ND1 1 
ATOM   16   C  CD2 . HIS A 1 8   ? -10.399 6.458   -20.157 1.00 29.60 ? 5    HIS A CD2 1 
ATOM   17   C  CE1 . HIS A 1 8   ? -8.625  5.413   -19.400 1.00 32.55 ? 5    HIS A CE1 1 
ATOM   18   N  NE2 . HIS A 1 8   ? -9.243  5.800   -20.502 1.00 33.15 ? 5    HIS A NE2 1 
ATOM   19   N  N   . VAL A 1 9   ? -13.476 5.783   -15.474 1.00 16.67 ? 6    VAL A N   1 
ATOM   20   C  CA  . VAL A 1 9   ? -13.797 6.218   -14.129 1.00 13.53 ? 6    VAL A CA  1 
ATOM   21   C  C   . VAL A 1 9   ? -12.519 6.926   -13.619 1.00 11.82 ? 6    VAL A C   1 
ATOM   22   O  O   . VAL A 1 9   ? -11.358 6.444   -13.849 1.00 12.56 ? 6    VAL A O   1 
ATOM   23   C  CB  . VAL A 1 9   ? -14.135 4.998   -13.179 1.00 13.29 ? 6    VAL A CB  1 
ATOM   24   C  CG1 . VAL A 1 9   ? -14.209 5.432   -11.740 1.00 9.25  ? 6    VAL A CG1 1 
ATOM   25   C  CG2 . VAL A 1 9   ? -15.423 4.302   -13.598 1.00 11.89 ? 6    VAL A CG2 1 
ATOM   26   N  N   . LEU A 1 10  ? -12.737 8.017   -12.890 1.00 9.64  ? 7    LEU A N   1 
ATOM   27   C  CA  . LEU A 1 10  ? -11.652 8.891   -12.428 1.00 8.30  ? 7    LEU A CA  1 
ATOM   28   C  C   . LEU A 1 10  ? -11.414 8.778   -10.934 1.00 7.73  ? 7    LEU A C   1 
ATOM   29   O  O   . LEU A 1 10  ? -10.253 8.840   -10.513 1.00 6.06  ? 7    LEU A O   1 
ATOM   30   C  CB  . LEU A 1 10  ? -11.953 10.366  -12.767 1.00 8.35  ? 7    LEU A CB  1 
ATOM   31   C  CG  . LEU A 1 10  ? -12.166 10.691  -14.247 1.00 8.02  ? 7    LEU A CG  1 
ATOM   32   C  CD1 . LEU A 1 10  ? -12.676 12.183  -14.388 1.00 8.08  ? 7    LEU A CD1 1 
ATOM   33   C  CD2 . LEU A 1 10  ? -10.902 10.443  -14.988 1.00 11.28 ? 7    LEU A CD2 1 
ATOM   34   N  N   . THR A 1 11  ? -12.485 8.631   -10.137 1.00 7.01  ? 8    THR A N   1 
ATOM   35   C  CA  . THR A 1 11  ? -12.412 8.702   -8.678  1.00 6.37  ? 8    THR A CA  1 
ATOM   36   C  C   . THR A 1 11  ? -12.162 7.289   -8.155  1.00 6.78  ? 8    THR A C   1 
ATOM   37   O  O   . THR A 1 11  ? -12.871 6.360   -8.499  1.00 4.72  ? 8    THR A O   1 
ATOM   38   C  CB  . THR A 1 11  ? -13.729 9.262   -8.051  1.00 6.71  ? 8    THR A CB  1 
ATOM   39   O  OG1 . THR A 1 11  ? -13.953 10.619  -8.531  1.00 8.96  ? 8    THR A OG1 1 
ATOM   40   C  CG2 . THR A 1 11  ? -13.624 9.303   -6.527  1.00 7.95  ? 8    THR A CG2 1 
ATOM   41   N  N   . LEU A 1 12  ? -11.152 7.156   -7.306  1.00 7.10  ? 9    LEU A N   1 
ATOM   42   C  CA  . LEU A 1 12  ? -10.692 5.865   -6.828  1.00 8.10  ? 9    LEU A CA  1 
ATOM   43   C  C   . LEU A 1 12  ? -11.338 5.699   -5.477  1.00 8.08  ? 9    LEU A C   1 
ATOM   44   O  O   . LEU A 1 12  ? -11.162 6.573   -4.620  1.00 11.10 ? 9    LEU A O   1 
ATOM   45   C  CB  . LEU A 1 12  ? -9.142  5.904   -6.718  1.00 7.60  ? 9    LEU A CB  1 
ATOM   46   C  CG  . LEU A 1 12  ? -8.340  4.652   -6.516  1.00 5.99  ? 9    LEU A CG  1 
ATOM   47   C  CD1 . LEU A 1 12  ? -8.383  3.704   -7.739  1.00 4.24  ? 9    LEU A CD1 1 
ATOM   48   C  CD2 . LEU A 1 12  ? -6.945  5.088   -6.118  1.00 3.92  ? 9    LEU A CD2 1 
ATOM   49   N  N   . ASP A 1 13  ? -12.036 4.586   -5.275  1.00 8.34  ? 10   ASP A N   1 
ATOM   50   C  CA  . ASP A 1 13  ? -12.642 4.252   -3.977  1.00 8.29  ? 10   ASP A CA  1 
ATOM   51   C  C   . ASP A 1 13  ? -11.774 3.344   -3.100  1.00 6.95  ? 10   ASP A C   1 
ATOM   52   O  O   . ASP A 1 13  ? -11.192 2.357   -3.574  1.00 7.09  ? 10   ASP A O   1 
ATOM   53   C  CB  . ASP A 1 13  ? -13.982 3.604   -4.179  1.00 8.69  ? 10   ASP A CB  1 
ATOM   54   C  CG  . ASP A 1 13  ? -14.963 4.519   -4.926  1.00 10.57 ? 10   ASP A CG  1 
ATOM   55   O  OD1 . ASP A 1 13  ? -14.918 5.759   -4.706  1.00 12.86 ? 10   ASP A OD1 1 
ATOM   56   O  OD2 . ASP A 1 13  ? -15.769 3.992   -5.720  1.00 13.88 ? 10   ASP A OD2 1 
ATOM   57   N  N   . LEU A 1 14  ? -11.728 3.665   -1.815  1.00 6.06  ? 11   LEU A N   1 
ATOM   58   C  CA  . LEU A 1 14  ? -10.900 2.912   -0.876  1.00 5.92  ? 11   LEU A CA  1 
ATOM   59   C  C   . LEU A 1 14  ? -11.877 2.083   -0.041  1.00 5.85  ? 11   LEU A C   1 
ATOM   60   O  O   . LEU A 1 14  ? -12.540 2.647   0.838   1.00 6.08  ? 11   LEU A O   1 
ATOM   61   C  CB  . LEU A 1 14  ? -10.104 3.893   0.007   1.00 4.68  ? 11   LEU A CB  1 
ATOM   62   C  CG  . LEU A 1 14  ? -8.739  4.375   -0.508  1.00 5.45  ? 11   LEU A CG  1 
ATOM   63   C  CD1 . LEU A 1 14  ? -8.814  5.121   -1.850  1.00 3.52  ? 11   LEU A CD1 1 
ATOM   64   C  CD2 . LEU A 1 14  ? -8.099  5.240   0.506   1.00 7.47  ? 11   LEU A CD2 1 
ATOM   65   N  N   . ALA A 1 15  ? -11.980 0.788   -0.393  1.00 5.76  ? 12   ALA A N   1 
ATOM   66   C  CA  . ALA A 1 15  ? -12.872 -0.197  0.244   1.00 6.36  ? 12   ALA A CA  1 
ATOM   67   C  C   . ALA A 1 15  ? -12.099 -0.970  1.333   1.00 5.67  ? 12   ALA A C   1 
ATOM   68   O  O   . ALA A 1 15  ? -11.182 -1.715  1.041   1.00 4.04  ? 12   ALA A O   1 
ATOM   69   C  CB  . ALA A 1 15  ? -13.423 -1.202  -0.816  1.00 6.50  ? 12   ALA A CB  1 
ATOM   70   N  N   . PRO A 1 16  ? -12.505 -0.838  2.584   1.00 6.09  ? 13   PRO A N   1 
ATOM   71   C  CA  . PRO A 1 16  ? -11.856 -1.675  3.599   1.00 6.44  ? 13   PRO A CA  1 
ATOM   72   C  C   . PRO A 1 16  ? -11.879 -3.156  3.275   1.00 6.13  ? 13   PRO A C   1 
ATOM   73   O  O   . PRO A 1 16  ? -12.930 -3.695  2.828   1.00 5.02  ? 13   PRO A O   1 
ATOM   74   C  CB  . PRO A 1 16  ? -12.673 -1.391  4.858   1.00 6.93  ? 13   PRO A CB  1 
ATOM   75   C  CG  . PRO A 1 16  ? -13.194 -0.051  4.644   1.00 9.31  ? 13   PRO A CG  1 
ATOM   76   C  CD  . PRO A 1 16  ? -13.573 -0.022  3.183   1.00 7.98  ? 13   PRO A CD  1 
ATOM   77   N  N   . VAL A 1 17  ? -10.713 -3.805  3.452   1.00 5.25  ? 14   VAL A N   1 
ATOM   78   C  CA  . VAL A 1 17  ? -10.509 -5.208  3.081   1.00 5.76  ? 14   VAL A CA  1 
ATOM   79   C  C   . VAL A 1 17  ? -10.979 -6.133  4.233   1.00 6.27  ? 14   VAL A C   1 
ATOM   80   O  O   . VAL A 1 17  ? -10.834 -5.801  5.417   1.00 5.58  ? 14   VAL A O   1 
ATOM   81   C  CB  . VAL A 1 17  ? -9.035  -5.473  2.672   1.00 6.27  ? 14   VAL A CB  1 
ATOM   82   C  CG1 . VAL A 1 17  ? -8.155  -5.655  3.900   1.00 5.47  ? 14   VAL A CG1 1 
ATOM   83   C  CG2 . VAL A 1 17  ? -8.902  -6.673  1.700   1.00 7.03  ? 14   VAL A CG2 1 
ATOM   84   N  N   . THR A 1 18  ? -11.579 -7.260  3.864   1.00 6.81  ? 15   THR A N   1 
ATOM   85   C  CA  . THR A 1 18  ? -11.992 -8.315  4.789   1.00 7.06  ? 15   THR A CA  1 
ATOM   86   C  C   . THR A 1 18  ? -11.549 -9.683  4.205   1.00 6.18  ? 15   THR A C   1 
ATOM   87   O  O   . THR A 1 18  ? -11.250 -9.772  3.027   1.00 4.40  ? 15   THR A O   1 
ATOM   88   C  CB  . THR A 1 18  ? -13.536 -8.273  5.053   1.00 6.84  ? 15   THR A CB  1 
ATOM   89   O  OG1 . THR A 1 18  ? -14.230 -8.559  3.840   1.00 9.86  ? 15   THR A OG1 1 
ATOM   90   C  CG2 . THR A 1 18  ? -13.974 -6.905  5.560   1.00 8.30  ? 15   THR A CG2 1 
ATOM   91   N  N   . PRO A 1 19  ? -11.479 -10.756 5.039   1.00 6.04  ? 16   PRO A N   1 
ATOM   92   C  CA  . PRO A 1 19  ? -11.054 -12.078 4.558   1.00 5.17  ? 16   PRO A CA  1 
ATOM   93   C  C   . PRO A 1 19  ? -11.831 -12.608 3.360   1.00 5.10  ? 16   PRO A C   1 
ATOM   94   O  O   . PRO A 1 19  ? -11.215 -13.200 2.487   1.00 2.42  ? 16   PRO A O   1 
ATOM   95   C  CB  . PRO A 1 19  ? -11.240 -12.980 5.793   1.00 6.22  ? 16   PRO A CB  1 
ATOM   96   C  CG  . PRO A 1 19  ? -10.937 -11.982 6.944   1.00 5.57  ? 16   PRO A CG  1 
ATOM   97   C  CD  . PRO A 1 19  ? -11.679 -10.761 6.496   1.00 6.73  ? 16   PRO A CD  1 
ATOM   98   N  N   . LYS A 1 20  ? -13.127 -12.298 3.257   1.00 4.66  ? 17   LYS A N   1 
ATOM   99   C  CA  . LYS A 1 20  ? -13.879 -12.698 2.049   1.00 4.91  ? 17   LYS A CA  1 
ATOM   100  C  C   . LYS A 1 20  ? -13.371 -12.040 0.744   1.00 4.32  ? 17   LYS A C   1 
ATOM   101  O  O   . LYS A 1 20  ? -13.618 -12.555 -0.348  1.00 4.19  ? 17   LYS A O   1 
ATOM   102  C  CB  . LYS A 1 20  ? -15.369 -12.437 2.212   1.00 6.15  ? 17   LYS A CB  1 
ATOM   103  C  CG  . LYS A 1 20  ? -15.756 -10.990 2.163   1.00 8.79  ? 17   LYS A CG  1 
ATOM   104  C  CD  . LYS A 1 20  ? -17.260 -10.825 2.273   1.00 12.99 ? 17   LYS A CD  1 
ATOM   105  C  CE  . LYS A 1 20  ? -17.609 -9.346  2.202   1.00 16.10 ? 17   LYS A CE  1 
ATOM   106  N  NZ  . LYS A 1 20  ? -17.270 -8.634  3.487   1.00 15.06 ? 17   LYS A NZ  1 
ATOM   107  N  N   . ASP A 1 21  ? -12.614 -10.950 0.855   1.00 5.79  ? 18   ASP A N   1 
ATOM   108  C  CA  . ASP A 1 21  ? -11.980 -10.322 -0.310  1.00 5.22  ? 18   ASP A CA  1 
ATOM   109  C  C   . ASP A 1 21  ? -10.747 -11.069 -0.879  1.00 6.48  ? 18   ASP A C   1 
ATOM   110  O  O   . ASP A 1 21  ? -10.189 -10.627 -1.913  1.00 6.48  ? 18   ASP A O   1 
ATOM   111  C  CB  . ASP A 1 21  ? -11.626 -8.842  -0.006  1.00 6.15  ? 18   ASP A CB  1 
ATOM   112  C  CG  . ASP A 1 21  ? -12.840 -7.980  0.308   1.00 5.25  ? 18   ASP A CG  1 
ATOM   113  O  OD1 . ASP A 1 21  ? -13.907 -8.166  -0.312  1.00 5.98  ? 18   ASP A OD1 1 
ATOM   114  O  OD2 . ASP A 1 21  ? -12.710 -7.075  1.174   1.00 7.84  ? 18   ASP A OD2 1 
ATOM   115  N  N   . ALA A 1 22  ? -10.322 -12.185 -0.224  1.00 6.12  ? 19   ALA A N   1 
ATOM   116  C  CA  . ALA A 1 22  ? -9.076  -12.888 -0.560  1.00 6.10  ? 19   ALA A CA  1 
ATOM   117  C  C   . ALA A 1 22  ? -8.913  -13.195 -2.047  1.00 6.86  ? 19   ALA A C   1 
ATOM   118  O  O   . ALA A 1 22  ? -7.880  -12.929 -2.628  1.00 6.30  ? 19   ALA A O   1 
ATOM   119  C  CB  . ALA A 1 22  ? -8.914  -14.179 0.300   1.00 6.19  ? 19   ALA A CB  1 
ATOM   120  N  N   . PRO A 1 23  ? -9.959  -13.704 -2.688  1.00 6.07  ? 20   PRO A N   1 
ATOM   121  C  CA  . PRO A 1 23  ? -9.837  -13.964 -4.124  1.00 6.47  ? 20   PRO A CA  1 
ATOM   122  C  C   . PRO A 1 23  ? -9.552  -12.718 -4.999  1.00 6.00  ? 20   PRO A C   1 
ATOM   123  O  O   . PRO A 1 23  ? -8.788  -12.815 -5.969  1.00 6.50  ? 20   PRO A O   1 
ATOM   124  C  CB  . PRO A 1 23  ? -11.185 -14.591 -4.465  1.00 5.97  ? 20   PRO A CB  1 
ATOM   125  C  CG  . PRO A 1 23  ? -11.664 -15.176 -3.160  1.00 6.44  ? 20   PRO A CG  1 
ATOM   126  C  CD  . PRO A 1 23  ? -11.227 -14.199 -2.134  1.00 6.50  ? 20   PRO A CD  1 
ATOM   127  N  N   . LEU A 1 24  ? -10.142 -11.580 -4.641  1.00 4.75  ? 21   LEU A N   1 
ATOM   128  C  CA  . LEU A 1 24  ? -9.941  -10.321 -5.379  1.00 5.10  ? 21   LEU A CA  1 
ATOM   129  C  C   . LEU A 1 24  ? -8.535  -9.780  -5.122  1.00 4.63  ? 21   LEU A C   1 
ATOM   130  O  O   . LEU A 1 24  ? -7.868  -9.288  -6.037  1.00 4.21  ? 21   LEU A O   1 
ATOM   131  C  CB  . LEU A 1 24  ? -10.966 -9.269  -4.952  1.00 5.56  ? 21   LEU A CB  1 
ATOM   132  C  CG  . LEU A 1 24  ? -12.440 -9.537  -5.174  1.00 9.65  ? 21   LEU A CG  1 
ATOM   133  C  CD1 . LEU A 1 24  ? -13.236 -8.276  -4.793  1.00 11.12 ? 21   LEU A CD1 1 
ATOM   134  C  CD2 . LEU A 1 24  ? -12.732 -9.899  -6.632  1.00 8.06  ? 21   LEU A CD2 1 
ATOM   135  N  N   . LEU A 1 25  ? -8.084  -9.835  -3.880  1.00 4.73  ? 22   LEU A N   1 
ATOM   136  C  CA  . LEU A 1 25  ? -6.737  -9.335  -3.588  1.00 5.33  ? 22   LEU A CA  1 
ATOM   137  C  C   . LEU A 1 25  ? -5.687  -10.245 -4.215  1.00 5.46  ? 22   LEU A C   1 
ATOM   138  O  O   . LEU A 1 25  ? -4.660  -9.778  -4.774  1.00 5.36  ? 22   LEU A O   1 
ATOM   139  C  CB  . LEU A 1 25  ? -6.523  -9.217  -2.083  1.00 5.47  ? 22   LEU A CB  1 
ATOM   140  C  CG  . LEU A 1 25  ? -5.135  -8.699  -1.683  1.00 5.97  ? 22   LEU A CG  1 
ATOM   141  C  CD1 . LEU A 1 25  ? -4.854  -7.317  -2.348  1.00 4.59  ? 22   LEU A CD1 1 
ATOM   142  C  CD2 . LEU A 1 25  ? -5.021  -8.568  -0.157  1.00 5.50  ? 22   LEU A CD2 1 
ATOM   143  N  N   . HIS A 1 26  ? -5.970  -11.549 -4.198  1.00 5.81  ? 23   HIS A N   1 
ATOM   144  C  CA  . HIS A 1 26  ? -5.098  -12.511 -4.895  1.00 6.40  ? 23   HIS A CA  1 
ATOM   145  C  C   . HIS A 1 26  ? -4.937  -12.184 -6.357  1.00 6.15  ? 23   HIS A C   1 
ATOM   146  O  O   . HIS A 1 26  ? -3.813  -12.225 -6.876  1.00 5.87  ? 23   HIS A O   1 
ATOM   147  C  CB  . HIS A 1 26  ? -5.599  -13.929 -4.674  1.00 6.49  ? 23   HIS A CB  1 
ATOM   148  C  CG  . HIS A 1 26  ? -4.754  -14.999 -5.279  1.00 6.57  ? 23   HIS A CG  1 
ATOM   149  N  ND1 . HIS A 1 26  ? -5.149  -15.702 -6.396  1.00 9.12  ? 23   HIS A ND1 1 
ATOM   150  C  CD2 . HIS A 1 26  ? -3.576  -15.543 -4.890  1.00 5.61  ? 23   HIS A CD2 1 
ATOM   151  C  CE1 . HIS A 1 26  ? -4.248  -16.634 -6.672  1.00 8.65  ? 23   HIS A CE1 1 
ATOM   152  N  NE2 . HIS A 1 26  ? -3.299  -16.581 -5.755  1.00 6.76  ? 23   HIS A NE2 1 
ATOM   153  N  N   . ARG A 1 27  ? -6.036  -11.868 -7.032  1.00 6.17  ? 24   ARG A N   1 
ATOM   154  C  CA  . ARG A 1 27  ? -5.990  -11.498 -8.443  1.00 5.72  ? 24   ARG A CA  1 
ATOM   155  C  C   . ARG A 1 27  ? -5.196  -10.203 -8.645  1.00 5.17  ? 24   ARG A C   1 
ATOM   156  O  O   . ARG A 1 27  ? -4.420  -10.122 -9.572  1.00 4.69  ? 24   ARG A O   1 
ATOM   157  C  CB  . ARG A 1 27  ? -7.416  -11.353 -9.018  1.00 6.86  ? 24   ARG A CB  1 
ATOM   158  C  CG  . ARG A 1 27  ? -7.450  -10.843 -10.442 1.00 8.17  ? 24   ARG A CG  1 
ATOM   159  C  CD  . ARG A 1 27  ? -8.862  -10.918 -11.084 1.00 12.75 ? 24   ARG A CD  1 
ATOM   160  N  NE  . ARG A 1 27  ? -8.812  -10.495 -12.494 1.00 16.07 ? 24   ARG A NE  1 
ATOM   161  C  CZ  . ARG A 1 27  ? -9.290  -9.346  -12.986 1.00 20.59 ? 24   ARG A CZ  1 
ATOM   162  N  NH1 . ARG A 1 27  ? -9.923  -8.454  -12.200 1.00 22.37 ? 24   ARG A NH1 1 
ATOM   163  N  NH2 . ARG A 1 27  ? -9.169  -9.097  -14.300 1.00 20.20 ? 24   ARG A NH2 1 
ATOM   164  N  N   . VAL A 1 28  ? -5.364  -9.186  -7.776  1.00 5.00  ? 25   VAL A N   1 
ATOM   165  C  CA  . VAL A 1 28  ? -4.579  -7.949  -7.906  1.00 4.46  ? 25   VAL A CA  1 
ATOM   166  C  C   . VAL A 1 28  ? -3.084  -8.262  -7.855  1.00 3.79  ? 25   VAL A C   1 
ATOM   167  O  O   . VAL A 1 28  ? -2.295  -7.732  -8.662  1.00 4.31  ? 25   VAL A O   1 
ATOM   168  C  CB  . VAL A 1 28  ? -4.942  -6.904  -6.799  1.00 4.89  ? 25   VAL A CB  1 
ATOM   169  C  CG1 . VAL A 1 28  ? -3.926  -5.733  -6.721  1.00 4.70  ? 25   VAL A CG1 1 
ATOM   170  C  CG2 . VAL A 1 28  ? -6.358  -6.348  -7.036  1.00 4.58  ? 25   VAL A CG2 1 
ATOM   171  N  N   . PHE A 1 29  ? -2.674  -9.073  -6.878  1.00 4.40  ? 26   PHE A N   1 
ATOM   172  C  CA  . PHE A 1 29  ? -1.263  -9.465  -6.758  1.00 2.88  ? 26   PHE A CA  1 
ATOM   173  C  C   . PHE A 1 29  ? -0.790  -10.246 -7.996  1.00 3.83  ? 26   PHE A C   1 
ATOM   174  O  O   . PHE A 1 29  ? 0.321   -10.025 -8.534  1.00 4.57  ? 26   PHE A O   1 
ATOM   175  C  CB  . PHE A 1 29  ? -1.032  -10.302 -5.507  1.00 2.54  ? 26   PHE A CB  1 
ATOM   176  C  CG  . PHE A 1 29  ? -1.168  -9.566  -4.204  1.00 2.59  ? 26   PHE A CG  1 
ATOM   177  C  CD1 . PHE A 1 29  ? -0.825  -8.249  -4.072  1.00 5.41  ? 26   PHE A CD1 1 
ATOM   178  C  CD2 . PHE A 1 29  ? -1.571  -10.264 -3.075  1.00 3.22  ? 26   PHE A CD2 1 
ATOM   179  C  CE1 . PHE A 1 29  ? -0.890  -7.618  -2.828  1.00 3.88  ? 26   PHE A CE1 1 
ATOM   180  C  CE2 . PHE A 1 29  ? -1.660  -9.638  -1.835  1.00 3.82  ? 26   PHE A CE2 1 
ATOM   181  C  CZ  . PHE A 1 29  ? -1.339  -8.316  -1.725  1.00 6.67  ? 26   PHE A CZ  1 
ATOM   182  N  N   . HIS A 1 30  ? -1.611  -11.179 -8.441  1.00 3.83  ? 27   HIS A N   1 
ATOM   183  C  CA  A HIS A 1 30  ? -1.212  -11.969 -9.603  0.40 4.28  ? 27   HIS A CA  1 
ATOM   184  C  CA  B HIS A 1 30  ? -1.305  -11.998 -9.630  0.40 4.50  ? 27   HIS A CA  1 
ATOM   185  C  C   . HIS A 1 30  ? -1.134  -11.169 -10.908 1.00 5.49  ? 27   HIS A C   1 
ATOM   186  O  O   . HIS A 1 30  ? -0.302  -11.518 -11.805 1.00 7.61  ? 27   HIS A O   1 
ATOM   187  C  CB  A HIS A 1 30  ? -2.060  -13.225 -9.685  0.40 4.18  ? 27   HIS A CB  1 
ATOM   188  C  CB  B HIS A 1 30  ? -2.409  -13.031 -9.840  0.40 4.43  ? 27   HIS A CB  1 
ATOM   189  C  CG  A HIS A 1 30  ? -1.550  -14.311 -8.792  0.40 3.38  ? 27   HIS A CG  1 
ATOM   190  C  CG  B HIS A 1 30  ? -2.090  -14.040 -10.896 0.40 4.92  ? 27   HIS A CG  1 
ATOM   191  N  ND1 A HIS A 1 30  ? -1.532  -14.201 -7.410  0.40 4.29  ? 27   HIS A ND1 1 
ATOM   192  N  ND1 B HIS A 1 30  ? -2.747  -14.084 -12.105 0.40 6.58  ? 27   HIS A ND1 1 
ATOM   193  C  CD2 A HIS A 1 30  ? -0.953  -15.483 -9.084  0.40 2.47  ? 27   HIS A CD2 1 
ATOM   194  C  CD2 B HIS A 1 30  ? -1.165  -15.026 -10.929 0.40 5.60  ? 27   HIS A CD2 1 
ATOM   195  C  CE1 A HIS A 1 30  ? -0.993  -15.292 -6.906  0.40 5.26  ? 27   HIS A CE1 1 
ATOM   196  C  CE1 B HIS A 1 30  ? -2.237  -15.057 -12.840 0.40 7.41  ? 27   HIS A CE1 1 
ATOM   197  N  NE2 A HIS A 1 30  ? -0.616  -16.073 -7.901  0.40 3.67  ? 27   HIS A NE2 1 
ATOM   198  N  NE2 B HIS A 1 30  ? -1.280  -15.650 -12.145 0.40 7.49  ? 27   HIS A NE2 1 
ATOM   199  N  N   . LEU A 1 31  ? -1.892  -10.070 -11.014 1.00 5.95  ? 28   LEU A N   1 
ATOM   200  C  CA  . LEU A 1 31  ? -1.751  -9.125  -12.147 1.00 6.37  ? 28   LEU A CA  1 
ATOM   201  C  C   . LEU A 1 31  ? -0.686  -8.049  -11.911 1.00 6.76  ? 28   LEU A C   1 
ATOM   202  O  O   . LEU A 1 31  ? -0.613  -7.077  -12.677 1.00 7.88  ? 28   LEU A O   1 
ATOM   203  C  CB  . LEU A 1 31  ? -3.101  -8.463  -12.447 1.00 7.92  ? 28   LEU A CB  1 
ATOM   204  C  CG  . LEU A 1 31  ? -4.157  -9.391  -13.033 1.00 7.46  ? 28   LEU A CG  1 
ATOM   205  C  CD1 . LEU A 1 31  ? -5.439  -8.616  -13.240 1.00 11.47 ? 28   LEU A CD1 1 
ATOM   206  C  CD2 . LEU A 1 31  ? -3.658  -10.003 -14.328 1.00 11.50 ? 28   LEU A CD2 1 
ATOM   207  N  N   . SER A 1 32  ? 0.117   -8.217  -10.860 1.00 5.19  ? 29   SER A N   1 
ATOM   208  C  CA  . SER A 1 32  ? 1.279   -7.349  -10.570 1.00 6.02  ? 29   SER A CA  1 
ATOM   209  C  C   . SER A 1 32  ? 2.623   -8.141  -10.444 1.00 6.27  ? 29   SER A C   1 
ATOM   210  O  O   . SER A 1 32  ? 3.358   -8.002  -9.441  1.00 5.26  ? 29   SER A O   1 
ATOM   211  C  CB  . SER A 1 32  ? 0.971   -6.562  -9.289  1.00 6.60  ? 29   SER A CB  1 
ATOM   212  O  OG  . SER A 1 32  ? -0.281  -5.897  -9.385  1.00 7.59  ? 29   SER A OG  1 
ATOM   213  N  N   . PRO A 1 33  ? 2.945   -9.006  -11.439 1.00 5.36  ? 30   PRO A N   1 
ATOM   214  C  CA  . PRO A 1 33  ? 4.111   -9.905  -11.290 1.00 7.04  ? 30   PRO A CA  1 
ATOM   215  C  C   . PRO A 1 33  ? 5.464   -9.201  -11.165 1.00 7.54  ? 30   PRO A C   1 
ATOM   216  O  O   . PRO A 1 33  ? 6.384   -9.727  -10.536 1.00 7.93  ? 30   PRO A O   1 
ATOM   217  C  CB  . PRO A 1 33  ? 4.078   -10.740 -12.567 1.00 7.72  ? 30   PRO A CB  1 
ATOM   218  C  CG  . PRO A 1 33  ? 3.357   -9.905  -13.546 1.00 7.23  ? 30   PRO A CG  1 
ATOM   219  C  CD  . PRO A 1 33  ? 2.300   -9.200  -12.751 1.00 6.45  ? 30   PRO A CD  1 
ATOM   220  N  N   . SER A 1 34  ? 5.589   -8.017  -11.757 1.00 6.81  ? 31   SER A N   1 
ATOM   221  C  CA  . SER A 1 34  ? 6.879   -7.355  -11.825 1.00 6.76  ? 31   SER A CA  1 
ATOM   222  C  C   . SER A 1 34  ? 7.285   -6.899  -10.427 1.00 7.74  ? 31   SER A C   1 
ATOM   223  O  O   . SER A 1 34  ? 8.468   -6.953  -10.076 1.00 8.64  ? 31   SER A O   1 
ATOM   224  C  CB  . SER A 1 34  ? 6.914   -6.185  -12.846 1.00 6.56  ? 31   SER A CB  1 
ATOM   225  O  OG  . SER A 1 34  ? 6.608   -6.583  -14.189 1.00 5.93  ? 31   SER A OG  1 
ATOM   226  N  N   . TYR A 1 35  ? 6.314   -6.532  -9.598  1.00 7.42  ? 32   TYR A N   1 
ATOM   227  C  CA  . TYR A 1 35  ? 6.636   -6.151  -8.234  1.00 7.80  ? 32   TYR A CA  1 
ATOM   228  C  C   . TYR A 1 35  ? 7.240   -7.301  -7.407  1.00 7.62  ? 32   TYR A C   1 
ATOM   229  O  O   . TYR A 1 35  ? 8.246   -7.125  -6.741  1.00 8.38  ? 32   TYR A O   1 
ATOM   230  C  CB  . TYR A 1 35  ? 5.412   -5.602  -7.521  1.00 8.76  ? 32   TYR A CB  1 
ATOM   231  C  CG  . TYR A 1 35  ? 5.672   -5.368  -6.077  1.00 8.28  ? 32   TYR A CG  1 
ATOM   232  C  CD1 . TYR A 1 35  ? 6.594   -4.391  -5.660  1.00 12.25 ? 32   TYR A CD1 1 
ATOM   233  C  CD2 . TYR A 1 35  ? 5.025   -6.114  -5.104  1.00 10.40 ? 32   TYR A CD2 1 
ATOM   234  C  CE1 . TYR A 1 35  ? 6.865   -4.200  -4.290  1.00 9.91  ? 32   TYR A CE1 1 
ATOM   235  C  CE2 . TYR A 1 35  ? 5.291   -5.918  -3.757  1.00 9.55  ? 32   TYR A CE2 1 
ATOM   236  C  CZ  . TYR A 1 35  ? 6.184   -4.962  -3.361  1.00 11.52 ? 32   TYR A CZ  1 
ATOM   237  O  OH  . TYR A 1 35  ? 6.406   -4.820  -2.003  1.00 15.65 ? 32   TYR A OH  1 
ATOM   238  N  N   . PHE A 1 36  ? 6.626   -8.475  -7.459  1.00 7.55  ? 33   PHE A N   1 
ATOM   239  C  CA  . PHE A 1 36  ? 7.116   -9.640  -6.723  1.00 6.93  ? 33   PHE A CA  1 
ATOM   240  C  C   . PHE A 1 36  ? 8.490   -10.124 -7.199  1.00 6.63  ? 33   PHE A C   1 
ATOM   241  O  O   . PHE A 1 36  ? 9.340   -10.447 -6.383  1.00 6.72  ? 33   PHE A O   1 
ATOM   242  C  CB  . PHE A 1 36  ? 6.062   -10.751 -6.707  1.00 7.23  ? 33   PHE A CB  1 
ATOM   243  C  CG  . PHE A 1 36  ? 4.850   -10.356 -5.934  1.00 5.10  ? 33   PHE A CG  1 
ATOM   244  C  CD1 . PHE A 1 36  ? 4.813   -10.492 -4.563  1.00 7.15  ? 33   PHE A CD1 1 
ATOM   245  C  CD2 . PHE A 1 36  ? 3.781   -9.753  -6.576  1.00 3.61  ? 33   PHE A CD2 1 
ATOM   246  C  CE1 . PHE A 1 36  ? 3.716   -10.062 -3.839  1.00 7.18  ? 33   PHE A CE1 1 
ATOM   247  C  CE2 . PHE A 1 36  ? 2.705   -9.346  -5.857  1.00 6.20  ? 33   PHE A CE2 1 
ATOM   248  C  CZ  . PHE A 1 36  ? 2.670   -9.475  -4.493  1.00 4.83  ? 33   PHE A CZ  1 
ATOM   249  N  N   . ALA A 1 37  ? 8.724   -10.072 -8.504  1.00 7.10  ? 34   ALA A N   1 
ATOM   250  C  CA  . ALA A 1 37  ? 10.030  -10.406 -9.055  1.00 7.11  ? 34   ALA A CA  1 
ATOM   251  C  C   . ALA A 1 37  ? 11.112  -9.449  -8.551  1.00 7.78  ? 34   ALA A C   1 
ATOM   252  O  O   . ALA A 1 37  ? 12.196  -9.900  -8.118  1.00 7.47  ? 34   ALA A O   1 
ATOM   253  C  CB  . ALA A 1 37  ? 9.984   -10.435 -10.597 1.00 6.58  ? 34   ALA A CB  1 
ATOM   254  N  N   . LEU A 1 38  ? 10.809  -8.155  -8.555  1.00 8.16  ? 35   LEU A N   1 
ATOM   255  C  CA  . LEU A 1 38  ? 11.728  -7.123  -8.075  1.00 10.36 ? 35   LEU A CA  1 
ATOM   256  C  C   . LEU A 1 38  ? 12.198  -7.313  -6.596  1.00 9.98  ? 35   LEU A C   1 
ATOM   257  O  O   . LEU A 1 38  ? 13.365  -7.083  -6.288  1.00 10.01 ? 35   LEU A O   1 
ATOM   258  C  CB  . LEU A 1 38  ? 11.109  -5.736  -8.285  1.00 10.94 ? 35   LEU A CB  1 
ATOM   259  C  CG  . LEU A 1 38  ? 12.065  -4.575  -8.035  1.00 14.52 ? 35   LEU A CG  1 
ATOM   260  C  CD1 . LEU A 1 38  ? 12.116  -3.651  -9.250  1.00 14.79 ? 35   LEU A CD1 1 
ATOM   261  C  CD2 . LEU A 1 38  ? 11.629  -3.852  -6.771  1.00 16.42 ? 35   LEU A CD2 1 
ATOM   262  N  N   . ILE A 1 39  ? 11.278  -7.723  -5.715  1.00 10.95 ? 36   ILE A N   1 
ATOM   263  C  CA  . ILE A 1 39  ? 11.586  -8.052  -4.314  1.00 10.09 ? 36   ILE A CA  1 
ATOM   264  C  C   . ILE A 1 39  ? 12.074  -9.502  -4.066  1.00 10.29 ? 36   ILE A C   1 
ATOM   265  O  O   . ILE A 1 39  ? 12.353  -9.890  -2.922  1.00 9.33  ? 36   ILE A O   1 
ATOM   266  C  CB  . ILE A 1 39  ? 10.400  -7.667  -3.366  1.00 10.46 ? 36   ILE A CB  1 
ATOM   267  C  CG1 . ILE A 1 39  ? 9.130   -8.459  -3.695  1.00 10.91 ? 36   ILE A CG1 1 
ATOM   268  C  CG2 . ILE A 1 39  ? 10.166  -6.149  -3.448  1.00 9.61  ? 36   ILE A CG2 1 
ATOM   269  C  CD1 . ILE A 1 39  ? 7.969   -8.302  -2.600  1.00 12.97 ? 36   ILE A CD1 1 
ATOM   270  N  N   . GLY A 1 40  ? 12.169  -10.295 -5.134  1.00 9.25  ? 37   GLY A N   1 
ATOM   271  C  CA  . GLY A 1 40  ? 12.711  -11.633 -5.053  1.00 8.84  ? 37   GLY A CA  1 
ATOM   272  C  C   . GLY A 1 40  ? 11.817  -12.688 -4.416  1.00 9.35  ? 37   GLY A C   1 
ATOM   273  O  O   . GLY A 1 40  ? 12.317  -13.545 -3.695  1.00 6.92  ? 37   GLY A O   1 
HETATM 274  N  N   . MSE A 1 41  ? 10.513  -12.651 -4.730  1.00 8.85  ? 38   MSE A N   1 
HETATM 275  C  CA  . MSE A 1 41  ? 9.485   -13.529 -4.124  1.00 10.31 ? 38   MSE A CA  1 
HETATM 276  C  C   . MSE A 1 41  ? 8.592   -14.145 -5.203  1.00 9.39  ? 38   MSE A C   1 
HETATM 277  O  O   . MSE A 1 41  ? 8.336   -13.534 -6.251  1.00 9.20  ? 38   MSE A O   1 
HETATM 278  C  CB  . MSE A 1 41  ? 8.570   -12.728 -3.156  1.00 11.09 ? 38   MSE A CB  1 
HETATM 279  C  CG  . MSE A 1 41  ? 9.279   -11.968 -2.054  1.00 14.19 ? 38   MSE A CG  1 
HETATM 280  SE SE  . MSE A 1 41  ? 10.104  -13.092 -0.694  0.40 21.77 ? 38   MSE A SE  1 
HETATM 281  C  CE  . MSE A 1 41  ? 8.632   -14.335 -0.446  1.00 20.76 ? 38   MSE A CE  1 
ATOM   282  N  N   . GLU A 1 42  ? 8.124   -15.369 -4.953  1.00 9.12  ? 39   GLU A N   1 
ATOM   283  C  CA  . GLU A 1 42  ? 7.060   -15.980 -5.747  1.00 9.62  ? 39   GLU A CA  1 
ATOM   284  C  C   . GLU A 1 42  ? 5.764   -15.164 -5.593  1.00 9.50  ? 39   GLU A C   1 
ATOM   285  O  O   . GLU A 1 42  ? 5.642   -14.427 -4.641  1.00 9.18  ? 39   GLU A O   1 
ATOM   286  C  CB  . GLU A 1 42  ? 6.783   -17.389 -5.217  1.00 10.20 ? 39   GLU A CB  1 
ATOM   287  C  CG  . GLU A 1 42  ? 7.936   -18.345 -5.354  1.00 13.41 ? 39   GLU A CG  1 
ATOM   288  C  CD  . GLU A 1 42  ? 7.979   -18.966 -6.705  1.00 16.99 ? 39   GLU A CD  1 
ATOM   289  O  OE1 . GLU A 1 42  ? 8.649   -20.016 -6.875  1.00 24.85 ? 39   GLU A OE1 1 
ATOM   290  O  OE2 . GLU A 1 42  ? 7.345   -18.388 -7.601  1.00 21.42 ? 39   GLU A OE2 1 
ATOM   291  N  N   . LEU A 1 43  ? 4.828   -15.264 -6.529  1.00 9.43  ? 40   LEU A N   1 
ATOM   292  C  CA  . LEU A 1 43  ? 3.501   -14.651 -6.355  1.00 9.57  ? 40   LEU A CA  1 
ATOM   293  C  C   . LEU A 1 43  ? 2.828   -15.331 -5.157  1.00 8.91  ? 40   LEU A C   1 
ATOM   294  O  O   . LEU A 1 43  ? 3.034   -16.553 -4.943  1.00 8.17  ? 40   LEU A O   1 
ATOM   295  C  CB  . LEU A 1 43  ? 2.636   -14.842 -7.612  1.00 10.46 ? 40   LEU A CB  1 
ATOM   296  C  CG  . LEU A 1 43  ? 3.033   -14.057 -8.865  1.00 12.81 ? 40   LEU A CG  1 
ATOM   297  C  CD1 . LEU A 1 43  ? 2.188   -14.507 -10.034 1.00 13.07 ? 40   LEU A CD1 1 
ATOM   298  C  CD2 . LEU A 1 43  ? 2.901   -12.551 -8.649  1.00 14.56 ? 40   LEU A CD2 1 
ATOM   299  N  N   . PRO A 1 44  ? 2.092   -14.560 -4.326  1.00 9.58  ? 41   PRO A N   1 
ATOM   300  C  CA  . PRO A 1 44  ? 1.454   -15.145 -3.143  1.00 10.06 ? 41   PRO A CA  1 
ATOM   301  C  C   . PRO A 1 44  ? 0.408   -16.198 -3.494  1.00 10.07 ? 41   PRO A C   1 
ATOM   302  O  O   . PRO A 1 44  ? -0.305  -16.038 -4.512  1.00 11.03 ? 41   PRO A O   1 
ATOM   303  C  CB  . PRO A 1 44  ? 0.786   -13.937 -2.445  1.00 11.04 ? 41   PRO A CB  1 
ATOM   304  C  CG  . PRO A 1 44  ? 1.162   -12.742 -3.190  1.00 11.08 ? 41   PRO A CG  1 
ATOM   305  C  CD  . PRO A 1 44  ? 1.850   -13.106 -4.447  1.00 9.32  ? 41   PRO A CD  1 
ATOM   306  N  N   . THR A 1 45  ? 0.307   -17.272 -2.697  1.00 9.42  ? 42   THR A N   1 
ATOM   307  C  CA  . THR A 1 45  ? -0.760  -18.284 -2.896  1.00 9.69  ? 42   THR A CA  1 
ATOM   308  C  C   . THR A 1 45  ? -2.083  -17.742 -2.328  1.00 9.03  ? 42   THR A C   1 
ATOM   309  O  O   . THR A 1 45  ? -2.054  -16.835 -1.493  1.00 7.17  ? 42   THR A O   1 
ATOM   310  C  CB  . THR A 1 45  ? -0.517  -19.636 -2.174  1.00 9.53  ? 42   THR A CB  1 
ATOM   311  O  OG1 . THR A 1 45  ? -0.299  -19.417 -0.757  1.00 9.67  ? 42   THR A OG1 1 
ATOM   312  C  CG2 . THR A 1 45  ? 0.658   -20.415 -2.817  1.00 11.15 ? 42   THR A CG2 1 
ATOM   313  N  N   . LEU A 1 46  ? -3.226  -18.316 -2.721  1.00 8.79  ? 43   LEU A N   1 
ATOM   314  C  CA  . LEU A 1 46  ? -4.500  -17.865 -2.102  1.00 8.67  ? 43   LEU A CA  1 
ATOM   315  C  C   . LEU A 1 46  ? -4.511  -18.150 -0.583  1.00 9.38  ? 43   LEU A C   1 
ATOM   316  O  O   . LEU A 1 46  ? -5.011  -17.356 0.225   1.00 8.38  ? 43   LEU A O   1 
ATOM   317  C  CB  . LEU A 1 46  ? -5.721  -18.484 -2.802  1.00 9.00  ? 43   LEU A CB  1 
ATOM   318  C  CG  . LEU A 1 46  ? -7.117  -17.982 -2.355  1.00 9.38  ? 43   LEU A CG  1 
ATOM   319  C  CD1 . LEU A 1 46  ? -7.206  -16.422 -2.303  1.00 13.72 ? 43   LEU A CD1 1 
ATOM   320  C  CD2 . LEU A 1 46  ? -8.264  -18.544 -3.190  1.00 11.82 ? 43   LEU A CD2 1 
ATOM   321  N  N   . GLU A 1 47  ? -3.897  -19.267 -0.187  1.00 9.42  ? 44   GLU A N   1 
ATOM   322  C  CA  . GLU A 1 47  ? -3.823  -19.625 1.234   1.00 9.74  ? 44   GLU A CA  1 
ATOM   323  C  C   . GLU A 1 47  ? -3.022  -18.606 2.028   1.00 9.31  ? 44   GLU A C   1 
ATOM   324  O  O   . GLU A 1 47  ? -3.457  -18.211 3.108   1.00 7.96  ? 44   GLU A O   1 
ATOM   325  C  CB  . GLU A 1 47  ? -3.219  -21.018 1.401   1.00 11.03 ? 44   GLU A CB  1 
ATOM   326  C  CG  . GLU A 1 47  ? -3.954  -22.098 0.597   1.00 14.27 ? 44   GLU A CG  1 
ATOM   327  C  CD  . GLU A 1 47  ? -3.358  -22.392 -0.813  1.00 20.49 ? 44   GLU A CD  1 
ATOM   328  O  OE1 . GLU A 1 47  ? -3.605  -21.591 -1.762  1.00 20.12 ? 44   GLU A OE1 1 
ATOM   329  O  OE2 . GLU A 1 47  ? -2.676  -23.464 -0.984  1.00 24.09 ? 44   GLU A OE2 1 
ATOM   330  N  N   . ASP A 1 48  ? -1.884  -18.162 1.464   1.00 8.35  ? 45   ASP A N   1 
ATOM   331  C  CA  . ASP A 1 48  ? -1.082  -17.055 2.034   1.00 8.63  ? 45   ASP A CA  1 
ATOM   332  C  C   . ASP A 1 48  ? -1.937  -15.768 2.217   1.00 7.24  ? 45   ASP A C   1 
ATOM   333  O  O   . ASP A 1 48  ? -1.866  -15.093 3.251   1.00 7.37  ? 45   ASP A O   1 
ATOM   334  C  CB  . ASP A 1 48  ? 0.097   -16.636 1.083   1.00 9.40  ? 45   ASP A CB  1 
ATOM   335  C  CG  . ASP A 1 48  ? 1.257   -17.679 0.939   1.00 14.68 ? 45   ASP A CG  1 
ATOM   336  O  OD1 . ASP A 1 48  ? 1.477   -18.568 1.790   1.00 12.96 ? 45   ASP A OD1 1 
ATOM   337  O  OD2 . ASP A 1 48  ? 2.028   -17.528 -0.069  1.00 19.35 ? 45   ASP A OD2 1 
ATOM   338  N  N   . VAL A 1 49  ? -2.698  -15.397 1.187   1.00 6.10  ? 46   VAL A N   1 
ATOM   339  C  CA  . VAL A 1 49  ? -3.491  -14.102 1.221   1.00 6.07  ? 46   VAL A CA  1 
ATOM   340  C  C   . VAL A 1 49  ? -4.574  -14.190 2.324   1.00 5.59  ? 46   VAL A C   1 
ATOM   341  O  O   . VAL A 1 49  ? -4.771  -13.266 3.165   1.00 6.39  ? 46   VAL A O   1 
ATOM   342  C  CB  . VAL A 1 49  ? -4.109  -13.815 -0.131  1.00 4.92  ? 46   VAL A CB  1 
ATOM   343  C  CG1 . VAL A 1 49  ? -5.078  -12.621 -0.005  1.00 5.21  ? 46   VAL A CG1 1 
ATOM   344  C  CG2 . VAL A 1 49  ? -2.980  -13.509 -1.198  1.00 6.65  ? 46   VAL A CG2 1 
ATOM   345  N  N   . VAL A 1 50  ? -5.227  -15.352 2.395   1.00 4.72  ? 47   VAL A N   1 
ATOM   346  C  CA  . VAL A 1 50  ? -6.210  -15.578 3.462   1.00 5.73  ? 47   VAL A CA  1 
ATOM   347  C  C   . VAL A 1 50  ? -5.570  -15.406 4.830   1.00 6.48  ? 47   VAL A C   1 
ATOM   348  O  O   . VAL A 1 50  ? -6.089  -14.658 5.658   1.00 6.42  ? 47   VAL A O   1 
ATOM   349  C  CB  . VAL A 1 50  ? -6.873  -16.960 3.331   1.00 6.31  ? 47   VAL A CB  1 
ATOM   350  C  CG1 . VAL A 1 50  ? -7.697  -17.316 4.624   1.00 4.93  ? 47   VAL A CG1 1 
ATOM   351  C  CG2 . VAL A 1 50  ? -7.724  -16.986 2.028   1.00 3.43  ? 47   VAL A CG2 1 
ATOM   352  N  N   . ARG A 1 51  ? -4.446  -16.083 5.063   1.00 5.70  ? 48   ARG A N   1 
ATOM   353  C  CA  . ARG A 1 51  ? -3.761  -15.990 6.343   1.00 6.70  ? 48   ARG A CA  1 
ATOM   354  C  C   . ARG A 1 51  ? -3.414  -14.519 6.687   1.00 6.35  ? 48   ARG A C   1 
ATOM   355  O  O   . ARG A 1 51  ? -3.634  -14.057 7.803   1.00 7.11  ? 48   ARG A O   1 
ATOM   356  C  CB  . ARG A 1 51  ? -2.529  -16.881 6.307   1.00 7.98  ? 48   ARG A CB  1 
ATOM   357  C  CG  . ARG A 1 51  ? -1.707  -16.911 7.531   1.00 13.00 ? 48   ARG A CG  1 
ATOM   358  C  CD  . ARG A 1 51  ? -0.611  -17.940 7.367   1.00 16.48 ? 48   ARG A CD  1 
ATOM   359  N  NE  . ARG A 1 51  ? -1.160  -19.259 7.013   1.00 22.56 ? 48   ARG A NE  1 
ATOM   360  C  CZ  . ARG A 1 51  ? -0.951  -19.937 5.873   1.00 25.04 ? 48   ARG A CZ  1 
ATOM   361  N  NH1 . ARG A 1 51  ? -0.166  -19.466 4.899   1.00 26.37 ? 48   ARG A NH1 1 
ATOM   362  N  NH2 . ARG A 1 51  ? -1.534  -21.130 5.716   1.00 25.91 ? 48   ARG A NH2 1 
ATOM   363  N  N   . ASP A 1 52  ? -2.887  -13.789 5.721   1.00 6.12  ? 49   ASP A N   1 
ATOM   364  C  CA  . ASP A 1 52  ? -2.509  -12.408 5.930   1.00 7.05  ? 49   ASP A CA  1 
ATOM   365  C  C   . ASP A 1 52  ? -3.720  -11.514 6.253   1.00 7.06  ? 49   ASP A C   1 
ATOM   366  O  O   . ASP A 1 52  ? -3.631  -10.647 7.081   1.00 6.74  ? 49   ASP A O   1 
ATOM   367  C  CB  . ASP A 1 52  ? -1.718  -11.923 4.713   1.00 7.67  ? 49   ASP A CB  1 
ATOM   368  C  CG  . ASP A 1 52  ? -0.282  -12.486 4.681   1.00 10.49 ? 49   ASP A CG  1 
ATOM   369  O  OD1 . ASP A 1 52  ? 0.205   -13.030 5.712   1.00 13.50 ? 49   ASP A OD1 1 
ATOM   370  O  OD2 . ASP A 1 52  ? 0.374   -12.385 3.632   1.00 14.45 ? 49   ASP A OD2 1 
ATOM   371  N  N   . LEU A 1 53  ? -4.848  -11.731 5.581   1.00 6.39  ? 50   LEU A N   1 
ATOM   372  C  CA  . LEU A 1 53  ? -6.072  -11.002 5.899   1.00 6.22  ? 50   LEU A CA  1 
ATOM   373  C  C   . LEU A 1 53  ? -6.648  -11.332 7.276   1.00 6.80  ? 50   LEU A C   1 
ATOM   374  O  O   . LEU A 1 53  ? -7.160  -10.451 7.960   1.00 7.40  ? 50   LEU A O   1 
ATOM   375  C  CB  . LEU A 1 53  ? -7.113  -11.176 4.792   1.00 5.64  ? 50   LEU A CB  1 
ATOM   376  C  CG  . LEU A 1 53  ? -6.764  -10.536 3.448   1.00 5.86  ? 50   LEU A CG  1 
ATOM   377  C  CD1 . LEU A 1 53  ? -7.770  -10.929 2.413   1.00 5.40  ? 50   LEU A CD1 1 
ATOM   378  C  CD2 . LEU A 1 53  ? -6.601  -8.968  3.551   1.00 8.17  ? 50   LEU A CD2 1 
ATOM   379  N  N   . GLN A 1 54  ? -6.490  -12.567 7.725   1.00 7.99  ? 51   GLN A N   1 
ATOM   380  C  CA  . GLN A 1 54  ? -6.968  -12.964 9.073   1.00 8.08  ? 51   GLN A CA  1 
ATOM   381  C  C   . GLN A 1 54  ? -6.172  -12.254 10.163  1.00 6.87  ? 51   GLN A C   1 
ATOM   382  O  O   . GLN A 1 54  ? -6.730  -11.803 11.191  1.00 5.88  ? 51   GLN A O   1 
ATOM   383  C  CB  . GLN A 1 54  ? -6.877  -14.474 9.224   1.00 8.23  ? 51   GLN A CB  1 
ATOM   384  C  CG  . GLN A 1 54  ? -7.839  -15.210 8.333   1.00 8.63  ? 51   GLN A CG  1 
ATOM   385  C  CD  . GLN A 1 54  ? -7.654  -16.724 8.322   1.00 11.47 ? 51   GLN A CD  1 
ATOM   386  O  OE1 . GLN A 1 54  ? -6.564  -17.259 8.582   1.00 10.98 ? 51   GLN A OE1 1 
ATOM   387  N  NE2 . GLN A 1 54  ? -8.719  -17.417 8.007   1.00 11.28 ? 51   GLN A NE2 1 
ATOM   388  N  N   . THR A 1 55  ? -4.879  -12.145 9.911   1.00 7.33  ? 52   THR A N   1 
ATOM   389  C  CA  . THR A 1 55  ? -3.969  -11.447 10.788  1.00 7.24  ? 52   THR A CA  1 
ATOM   390  C  C   . THR A 1 55  ? -4.336  -9.968  10.898  1.00 7.69  ? 52   THR A C   1 
ATOM   391  O  O   . THR A 1 55  ? -4.364  -9.430  11.995  1.00 8.21  ? 52   THR A O   1 
ATOM   392  C  CB  . THR A 1 55  ? -2.471  -11.623 10.361  1.00 8.09  ? 52   THR A CB  1 
ATOM   393  O  OG1 . THR A 1 55  ? -2.107  -13.016 10.409  1.00 10.70 ? 52   THR A OG1 1 
ATOM   394  C  CG2 . THR A 1 55  ? -1.606  -10.861 11.302  1.00 6.23  ? 52   THR A CG2 1 
ATOM   395  N  N   . LEU A 1 56  ? -4.603  -9.291  9.781   1.00 7.44  ? 53   LEU A N   1 
ATOM   396  C  CA  . LEU A 1 56  ? -4.906  -7.852  9.859   1.00 7.85  ? 53   LEU A CA  1 
ATOM   397  C  C   . LEU A 1 56  ? -6.297  -7.585  10.406  1.00 8.03  ? 53   LEU A C   1 
ATOM   398  O  O   . LEU A 1 56  ? -6.519  -6.550  11.055  1.00 8.30  ? 53   LEU A O   1 
ATOM   399  C  CB  . LEU A 1 56  ? -4.651  -7.124  8.531   1.00 6.66  ? 53   LEU A CB  1 
ATOM   400  C  CG  . LEU A 1 56  ? -5.614  -7.147  7.345   1.00 9.95  ? 53   LEU A CG  1 
ATOM   401  C  CD1 . LEU A 1 56  ? -6.801  -6.149  7.556   1.00 10.64 ? 53   LEU A CD1 1 
ATOM   402  C  CD2 . LEU A 1 56  ? -4.874  -6.819  6.033   1.00 8.42  ? 53   LEU A CD2 1 
ATOM   403  N  N   . GLU A 1 57  ? -7.199  -8.539  10.198  1.00 8.38  ? 54   GLU A N   1 
ATOM   404  C  CA  . GLU A 1 57  ? -8.575  -8.446  10.704  1.00 10.10 ? 54   GLU A CA  1 
ATOM   405  C  C   . GLU A 1 57  ? -8.644  -8.162  12.193  1.00 9.70  ? 54   GLU A C   1 
ATOM   406  O  O   . GLU A 1 57  ? -9.496  -7.349  12.647  1.00 11.27 ? 54   GLU A O   1 
ATOM   407  C  CB  . GLU A 1 57  ? -9.366  -9.725  10.363  1.00 10.85 ? 54   GLU A CB  1 
ATOM   408  C  CG  . GLU A 1 57  ? -10.805 -9.677  10.827  1.00 12.68 ? 54   GLU A CG  1 
ATOM   409  C  CD  . GLU A 1 57  ? -11.631 -10.843 10.350  1.00 13.46 ? 54   GLU A CD  1 
ATOM   410  O  OE1 . GLU A 1 57  ? -11.212 -12.019 10.512  1.00 15.63 ? 54   GLU A OE1 1 
ATOM   411  O  OE2 . GLU A 1 57  ? -12.730 -10.570 9.848   1.00 11.41 ? 54   GLU A OE2 1 
ATOM   412  N  N   . VAL A 1 58  ? -7.769  -8.804  12.968  1.00 8.87  ? 55   VAL A N   1 
ATOM   413  C  CA  . VAL A 1 58  ? -7.837  -8.725  14.426  1.00 9.04  ? 55   VAL A CA  1 
ATOM   414  C  C   . VAL A 1 58  ? -7.006  -7.595  15.043  1.00 8.10  ? 55   VAL A C   1 
ATOM   415  O  O   . VAL A 1 58  ? -6.969  -7.438  16.273  1.00 6.93  ? 55   VAL A O   1 
ATOM   416  C  CB  . VAL A 1 58  ? -7.446  -10.074 15.080  1.00 9.83  ? 55   VAL A CB  1 
ATOM   417  C  CG1 . VAL A 1 58  ? -8.315  -11.178 14.519  1.00 10.93 ? 55   VAL A CG1 1 
ATOM   418  C  CG2 . VAL A 1 58  ? -5.956  -10.402 14.868  1.00 9.83  ? 55   VAL A CG2 1 
ATOM   419  N  N   . ASP A 1 59  ? -6.335  -6.812  14.201  1.00 6.70  ? 56   ASP A N   1 
ATOM   420  C  CA  . ASP A 1 59  ? -5.573  -5.647  14.655  1.00 6.20  ? 56   ASP A CA  1 
ATOM   421  C  C   . ASP A 1 59  ? -6.386  -4.352  14.435  1.00 6.56  ? 56   ASP A C   1 
ATOM   422  O  O   . ASP A 1 59  ? -6.580  -3.935  13.286  1.00 5.55  ? 56   ASP A O   1 
ATOM   423  C  CB  . ASP A 1 59  ? -4.233  -5.602  13.935  1.00 7.07  ? 56   ASP A CB  1 
ATOM   424  C  CG  . ASP A 1 59  ? -3.345  -4.461  14.392  1.00 6.86  ? 56   ASP A CG  1 
ATOM   425  O  OD1 . ASP A 1 59  ? -3.799  -3.571  15.189  1.00 5.88  ? 56   ASP A OD1 1 
ATOM   426  O  OD2 . ASP A 1 59  ? -2.159  -4.487  13.965  1.00 7.04  ? 56   ASP A OD2 1 
ATOM   427  N  N   . PRO A 1 60  ? -6.873  -3.716  15.538  1.00 6.03  ? 57   PRO A N   1 
ATOM   428  C  CA  . PRO A 1 60  ? -7.748  -2.515  15.408  1.00 6.81  ? 57   PRO A CA  1 
ATOM   429  C  C   . PRO A 1 60  ? -7.074  -1.311  14.776  1.00 6.20  ? 57   PRO A C   1 
ATOM   430  O  O   . PRO A 1 60  ? -7.754  -0.352  14.375  1.00 6.48  ? 57   PRO A O   1 
ATOM   431  C  CB  . PRO A 1 60  ? -8.140  -2.186  16.851  1.00 6.77  ? 57   PRO A CB  1 
ATOM   432  C  CG  . PRO A 1 60  ? -7.123  -2.909  17.711  1.00 7.57  ? 57   PRO A CG  1 
ATOM   433  C  CD  . PRO A 1 60  ? -6.539  -4.017  16.948  1.00 6.64  ? 57   PRO A CD  1 
ATOM   434  N  N   . ARG A 1 61  ? -5.737  -1.356  14.722  1.00 5.05  ? 58   ARG A N   1 
ATOM   435  C  CA  . ARG A 1 61  ? -4.954  -0.283  14.156  1.00 5.54  ? 58   ARG A CA  1 
ATOM   436  C  C   . ARG A 1 61  ? -4.441  -0.465  12.705  1.00 4.22  ? 58   ARG A C   1 
ATOM   437  O  O   . ARG A 1 61  ? -3.806  0.439   12.168  1.00 5.49  ? 58   ARG A O   1 
ATOM   438  C  CB  . ARG A 1 61  ? -3.843  0.058   15.108  1.00 5.03  ? 58   ARG A CB  1 
ATOM   439  C  CG  . ARG A 1 61  ? -4.389  0.666   16.390  1.00 7.44  ? 58   ARG A CG  1 
ATOM   440  C  CD  . ARG A 1 61  ? -3.415  1.603   16.937  1.00 13.03 ? 58   ARG A CD  1 
ATOM   441  N  NE  . ARG A 1 61  ? -2.277  0.896   17.489  1.00 17.19 ? 58   ARG A NE  1 
ATOM   442  C  CZ  . ARG A 1 61  ? -2.255  0.330   18.684  1.00 22.50 ? 58   ARG A CZ  1 
ATOM   443  N  NH1 . ARG A 1 61  ? -1.133  -0.273  19.088  1.00 22.97 ? 58   ARG A NH1 1 
ATOM   444  N  NH2 . ARG A 1 61  ? -3.341  0.359   19.479  1.00 23.22 ? 58   ARG A NH2 1 
ATOM   445  N  N   . ARG A 1 62  ? -4.727  -1.591  12.079  1.00 5.31  ? 59   ARG A N   1 
ATOM   446  C  CA  . ARG A 1 62  ? -4.413  -1.779  10.662  1.00 5.90  ? 59   ARG A CA  1 
ATOM   447  C  C   . ARG A 1 62  ? -5.487  -1.065  9.856   1.00 5.89  ? 59   ARG A C   1 
ATOM   448  O  O   . ARG A 1 62  ? -6.681  -1.069  10.207  1.00 6.16  ? 59   ARG A O   1 
ATOM   449  C  CB  . ARG A 1 62  ? -4.380  -3.272  10.254  1.00 6.14  ? 59   ARG A CB  1 
ATOM   450  C  CG  . ARG A 1 62  ? -3.118  -4.045  10.663  1.00 6.20  ? 59   ARG A CG  1 
ATOM   451  C  CD  . ARG A 1 62  ? -1.849  -3.814  9.792   1.00 7.37  ? 59   ARG A CD  1 
ATOM   452  N  NE  . ARG A 1 62  ? -1.818  -4.552  8.497   1.00 4.55  ? 59   ARG A NE  1 
ATOM   453  C  CZ  . ARG A 1 62  ? -1.485  -5.825  8.338   1.00 4.93  ? 59   ARG A CZ  1 
ATOM   454  N  NH1 . ARG A 1 62  ? -1.462  -6.346  7.112   1.00 5.15  ? 59   ARG A NH1 1 
ATOM   455  N  NH2 . ARG A 1 62  ? -1.145  -6.599  9.383   1.00 3.87  ? 59   ARG A NH2 1 
ATOM   456  N  N   . ARG A 1 63  ? -5.039  -0.400  8.789   1.00 5.24  ? 60   ARG A N   1 
ATOM   457  C  CA  . ARG A 1 63  ? -5.921  0.263   7.849   1.00 3.75  ? 60   ARG A CA  1 
ATOM   458  C  C   . ARG A 1 63  ? -5.553  -0.213  6.453   1.00 4.22  ? 60   ARG A C   1 
ATOM   459  O  O   . ARG A 1 63  ? -4.559  0.272   5.861   1.00 5.10  ? 60   ARG A O   1 
ATOM   460  C  CB  . ARG A 1 63  ? -5.805  1.770   7.937   1.00 3.92  ? 60   ARG A CB  1 
ATOM   461  C  CG  . ARG A 1 63  ? -6.341  2.381   9.264   1.00 3.90  ? 60   ARG A CG  1 
ATOM   462  C  CD  . ARG A 1 63  ? -7.859  2.281   9.445   1.00 5.01  ? 60   ARG A CD  1 
ATOM   463  N  NE  . ARG A 1 63  ? -8.289  2.855   10.751  1.00 5.07  ? 60   ARG A NE  1 
ATOM   464  C  CZ  . ARG A 1 63  ? -8.243  2.212   11.921  1.00 5.10  ? 60   ARG A CZ  1 
ATOM   465  N  NH1 . ARG A 1 63  ? -8.667  2.827   13.044  1.00 6.37  ? 60   ARG A NH1 1 
ATOM   466  N  NH2 . ARG A 1 63  ? -7.724  0.982   12.003  1.00 8.38  ? 60   ARG A NH2 1 
ATOM   467  N  N   . ALA A 1 64  ? -6.296  -1.199  5.968   1.00 4.09  ? 61   ALA A N   1 
ATOM   468  C  CA  . ALA A 1 64  ? -6.002  -1.803  4.679   1.00 4.14  ? 61   ALA A CA  1 
ATOM   469  C  C   . ALA A 1 64  ? -7.225  -1.759  3.777   1.00 4.30  ? 61   ALA A C   1 
ATOM   470  O  O   . ALA A 1 64  ? -8.362  -1.968  4.258   1.00 3.87  ? 61   ALA A O   1 
ATOM   471  C  CB  . ALA A 1 64  ? -5.488  -3.283  4.850   1.00 4.51  ? 61   ALA A CB  1 
ATOM   472  N  N   . PHE A 1 65  ? -6.975  -1.491  2.489   1.00 4.14  ? 62   PHE A N   1 
ATOM   473  C  CA  . PHE A 1 65  ? -8.034  -1.223  1.509   1.00 3.90  ? 62   PHE A CA  1 
ATOM   474  C  C   . PHE A 1 65  ? -7.751  -1.879  0.184   1.00 4.18  ? 62   PHE A C   1 
ATOM   475  O  O   . PHE A 1 65  ? -6.617  -1.799  -0.334  1.00 4.82  ? 62   PHE A O   1 
ATOM   476  C  CB  . PHE A 1 65  ? -8.128  0.284   1.240   1.00 5.18  ? 62   PHE A CB  1 
ATOM   477  C  CG  . PHE A 1 65  ? -8.263  1.104   2.464   1.00 5.83  ? 62   PHE A CG  1 
ATOM   478  C  CD1 . PHE A 1 65  ? -9.532  1.450   2.968   1.00 5.59  ? 62   PHE A CD1 1 
ATOM   479  C  CD2 . PHE A 1 65  ? -7.117  1.524   3.132   1.00 2.94  ? 62   PHE A CD2 1 
ATOM   480  C  CE1 . PHE A 1 65  ? -9.647  2.228   4.129   1.00 6.13  ? 62   PHE A CE1 1 
ATOM   481  C  CE2 . PHE A 1 65  ? -7.223  2.294   4.294   1.00 5.51  ? 62   PHE A CE2 1 
ATOM   482  C  CZ  . PHE A 1 65  ? -8.496  2.619   4.807   1.00 4.11  ? 62   PHE A CZ  1 
ATOM   483  N  N   . LEU A 1 66  ? -8.777  -2.492  -0.414  1.00 3.56  ? 63   LEU A N   1 
ATOM   484  C  CA  . LEU A 1 66  ? -8.775  -2.666  -1.853  1.00 3.92  ? 63   LEU A CA  1 
ATOM   485  C  C   . LEU A 1 66  ? -9.106  -1.333  -2.563  1.00 5.01  ? 63   LEU A C   1 
ATOM   486  O  O   . LEU A 1 66  ? -9.973  -0.577  -2.106  1.00 8.36  ? 63   LEU A O   1 
ATOM   487  C  CB  . LEU A 1 66  ? -9.773  -3.741  -2.266  1.00 3.71  ? 63   LEU A CB  1 
ATOM   488  C  CG  . LEU A 1 66  ? -9.250  -5.156  -2.398  1.00 5.38  ? 63   LEU A CG  1 
ATOM   489  C  CD1 . LEU A 1 66  ? -10.479 -6.026  -2.653  1.00 5.02  ? 63   LEU A CD1 1 
ATOM   490  C  CD2 . LEU A 1 66  ? -8.208  -5.355  -3.537  1.00 6.82  ? 63   LEU A CD2 1 
ATOM   491  N  N   . LEU A 1 67  ? -8.415  -1.053  -3.656  1.00 6.00  ? 64   LEU A N   1 
ATOM   492  C  CA  . LEU A 1 67  ? -8.581  0.188   -4.450  1.00 5.43  ? 64   LEU A CA  1 
ATOM   493  C  C   . LEU A 1 67  ? -9.404  -0.114  -5.666  1.00 6.54  ? 64   LEU A C   1 
ATOM   494  O  O   . LEU A 1 67  ? -9.078  -1.024  -6.431  1.00 6.51  ? 64   LEU A O   1 
ATOM   495  C  CB  . LEU A 1 67  ? -7.215  0.811   -4.782  1.00 5.41  ? 64   LEU A CB  1 
ATOM   496  C  CG  . LEU A 1 67  ? -6.249  1.021   -3.618  1.00 3.80  ? 64   LEU A CG  1 
ATOM   497  C  CD1 . LEU A 1 67  ? -4.925  1.631   -4.108  1.00 7.84  ? 64   LEU A CD1 1 
ATOM   498  C  CD2 . LEU A 1 67  ? -6.845  1.885   -2.528  1.00 5.13  ? 64   LEU A CD2 1 
ATOM   499  N  N   . PHE A 1 68  ? -10.542 0.583   -5.789  1.00 6.26  ? 65   PHE A N   1 
ATOM   500  C  CA  . PHE A 1 68  ? -11.525 0.254   -6.816  1.00 6.20  ? 65   PHE A CA  1 
ATOM   501  C  C   . PHE A 1 68  ? -11.711 1.399   -7.780  1.00 5.35  ? 65   PHE A C   1 
ATOM   502  O  O   . PHE A 1 68  ? -11.826 2.544   -7.384  1.00 5.89  ? 65   PHE A O   1 
ATOM   503  C  CB  . PHE A 1 68  ? -12.897 -0.117  -6.216  1.00 6.49  ? 65   PHE A CB  1 
ATOM   504  C  CG  . PHE A 1 68  ? -13.000 -1.566  -5.741  1.00 7.61  ? 65   PHE A CG  1 
ATOM   505  C  CD1 . PHE A 1 68  ? -13.299 -2.608  -6.624  1.00 7.93  ? 65   PHE A CD1 1 
ATOM   506  C  CD2 . PHE A 1 68  ? -12.839 -1.866  -4.392  1.00 9.22  ? 65   PHE A CD2 1 
ATOM   507  C  CE1 . PHE A 1 68  ? -13.409 -3.939  -6.177  1.00 7.07  ? 65   PHE A CE1 1 
ATOM   508  C  CE2 . PHE A 1 68  ? -12.982 -3.214  -3.904  1.00 8.55  ? 65   PHE A CE2 1 
ATOM   509  C  CZ  . PHE A 1 68  ? -13.236 -4.244  -4.793  1.00 10.27 ? 65   PHE A CZ  1 
ATOM   510  N  N   . LEU A 1 69  ? -11.802 1.056   -9.048  1.00 5.55  ? 66   LEU A N   1 
ATOM   511  C  CA  . LEU A 1 69  ? -12.405 1.990   -10.044 1.00 5.82  ? 66   LEU A CA  1 
ATOM   512  C  C   . LEU A 1 69  ? -13.721 1.347   -10.461 1.00 7.13  ? 66   LEU A C   1 
ATOM   513  O  O   . LEU A 1 69  ? -13.741 0.383   -11.242 1.00 6.98  ? 66   LEU A O   1 
ATOM   514  C  CB  . LEU A 1 69  ? -11.480 2.213   -11.235 1.00 6.18  ? 66   LEU A CB  1 
ATOM   515  C  CG  . LEU A 1 69  ? -10.263 3.127   -11.036 1.00 6.11  ? 66   LEU A CG  1 
ATOM   516  C  CD1 . LEU A 1 69  ? -9.399  3.140   -12.280 1.00 8.66  ? 66   LEU A CD1 1 
ATOM   517  C  CD2 . LEU A 1 69  ? -10.634 4.554   -10.606 1.00 6.14  ? 66   LEU A CD2 1 
ATOM   518  N  N   . GLY A 1 70  ? -14.822 1.873   -9.933  1.00 7.67  ? 67   GLY A N   1 
ATOM   519  C  CA  . GLY A 1 70  ? -16.133 1.231   -10.099 1.00 8.90  ? 67   GLY A CA  1 
ATOM   520  C  C   . GLY A 1 70  ? -16.076 -0.141  -9.443  1.00 9.01  ? 67   GLY A C   1 
ATOM   521  O  O   . GLY A 1 70  ? -15.758 -0.225  -8.266  1.00 9.17  ? 67   GLY A O   1 
ATOM   522  N  N   . GLN A 1 71  ? -16.346 -1.196  -10.219 1.00 9.76  ? 68   GLN A N   1 
ATOM   523  C  CA  . GLN A 1 71  ? -16.292 -2.591  -9.740  1.00 11.47 ? 68   GLN A CA  1 
ATOM   524  C  C   . GLN A 1 71  ? -14.950 -3.291  -9.903  1.00 10.78 ? 68   GLN A C   1 
ATOM   525  O  O   . GLN A 1 71  ? -14.804 -4.464  -9.525  1.00 10.21 ? 68   GLN A O   1 
ATOM   526  C  CB  . GLN A 1 71  ? -17.332 -3.445  -10.486 1.00 12.65 ? 68   GLN A CB  1 
ATOM   527  C  CG  . GLN A 1 71  ? -18.730 -3.063  -10.156 1.00 16.51 ? 68   GLN A CG  1 
ATOM   528  C  CD  . GLN A 1 71  ? -19.007 -3.207  -8.681  1.00 21.09 ? 68   GLN A CD  1 
ATOM   529  O  OE1 . GLN A 1 71  ? -18.925 -2.227  -7.930  1.00 26.42 ? 68   GLN A OE1 1 
ATOM   530  N  NE2 . GLN A 1 71  ? -19.312 -4.437  -8.239  1.00 23.54 ? 68   GLN A NE2 1 
ATOM   531  N  N   . GLU A 1 72  ? -13.973 -2.601  -10.477 1.00 10.04 ? 69   GLU A N   1 
ATOM   532  C  CA  . GLU A 1 72  ? -12.720 -3.246  -10.808 1.00 10.01 ? 69   GLU A CA  1 
ATOM   533  C  C   . GLU A 1 72  ? -11.685 -2.981  -9.735  1.00 8.01  ? 69   GLU A C   1 
ATOM   534  O  O   . GLU A 1 72  ? -11.388 -1.823  -9.459  1.00 7.67  ? 69   GLU A O   1 
ATOM   535  C  CB  . GLU A 1 72  ? -12.222 -2.744  -12.162 1.00 10.08 ? 69   GLU A CB  1 
ATOM   536  C  CG  . GLU A 1 72  ? -11.078 -3.601  -12.753 1.00 12.40 ? 69   GLU A CG  1 
ATOM   537  C  CD  . GLU A 1 72  ? -11.501 -5.025  -13.165 1.00 15.32 ? 69   GLU A CD  1 
ATOM   538  O  OE1 . GLU A 1 72  ? -12.715 -5.298  -13.342 1.00 16.80 ? 69   GLU A OE1 1 
ATOM   539  O  OE2 . GLU A 1 72  ? -10.597 -5.883  -13.315 1.00 17.06 ? 69   GLU A OE2 1 
ATOM   540  N  N   . PRO A 1 73  ? -11.137 -4.056  -9.114  1.00 7.40  ? 70   PRO A N   1 
ATOM   541  C  CA  . PRO A 1 73  ? -10.059 -3.874  -8.137  1.00 7.06  ? 70   PRO A CA  1 
ATOM   542  C  C   . PRO A 1 73  ? -8.757  -3.590  -8.850  1.00 6.62  ? 70   PRO A C   1 
ATOM   543  O  O   . PRO A 1 73  ? -8.303  -4.436  -9.658  1.00 7.45  ? 70   PRO A O   1 
ATOM   544  C  CB  . PRO A 1 73  ? -9.996  -5.215  -7.422  1.00 6.95  ? 70   PRO A CB  1 
ATOM   545  C  CG  . PRO A 1 73  ? -10.565 -6.185  -8.354  1.00 9.49  ? 70   PRO A CG  1 
ATOM   546  C  CD  . PRO A 1 73  ? -11.437 -5.482  -9.350  1.00 7.86  ? 70   PRO A CD  1 
ATOM   547  N  N   . VAL A 1 74  ? -8.146  -2.442  -8.547  1.00 6.09  ? 71   VAL A N   1 
ATOM   548  C  CA  . VAL A 1 74  ? -6.990  -1.957  -9.277  1.00 4.70  ? 71   VAL A CA  1 
ATOM   549  C  C   . VAL A 1 74  ? -5.794  -1.654  -8.374  1.00 4.59  ? 71   VAL A C   1 
ATOM   550  O  O   . VAL A 1 74  ? -4.780  -1.145  -8.832  1.00 4.44  ? 71   VAL A O   1 
ATOM   551  C  CB  . VAL A 1 74  ? -7.301  -0.657  -10.128 1.00 4.88  ? 71   VAL A CB  1 
ATOM   552  C  CG1 . VAL A 1 74  ? -8.402  -0.924  -11.135 1.00 6.13  ? 71   VAL A CG1 1 
ATOM   553  C  CG2 . VAL A 1 74  ? -7.663  0.525   -9.221  1.00 5.58  ? 71   VAL A CG2 1 
ATOM   554  N  N   . GLY A 1 75  ? -5.879  -2.040  -7.116  1.00 3.69  ? 72   GLY A N   1 
ATOM   555  C  CA  . GLY A 1 75  ? -4.715  -1.884  -6.232  1.00 2.97  ? 72   GLY A CA  1 
ATOM   556  C  C   . GLY A 1 75  ? -5.045  -2.222  -4.806  1.00 2.76  ? 72   GLY A C   1 
ATOM   557  O  O   . GLY A 1 75  ? -6.156  -2.699  -4.496  1.00 2.30  ? 72   GLY A O   1 
ATOM   558  N  N   . TYR A 1 76  ? -4.086  -1.928  -3.932  1.00 2.80  ? 73   TYR A N   1 
ATOM   559  C  CA  . TYR A 1 76  ? -4.137  -2.320  -2.525  1.00 3.63  ? 73   TYR A CA  1 
ATOM   560  C  C   . TYR A 1 76  ? -3.295  -1.331  -1.732  1.00 3.04  ? 73   TYR A C   1 
ATOM   561  O  O   . TYR A 1 76  ? -2.230  -0.939  -2.192  1.00 4.28  ? 73   TYR A O   1 
ATOM   562  C  CB  . TYR A 1 76  ? -3.591  -3.728  -2.352  1.00 3.12  ? 73   TYR A CB  1 
ATOM   563  C  CG  . TYR A 1 76  ? -3.605  -4.223  -0.938  1.00 3.58  ? 73   TYR A CG  1 
ATOM   564  C  CD1 . TYR A 1 76  ? -4.806  -4.441  -0.269  1.00 4.13  ? 73   TYR A CD1 1 
ATOM   565  C  CD2 . TYR A 1 76  ? -2.404  -4.516  -0.264  1.00 5.04  ? 73   TYR A CD2 1 
ATOM   566  C  CE1 . TYR A 1 76  ? -4.836  -4.923  1.056   1.00 4.42  ? 73   TYR A CE1 1 
ATOM   567  C  CE2 . TYR A 1 76  ? -2.426  -4.991  1.043   1.00 7.12  ? 73   TYR A CE2 1 
ATOM   568  C  CZ  . TYR A 1 76  ? -3.655  -5.184  1.710   1.00 4.64  ? 73   TYR A CZ  1 
ATOM   569  O  OH  . TYR A 1 76  ? -3.653  -5.657  3.019   1.00 6.71  ? 73   TYR A OH  1 
ATOM   570  N  N   . LEU A 1 77  ? -3.769  -0.916  -0.557  1.00 4.92  ? 74   LEU A N   1 
ATOM   571  C  CA  . LEU A 1 77  ? -3.053  0.011   0.314   1.00 3.97  ? 74   LEU A CA  1 
ATOM   572  C  C   . LEU A 1 77  ? -3.137  -0.546  1.741   1.00 3.41  ? 74   LEU A C   1 
ATOM   573  O  O   . LEU A 1 77  ? -4.211  -0.919  2.194   1.00 2.47  ? 74   LEU A O   1 
ATOM   574  C  CB  . LEU A 1 77  ? -3.631  1.436   0.221   1.00 4.62  ? 74   LEU A CB  1 
ATOM   575  C  CG  . LEU A 1 77  ? -3.021  2.594   1.055   1.00 3.97  ? 74   LEU A CG  1 
ATOM   576  C  CD1 . LEU A 1 77  ? -3.272  3.959   0.391   1.00 4.77  ? 74   LEU A CD1 1 
ATOM   577  C  CD2 . LEU A 1 77  ? -3.544  2.581   2.535   1.00 5.99  ? 74   LEU A CD2 1 
ATOM   578  N  N   . ASP A 1 78  ? -1.991  -0.621  2.428   1.00 3.47  ? 75   ASP A N   1 
ATOM   579  C  CA  . ASP A 1 78  ? -1.939  -1.274  3.778   1.00 4.93  ? 75   ASP A CA  1 
ATOM   580  C  C   . ASP A 1 78  ? -1.094  -0.389  4.641   1.00 4.23  ? 75   ASP A C   1 
ATOM   581  O  O   . ASP A 1 78  ? 0.048   -0.129  4.301   1.00 6.02  ? 75   ASP A O   1 
ATOM   582  C  CB  . ASP A 1 78  ? -1.344  -2.712  3.662   1.00 5.18  ? 75   ASP A CB  1 
ATOM   583  C  CG  . ASP A 1 78  ? -1.579  -3.596  4.910   1.00 5.65  ? 75   ASP A CG  1 
ATOM   584  O  OD1 . ASP A 1 78  ? -1.701  -3.082  6.065   1.00 3.40  ? 75   ASP A OD1 1 
ATOM   585  O  OD2 . ASP A 1 78  ? -1.627  -4.836  4.742   1.00 5.56  ? 75   ASP A OD2 1 
ATOM   586  N  N   . ALA A 1 79  ? -1.665  0.083   5.734   1.00 4.51  ? 76   ALA A N   1 
ATOM   587  C  CA  . ALA A 1 79  ? -0.976  0.927   6.720   1.00 3.58  ? 76   ALA A CA  1 
ATOM   588  C  C   . ALA A 1 79  ? -1.281  0.464   8.154   1.00 4.12  ? 76   ALA A C   1 
ATOM   589  O  O   . ALA A 1 79  ? -2.249  -0.274  8.423   1.00 3.62  ? 76   ALA A O   1 
ATOM   590  C  CB  . ALA A 1 79  ? -1.373  2.374   6.499   1.00 3.90  ? 76   ALA A CB  1 
ATOM   591  N  N   . LYS A 1 80  ? -0.431  0.880   9.071   1.00 5.62  ? 77   LYS A N   1 
ATOM   592  C  CA  . LYS A 1 80  ? -0.569  0.617   10.513  1.00 5.47  ? 77   LYS A CA  1 
ATOM   593  C  C   . LYS A 1 80  ? -0.500  1.955   11.289  1.00 5.84  ? 77   LYS A C   1 
ATOM   594  O  O   . LYS A 1 80  ? 0.521   2.671   11.239  1.00 5.76  ? 77   LYS A O   1 
ATOM   595  C  CB  . LYS A 1 80  ? 0.583   -0.283  11.005  1.00 6.57  ? 77   LYS A CB  1 
ATOM   596  C  CG  . LYS A 1 80  ? 0.564   -0.637  12.489  1.00 8.17  ? 77   LYS A CG  1 
ATOM   597  C  CD  . LYS A 1 80  ? -0.707  -1.337  12.892  1.00 10.46 ? 77   LYS A CD  1 
ATOM   598  C  CE  . LYS A 1 80  ? -0.738  -1.631  14.379  1.00 12.31 ? 77   LYS A CE  1 
ATOM   599  N  NZ  . LYS A 1 80  ? 0.032   -2.867  14.714  1.00 11.14 ? 77   LYS A NZ  1 
ATOM   600  N  N   . LEU A 1 81  ? -1.572  2.277   12.004  1.00 6.69  ? 78   LEU A N   1 
ATOM   601  C  CA  . LEU A 1 81  ? -1.576  3.413   12.939  1.00 5.38  ? 78   LEU A CA  1 
ATOM   602  C  C   . LEU A 1 81  ? -0.812  3.034   14.222  1.00 6.27  ? 78   LEU A C   1 
ATOM   603  O  O   . LEU A 1 81  ? -0.921  1.914   14.711  1.00 6.38  ? 78   LEU A O   1 
ATOM   604  C  CB  . LEU A 1 81  ? -3.018  3.798   13.282  1.00 6.84  ? 78   LEU A CB  1 
ATOM   605  C  CG  . LEU A 1 81  ? -4.001  4.076   12.141  1.00 7.14  ? 78   LEU A CG  1 
ATOM   606  C  CD1 . LEU A 1 81  ? -5.413  4.413   12.707  1.00 5.36  ? 78   LEU A CD1 1 
ATOM   607  C  CD2 . LEU A 1 81  ? -3.430  5.215   11.280  1.00 11.42 ? 78   LEU A CD2 1 
ATOM   608  N  N   . GLY A 1 82  ? -0.081  3.985   14.811  1.00 7.48  ? 79   GLY A N   1 
ATOM   609  C  CA  . GLY A 1 82  ? 0.554   3.735   16.095  1.00 8.65  ? 79   GLY A CA  1 
ATOM   610  C  C   . GLY A 1 82  ? 1.928   3.082   15.979  1.00 9.16  ? 79   GLY A C   1 
ATOM   611  O  O   . GLY A 1 82  ? 2.478   2.625   16.996  1.00 9.36  ? 79   GLY A O   1 
ATOM   612  N  N   . TYR A 1 83  ? 2.480   3.060   14.763  1.00 8.71  ? 80   TYR A N   1 
ATOM   613  C  CA  . TYR A 1 83  ? 3.828   2.557   14.495  1.00 9.09  ? 80   TYR A CA  1 
ATOM   614  C  C   . TYR A 1 83  ? 4.540   3.623   13.628  1.00 9.82  ? 80   TYR A C   1 
ATOM   615  O  O   . TYR A 1 83  ? 3.978   4.065   12.632  1.00 9.15  ? 80   TYR A O   1 
ATOM   616  C  CB  . TYR A 1 83  ? 3.818   1.192   13.765  1.00 8.93  ? 80   TYR A CB  1 
ATOM   617  C  CG  . TYR A 1 83  ? 5.202   0.585   13.690  1.00 10.27 ? 80   TYR A CG  1 
ATOM   618  C  CD1 . TYR A 1 83  ? 5.678   -0.248  14.691  1.00 11.66 ? 80   TYR A CD1 1 
ATOM   619  C  CD2 . TYR A 1 83  ? 6.052   0.909   12.668  1.00 9.19  ? 80   TYR A CD2 1 
ATOM   620  C  CE1 . TYR A 1 83  ? 6.978   -0.740  14.643  1.00 12.72 ? 80   TYR A CE1 1 
ATOM   621  C  CE2 . TYR A 1 83  ? 7.323   0.444   12.625  1.00 10.52 ? 80   TYR A CE2 1 
ATOM   622  C  CZ  . TYR A 1 83  ? 7.787   -0.393  13.592  1.00 12.62 ? 80   TYR A CZ  1 
ATOM   623  O  OH  . TYR A 1 83  ? 9.095   -0.847  13.491  1.00 16.30 ? 80   TYR A OH  1 
ATOM   624  N  N   . PRO A 1 84  ? 5.788   3.988   13.960  1.00 10.80 ? 81   PRO A N   1 
ATOM   625  C  CA  . PRO A 1 84  ? 6.658   3.462   14.989  1.00 12.26 ? 81   PRO A CA  1 
ATOM   626  C  C   . PRO A 1 84  ? 6.311   3.978   16.376  1.00 12.70 ? 81   PRO A C   1 
ATOM   627  O  O   . PRO A 1 84  ? 6.678   3.342   17.386  1.00 14.61 ? 81   PRO A O   1 
ATOM   628  C  CB  . PRO A 1 84  ? 8.061   3.954   14.577  1.00 11.95 ? 81   PRO A CB  1 
ATOM   629  C  CG  . PRO A 1 84  ? 7.832   5.124   13.688  1.00 12.16 ? 81   PRO A CG  1 
ATOM   630  C  CD  . PRO A 1 84  ? 6.472   4.968   13.085  1.00 11.84 ? 81   PRO A CD  1 
ATOM   631  N  N   . GLU A 1 85  ? 5.640   5.122   16.440  1.00 12.63 ? 82   GLU A N   1 
ATOM   632  C  CA  . GLU A 1 85  ? 5.142   5.657   17.694  1.00 13.21 ? 82   GLU A CA  1 
ATOM   633  C  C   . GLU A 1 85  ? 3.623   5.812   17.682  1.00 12.70 ? 82   GLU A C   1 
ATOM   634  O  O   . GLU A 1 85  ? 3.014   5.928   16.634  1.00 10.92 ? 82   GLU A O   1 
ATOM   635  C  CB  . GLU A 1 85  ? 5.774   7.020   17.967  1.00 14.17 ? 82   GLU A CB  1 
ATOM   636  C  CG  . GLU A 1 85  ? 7.290   6.997   17.803  1.00 17.84 ? 82   GLU A CG  1 
ATOM   637  C  CD  . GLU A 1 85  ? 8.006   7.105   19.095  1.00 23.38 ? 82   GLU A CD  1 
ATOM   638  O  OE1 . GLU A 1 85  ? 8.033   8.235   19.643  1.00 28.13 ? 82   GLU A OE1 1 
ATOM   639  O  OE2 . GLU A 1 85  ? 8.553   6.076   19.560  1.00 28.62 ? 82   GLU A OE2 1 
ATOM   640  N  N   . ALA A 1 86  ? 3.059   5.835   18.894  1.00 11.65 ? 83   ALA A N   1 
ATOM   641  C  CA  . ALA A 1 86  ? 1.631   5.893   19.137  1.00 11.52 ? 83   ALA A CA  1 
ATOM   642  C  C   . ALA A 1 86  ? 0.927   6.954   18.299  1.00 11.13 ? 83   ALA A C   1 
ATOM   643  O  O   . ALA A 1 86  ? -0.205  6.717   17.854  1.00 11.40 ? 83   ALA A O   1 
ATOM   644  C  CB  . ALA A 1 86  ? 1.377   6.181   20.653  1.00 10.54 ? 83   ALA A CB  1 
ATOM   645  N  N   . GLU A 1 87  ? 1.594   8.115   18.121  1.00 10.32 ? 84   GLU A N   1 
ATOM   646  C  CA  . GLU A 1 87  ? 1.026   9.285   17.410  1.00 10.22 ? 84   GLU A CA  1 
ATOM   647  C  C   . GLU A 1 87  ? 1.185   9.284   15.887  1.00 9.43  ? 84   GLU A C   1 
ATOM   648  O  O   . GLU A 1 87  ? 0.667   10.187  15.210  1.00 8.82  ? 84   GLU A O   1 
ATOM   649  C  CB  . GLU A 1 87  ? 1.685   10.563  17.899  1.00 11.46 ? 84   GLU A CB  1 
ATOM   650  C  CG  . GLU A 1 87  ? 1.682   10.713  19.400  1.00 13.31 ? 84   GLU A CG  1 
ATOM   651  C  CD  . GLU A 1 87  ? 2.889   10.095  20.103  1.00 15.96 ? 84   GLU A CD  1 
ATOM   652  O  OE1 . GLU A 1 87  ? 3.413   9.052   19.639  1.00 17.55 ? 84   GLU A OE1 1 
ATOM   653  O  OE2 . GLU A 1 87  ? 3.295   10.657  21.153  1.00 20.22 ? 84   GLU A OE2 1 
ATOM   654  N  N   . ASP A 1 88  ? 1.952   8.321   15.368  1.00 7.95  ? 85   ASP A N   1 
ATOM   655  C  CA  . ASP A 1 88  ? 2.249   8.247   13.928  1.00 7.31  ? 85   ASP A CA  1 
ATOM   656  C  C   . ASP A 1 88  ? 1.523   7.103   13.228  1.00 6.44  ? 85   ASP A C   1 
ATOM   657  O  O   . ASP A 1 88  ? 0.694   6.396   13.830  1.00 8.28  ? 85   ASP A O   1 
ATOM   658  C  CB  . ASP A 1 88  ? 3.760   8.093   13.725  1.00 6.55  ? 85   ASP A CB  1 
ATOM   659  C  CG  . ASP A 1 88  ? 4.541   9.110   14.482  1.00 9.36  ? 85   ASP A CG  1 
ATOM   660  O  OD1 . ASP A 1 88  ? 4.004   10.203  14.719  1.00 12.15 ? 85   ASP A OD1 1 
ATOM   661  O  OD2 . ASP A 1 88  ? 5.682   8.814   14.834  1.00 12.13 ? 85   ASP A OD2 1 
ATOM   662  N  N   . ALA A 1 89  ? 1.815   6.962   11.934  1.00 4.11  ? 86   ALA A N   1 
ATOM   663  C  CA  . ALA A 1 89  ? 1.293   5.871   11.079  1.00 3.03  ? 86   ALA A CA  1 
ATOM   664  C  C   . ALA A 1 89  ? 2.385   5.481   10.107  1.00 2.29  ? 86   ALA A C   1 
ATOM   665  O  O   . ALA A 1 89  ? 3.240   6.298   9.796   1.00 2.00  ? 86   ALA A O   1 
ATOM   666  C  CB  . ALA A 1 89  ? 0.022   6.334   10.304  1.00 2.30  ? 86   ALA A CB  1 
ATOM   667  N  N   . THR A 1 90  ? 2.300   4.258   9.538   1.00 2.93  ? 87   THR A N   1 
ATOM   668  C  CA  . THR A 1 90  ? 3.309   3.816   8.585   1.00 2.36  ? 87   THR A CA  1 
ATOM   669  C  C   . THR A 1 90  ? 2.587   3.092   7.496   1.00 2.76  ? 87   THR A C   1 
ATOM   670  O  O   . THR A 1 90  ? 1.756   2.222   7.764   1.00 3.41  ? 87   THR A O   1 
ATOM   671  C  CB  . THR A 1 90  ? 4.335   2.848   9.222   1.00 2.00  ? 87   THR A CB  1 
ATOM   672  O  OG1 . THR A 1 90  ? 5.095   3.525   10.222  1.00 2.27  ? 87   THR A OG1 1 
ATOM   673  C  CG2 . THR A 1 90  ? 5.293   2.225   8.188   1.00 5.06  ? 87   THR A CG2 1 
ATOM   674  N  N   . LEU A 1 91  ? 2.907   3.467   6.269   1.00 4.26  ? 88   LEU A N   1 
ATOM   675  C  CA  . LEU A 1 91  ? 2.417   2.782   5.080   1.00 4.15  ? 88   LEU A CA  1 
ATOM   676  C  C   . LEU A 1 91  ? 3.441   1.663   4.771   1.00 4.79  ? 88   LEU A C   1 
ATOM   677  O  O   . LEU A 1 91  ? 4.625   1.927   4.511   1.00 5.66  ? 88   LEU A O   1 
ATOM   678  C  CB  . LEU A 1 91  ? 2.276   3.789   3.889   1.00 5.41  ? 88   LEU A CB  1 
ATOM   679  C  CG  . LEU A 1 91  ? 1.815   3.238   2.515   1.00 6.73  ? 88   LEU A CG  1 
ATOM   680  C  CD1 . LEU A 1 91  ? 0.381   2.935   2.586   1.00 7.80  ? 88   LEU A CD1 1 
ATOM   681  C  CD2 . LEU A 1 91  ? 2.111   4.333   1.431   1.00 9.96  ? 88   LEU A CD2 1 
ATOM   682  N  N   . SER A 1 92  ? 2.975   0.398   4.785   1.00 5.81  ? 89   SER A N   1 
ATOM   683  C  CA  . SER A 1 92  ? 3.817   -0.778  4.472   1.00 4.48  ? 89   SER A CA  1 
ATOM   684  C  C   . SER A 1 92  ? 3.704   -1.277  3.045   1.00 3.81  ? 89   SER A C   1 
ATOM   685  O  O   . SER A 1 92  ? 4.612   -1.927  2.560   1.00 2.00  ? 89   SER A O   1 
ATOM   686  C  CB  . SER A 1 92  ? 3.511   -1.947  5.447   1.00 5.25  ? 89   SER A CB  1 
ATOM   687  O  OG  . SER A 1 92  ? 2.191   -2.457  5.284   1.00 5.29  ? 89   SER A OG  1 
ATOM   688  N  N   . LEU A 1 93  ? 2.603   -0.965  2.378   1.00 3.51  ? 90   LEU A N   1 
ATOM   689  C  CA  . LEU A 1 93  ? 2.423   -1.354  0.979   1.00 2.99  ? 90   LEU A CA  1 
ATOM   690  C  C   . LEU A 1 93  ? 1.398   -0.455  0.274   1.00 4.73  ? 90   LEU A C   1 
ATOM   691  O  O   . LEU A 1 93  ? 0.247   -0.291  0.736   1.00 4.64  ? 90   LEU A O   1 
ATOM   692  C  CB  . LEU A 1 93  ? 1.997   -2.830  0.883   1.00 3.58  ? 90   LEU A CB  1 
ATOM   693  C  CG  . LEU A 1 93  ? 1.920   -3.435  -0.508  1.00 4.62  ? 90   LEU A CG  1 
ATOM   694  C  CD1 . LEU A 1 93  ? 3.251   -3.265  -1.260  1.00 7.39  ? 90   LEU A CD1 1 
ATOM   695  C  CD2 . LEU A 1 93  ? 1.501   -4.907  -0.380  1.00 6.58  ? 90   LEU A CD2 1 
ATOM   696  N  N   . LEU A 1 94  ? 1.831   0.111   -0.858  1.00 4.31  ? 91   LEU A N   1 
ATOM   697  C  CA  . LEU A 1 94  ? 0.931   0.734   -1.834  1.00 3.73  ? 91   LEU A CA  1 
ATOM   698  C  C   . LEU A 1 94  ? 1.232   0.090   -3.208  1.00 3.48  ? 91   LEU A C   1 
ATOM   699  O  O   . LEU A 1 94  ? 2.336   0.148   -3.715  1.00 4.96  ? 91   LEU A O   1 
ATOM   700  C  CB  . LEU A 1 94  ? 1.165   2.244   -1.889  1.00 2.57  ? 91   LEU A CB  1 
ATOM   701  C  CG  . LEU A 1 94  ? 0.384   3.032   -2.953  1.00 5.45  ? 91   LEU A CG  1 
ATOM   702  C  CD1 . LEU A 1 94  ? -1.182  2.858   -2.938  1.00 4.72  ? 91   LEU A CD1 1 
ATOM   703  C  CD2 . LEU A 1 94  ? 0.741   4.536   -2.871  1.00 4.50  ? 91   LEU A CD2 1 
ATOM   704  N  N   . LEU A 1 95  ? 0.247   -0.581  -3.756  1.00 4.14  ? 92   LEU A N   1 
ATOM   705  C  CA  . LEU A 1 95  ? 0.406   -1.276  -5.004  1.00 4.43  ? 92   LEU A CA  1 
ATOM   706  C  C   . LEU A 1 95  ? -0.728  -0.870  -5.981  1.00 3.36  ? 92   LEU A C   1 
ATOM   707  O  O   . LEU A 1 95  ? -1.892  -0.956  -5.643  1.00 3.17  ? 92   LEU A O   1 
ATOM   708  C  CB  . LEU A 1 95  ? 0.410   -2.795  -4.742  1.00 3.92  ? 92   LEU A CB  1 
ATOM   709  C  CG  . LEU A 1 95  ? 0.443   -3.711  -5.982  1.00 8.19  ? 92   LEU A CG  1 
ATOM   710  C  CD1 . LEU A 1 95  ? 1.607   -3.338  -6.886  1.00 12.03 ? 92   LEU A CD1 1 
ATOM   711  C  CD2 . LEU A 1 95  ? 0.581   -5.188  -5.542  1.00 9.72  ? 92   LEU A CD2 1 
ATOM   712  N  N   . ILE A 1 96  ? -0.365  -0.428  -7.175  1.00 3.84  ? 93   ILE A N   1 
ATOM   713  C  CA  . ILE A 1 96  ? -1.333  -0.246  -8.274  1.00 4.48  ? 93   ILE A CA  1 
ATOM   714  C  C   . ILE A 1 96  ? -1.092  -1.376  -9.254  1.00 4.70  ? 93   ILE A C   1 
ATOM   715  O  O   . ILE A 1 96  ? 0.056   -1.668  -9.655  1.00 5.31  ? 93   ILE A O   1 
ATOM   716  C  CB  . ILE A 1 96  ? -1.165  1.145   -8.966  1.00 4.10  ? 93   ILE A CB  1 
ATOM   717  C  CG1 . ILE A 1 96  ? -1.292  2.310   -7.975  1.00 4.77  ? 93   ILE A CG1 1 
ATOM   718  C  CG2 . ILE A 1 96  ? -2.127  1.290   -10.168 1.00 4.26  ? 93   ILE A CG2 1 
ATOM   719  C  CD1 . ILE A 1 96  ? -2.675  2.368   -7.281  1.00 3.99  ? 93   ILE A CD1 1 
ATOM   720  N  N   . ARG A 1 97  ? -2.181  -2.046  -9.641  1.00 5.27  ? 94   ARG A N   1 
ATOM   721  C  CA  . ARG A 1 97  ? -2.140  -3.154  -10.572 1.00 6.53  ? 94   ARG A CA  1 
ATOM   722  C  C   . ARG A 1 97  ? -1.409  -2.704  -11.837 1.00 7.69  ? 94   ARG A C   1 
ATOM   723  O  O   . ARG A 1 97  ? -1.609  -1.581  -12.327 1.00 6.78  ? 94   ARG A O   1 
ATOM   724  C  CB  . ARG A 1 97  ? -3.580  -3.572  -10.915 1.00 6.77  ? 94   ARG A CB  1 
ATOM   725  C  CG  . ARG A 1 97  ? -3.824  -5.029  -11.063 1.00 9.97  ? 94   ARG A CG  1 
ATOM   726  C  CD  . ARG A 1 97  ? -5.303  -5.289  -11.300 1.00 10.61 ? 94   ARG A CD  1 
ATOM   727  N  NE  . ARG A 1 97  ? -5.715  -4.981  -12.675 1.00 10.75 ? 94   ARG A NE  1 
ATOM   728  C  CZ  . ARG A 1 97  ? -6.971  -5.059  -13.119 1.00 11.33 ? 94   ARG A CZ  1 
ATOM   729  N  NH1 . ARG A 1 97  ? -7.963  -5.419  -12.304 1.00 9.64  ? 94   ARG A NH1 1 
ATOM   730  N  NH2 . ARG A 1 97  ? -7.235  -4.821  -14.404 1.00 14.14 ? 94   ARG A NH2 1 
ATOM   731  N  N   . GLU A 1 98  ? -0.612  -3.607  -12.390 1.00 8.17  ? 95   GLU A N   1 
ATOM   732  C  CA  . GLU A 1 98  ? 0.440   -3.226  -13.296 1.00 9.38  ? 95   GLU A CA  1 
ATOM   733  C  C   . GLU A 1 98  ? -0.125  -2.583  -14.571 1.00 10.91 ? 95   GLU A C   1 
ATOM   734  O  O   . GLU A 1 98  ? 0.443   -1.605  -15.075 1.00 11.37 ? 95   GLU A O   1 
ATOM   735  C  CB  . GLU A 1 98  ? 1.283   -4.458  -13.605 1.00 10.74 ? 95   GLU A CB  1 
ATOM   736  C  CG  . GLU A 1 98  ? 2.684   -4.179  -14.009 1.00 10.79 ? 95   GLU A CG  1 
ATOM   737  C  CD  . GLU A 1 98  ? 3.538   -5.441  -14.010 1.00 9.44  ? 95   GLU A CD  1 
ATOM   738  O  OE1 . GLU A 1 98  ? 3.686   -6.104  -12.963 1.00 5.64  ? 95   GLU A OE1 1 
ATOM   739  O  OE2 . GLU A 1 98  ? 4.083   -5.718  -15.070 1.00 10.99 ? 95   GLU A OE2 1 
ATOM   740  N  N   . ASP A 1 99  ? -1.276  -3.074  -15.054 1.00 10.87 ? 96   ASP A N   1 
ATOM   741  C  CA  . ASP A 1 99  ? -1.936  -2.448  -16.205 1.00 11.28 ? 96   ASP A CA  1 
ATOM   742  C  C   . ASP A 1 99  ? -2.568  -1.069  -15.972 1.00 10.56 ? 96   ASP A C   1 
ATOM   743  O  O   . ASP A 1 99  ? -3.010  -0.446  -16.936 1.00 10.90 ? 96   ASP A O   1 
ATOM   744  C  CB  . ASP A 1 99  ? -2.965  -3.377  -16.868 1.00 11.96 ? 96   ASP A CB  1 
ATOM   745  C  CG  . ASP A 1 99  ? -4.093  -3.800  -15.939 1.00 12.99 ? 96   ASP A CG  1 
ATOM   746  O  OD1 . ASP A 1 99  ? -4.119  -3.429  -14.746 1.00 15.45 ? 96   ASP A OD1 1 
ATOM   747  O  OD2 . ASP A 1 99  ? -4.953  -4.570  -16.412 1.00 11.58 ? 96   ASP A OD2 1 
ATOM   748  N  N   . HIS A 1 100 ? -2.601  -0.590  -14.723 1.00 8.89  ? 97   HIS A N   1 
ATOM   749  C  CA  . HIS A 1 100 ? -3.183  0.714   -14.377 1.00 9.71  ? 97   HIS A CA  1 
ATOM   750  C  C   . HIS A 1 100 ? -2.160  1.701   -13.814 1.00 9.04  ? 97   HIS A C   1 
ATOM   751  O  O   . HIS A 1 100 ? -2.524  2.779   -13.318 1.00 8.17  ? 97   HIS A O   1 
ATOM   752  C  CB  . HIS A 1 100 ? -4.330  0.507   -13.364 1.00 9.68  ? 97   HIS A CB  1 
ATOM   753  C  CG  . HIS A 1 100 ? -5.598  0.011   -13.982 1.00 12.34 ? 97   HIS A CG  1 
ATOM   754  N  ND1 . HIS A 1 100 ? -5.858  -1.330  -14.183 1.00 13.41 ? 97   HIS A ND1 1 
ATOM   755  C  CD2 . HIS A 1 100 ? -6.687  0.676   -14.443 1.00 16.31 ? 97   HIS A CD2 1 
ATOM   756  C  CE1 . HIS A 1 100 ? -7.038  -1.468  -14.766 1.00 14.21 ? 97   HIS A CE1 1 
ATOM   757  N  NE2 . HIS A 1 100 ? -7.563  -0.268  -14.933 1.00 15.22 ? 97   HIS A NE2 1 
ATOM   758  N  N   . GLN A 1 101 ? -0.866  1.348   -13.910 1.00 9.65  ? 98   GLN A N   1 
ATOM   759  C  CA  . GLN A 1 101 ? 0.197   2.210   -13.410 1.00 9.39  ? 98   GLN A CA  1 
ATOM   760  C  C   . GLN A 1 101 ? 0.415   3.437   -14.316 1.00 9.79  ? 98   GLN A C   1 
ATOM   761  O  O   . GLN A 1 101 ? 0.036   3.444   -15.489 1.00 8.28  ? 98   GLN A O   1 
ATOM   762  C  CB  . GLN A 1 101 ? 1.528   1.416   -13.195 1.00 9.72  ? 98   GLN A CB  1 
ATOM   763  C  CG  . GLN A 1 101 ? 1.529   0.495   -11.957 1.00 8.89  ? 98   GLN A CG  1 
ATOM   764  C  CD  . GLN A 1 101 ? 2.716   -0.429  -11.828 1.00 11.53 ? 98   GLN A CD  1 
ATOM   765  O  OE1 . GLN A 1 101 ? 3.656   -0.373  -12.624 1.00 9.43  ? 98   GLN A OE1 1 
ATOM   766  N  NE2 . GLN A 1 101 ? 2.690   -1.295  -10.816 1.00 8.69  ? 98   GLN A NE2 1 
ATOM   767  N  N   . GLY A 1 102 ? 1.011   4.481   -13.749 1.00 9.50  ? 99   GLY A N   1 
ATOM   768  C  CA  . GLY A 1 102 ? 1.344   5.684   -14.521 1.00 10.52 ? 99   GLY A CA  1 
ATOM   769  C  C   . GLY A 1 102 ? 0.191   6.615   -14.943 1.00 10.82 ? 99   GLY A C   1 
ATOM   770  O  O   . GLY A 1 102 ? 0.340   7.391   -15.901 1.00 11.68 ? 99   GLY A O   1 
ATOM   771  N  N   . ARG A 1 103 ? -0.948  6.544   -14.247 1.00 9.49  ? 100  ARG A N   1 
ATOM   772  C  CA  . ARG A 1 103 ? -2.137  7.342   -14.571 1.00 9.57  ? 100  ARG A CA  1 
ATOM   773  C  C   . ARG A 1 103 ? -2.531  8.190   -13.362 1.00 8.75  ? 100  ARG A C   1 
ATOM   774  O  O   . ARG A 1 103 ? -3.624  8.717   -13.310 1.00 10.39 ? 100  ARG A O   1 
ATOM   775  C  CB  . ARG A 1 103 ? -3.336  6.465   -14.944 1.00 9.31  ? 100  ARG A CB  1 
ATOM   776  C  CG  . ARG A 1 103 ? -3.022  5.278   -15.843 1.00 12.68 ? 100  ARG A CG  1 
ATOM   777  C  CD  . ARG A 1 103 ? -4.293  4.626   -16.407 1.00 14.53 ? 100  ARG A CD  1 
ATOM   778  N  NE  . ARG A 1 103 ? -5.397  4.609   -15.433 1.00 18.18 ? 100  ARG A NE  1 
ATOM   779  C  CZ  . ARG A 1 103 ? -6.674  4.359   -15.739 1.00 19.21 ? 100  ARG A CZ  1 
ATOM   780  N  NH1 . ARG A 1 103 ? -7.603  4.377   -14.799 1.00 18.52 ? 100  ARG A NH1 1 
ATOM   781  N  NH2 . ARG A 1 103 ? -7.030  4.093   -16.987 1.00 20.38 ? 100  ARG A NH2 1 
ATOM   782  N  N   . GLY A 1 104 ? -1.645  8.310   -12.392 1.00 9.19  ? 101  GLY A N   1 
ATOM   783  C  CA  . GLY A 1 104 ? -1.919  9.087   -11.196 1.00 8.50  ? 101  GLY A CA  1 
ATOM   784  C  C   . GLY A 1 104 ? -2.696  8.416   -10.088 1.00 8.26  ? 101  GLY A C   1 
ATOM   785  O  O   . GLY A 1 104 ? -3.012  9.082   -9.082  1.00 8.68  ? 101  GLY A O   1 
ATOM   786  N  N   . LEU A 1 105 ? -2.991  7.126   -10.213 1.00 6.46  ? 102  LEU A N   1 
ATOM   787  C  CA  . LEU A 1 105 ? -3.792  6.450   -9.188  1.00 6.92  ? 102  LEU A CA  1 
ATOM   788  C  C   . LEU A 1 105 ? -3.056  6.261   -7.837  1.00 7.57  ? 102  LEU A C   1 
ATOM   789  O  O   . LEU A 1 105 ? -3.695  6.331   -6.767  1.00 7.89  ? 102  LEU A O   1 
ATOM   790  C  CB  . LEU A 1 105 ? -4.306  5.130   -9.701  1.00 6.14  ? 102  LEU A CB  1 
ATOM   791  C  CG  . LEU A 1 105 ? -5.213  5.175   -10.918 1.00 3.96  ? 102  LEU A CG  1 
ATOM   792  C  CD1 . LEU A 1 105 ? -5.466  3.790   -11.394 1.00 3.25  ? 102  LEU A CD1 1 
ATOM   793  C  CD2 . LEU A 1 105 ? -6.580  5.882   -10.664 1.00 4.98  ? 102  LEU A CD2 1 
ATOM   794  N  N   . GLY A 1 106 ? -1.730  6.102   -7.887  1.00 7.72  ? 103  GLY A N   1 
ATOM   795  C  CA  . GLY A 1 106 ? -0.904  5.959   -6.672  1.00 7.25  ? 103  GLY A CA  1 
ATOM   796  C  C   . GLY A 1 106 ? -1.001  7.240   -5.871  1.00 7.08  ? 103  GLY A C   1 
ATOM   797  O  O   . GLY A 1 106 ? -1.267  7.207   -4.647  1.00 7.44  ? 103  GLY A O   1 
ATOM   798  N  N   . ARG A 1 107 ? -0.847  8.376   -6.558  1.00 5.51  ? 104  ARG A N   1 
ATOM   799  C  CA  . ARG A 1 107 ? -0.944  9.663   -5.868  1.00 5.73  ? 104  ARG A CA  1 
ATOM   800  C  C   . ARG A 1 107 ? -2.358  9.900   -5.290  1.00 4.71  ? 104  ARG A C   1 
ATOM   801  O  O   . ARG A 1 107 ? -2.517  10.349  -4.164  1.00 5.23  ? 104  ARG A O   1 
ATOM   802  C  CB  . ARG A 1 107 ? -0.568  10.846  -6.802  1.00 6.24  ? 104  ARG A CB  1 
ATOM   803  C  CG  . ARG A 1 107 ? -0.803  12.178  -6.092  1.00 8.49  ? 104  ARG A CG  1 
ATOM   804  C  CD  . ARG A 1 107 ? -0.315  13.416  -6.876  1.00 12.77 ? 104  ARG A CD  1 
ATOM   805  N  NE  . ARG A 1 107 ? -0.775  14.648  -6.228  1.00 16.71 ? 104  ARG A NE  1 
ATOM   806  C  CZ  . ARG A 1 107 ? -0.255  15.198  -5.115  1.00 21.00 ? 104  ARG A CZ  1 
ATOM   807  N  NH1 . ARG A 1 107 ? 0.784   14.653  -4.472  1.00 22.47 ? 104  ARG A NH1 1 
ATOM   808  N  NH2 . ARG A 1 107 ? -0.776  16.328  -4.630  1.00 22.14 ? 104  ARG A NH2 1 
ATOM   809  N  N   . GLN A 1 108 ? -3.374  9.552   -6.048  1.00 6.02  ? 105  GLN A N   1 
ATOM   810  C  CA  . GLN A 1 108 ? -4.752  9.765   -5.607  1.00 6.64  ? 105  GLN A CA  1 
ATOM   811  C  C   . GLN A 1 108 ? -5.030  8.927   -4.339  1.00 5.62  ? 105  GLN A C   1 
ATOM   812  O  O   . GLN A 1 108 ? -5.675  9.434   -3.397  1.00 4.31  ? 105  GLN A O   1 
ATOM   813  C  CB  . GLN A 1 108 ? -5.758  9.403   -6.703  1.00 5.58  ? 105  GLN A CB  1 
ATOM   814  C  CG  . GLN A 1 108 ? -7.192  9.869   -6.342  1.00 7.13  ? 105  GLN A CG  1 
ATOM   815  C  CD  . GLN A 1 108 ? -8.257  9.458   -7.336  1.00 7.78  ? 105  GLN A CD  1 
ATOM   816  O  OE1 . GLN A 1 108 ? -7.997  9.223   -8.539  1.00 7.48  ? 105  GLN A OE1 1 
ATOM   817  N  NE2 . GLN A 1 108 ? -9.453  9.349   -6.837  1.00 3.81  ? 105  GLN A NE2 1 
ATOM   818  N  N   . ALA A 1 109 ? -4.541  7.674   -4.333  1.00 4.70  ? 106  ALA A N   1 
ATOM   819  C  CA  . ALA A 1 109 ? -4.801  6.730   -3.216  1.00 5.38  ? 106  ALA A CA  1 
ATOM   820  C  C   . ALA A 1 109 ? -4.133  7.273   -1.939  1.00 6.01  ? 106  ALA A C   1 
ATOM   821  O  O   . ALA A 1 109 ? -4.710  7.263   -0.842  1.00 6.26  ? 106  ALA A O   1 
ATOM   822  C  CB  . ALA A 1 109 ? -4.287  5.321   -3.538  1.00 5.71  ? 106  ALA A CB  1 
ATOM   823  N  N   . LEU A 1 110 ? -2.921  7.780   -2.111  1.00 7.39  ? 107  LEU A N   1 
ATOM   824  C  CA  . LEU A 1 110 ? -2.164  8.316   -0.992  1.00 8.91  ? 107  LEU A CA  1 
ATOM   825  C  C   . LEU A 1 110 ? -2.826  9.569   -0.410  1.00 9.73  ? 107  LEU A C   1 
ATOM   826  O  O   . LEU A 1 110 ? -2.920  9.732   0.847   1.00 11.02 ? 107  LEU A O   1 
ATOM   827  C  CB  . LEU A 1 110 ? -0.754  8.655   -1.460  1.00 10.04 ? 107  LEU A CB  1 
ATOM   828  C  CG  . LEU A 1 110 ? 0.336   8.838   -0.447  1.00 12.16 ? 107  LEU A CG  1 
ATOM   829  C  CD1 . LEU A 1 110 ? 0.381   7.637   0.518   1.00 12.90 ? 107  LEU A CD1 1 
ATOM   830  C  CD2 . LEU A 1 110 ? 1.649   8.999   -1.246  1.00 13.74 ? 107  LEU A CD2 1 
ATOM   831  N  N   . GLU A 1 111 ? -3.316  10.436  -1.293  1.00 8.09  ? 108  GLU A N   1 
ATOM   832  C  CA  . GLU A 1 111 ? -3.909  11.692  -0.832  1.00 10.05 ? 108  GLU A CA  1 
ATOM   833  C  C   . GLU A 1 111 ? -5.275  11.399  -0.187  1.00 8.49  ? 108  GLU A C   1 
ATOM   834  O  O   . GLU A 1 111 ? -5.615  12.011  0.829   1.00 7.31  ? 108  GLU A O   1 
ATOM   835  C  CB  . GLU A 1 111 ? -3.953  12.759  -1.954  1.00 10.38 ? 108  GLU A CB  1 
ATOM   836  C  CG  . GLU A 1 111 ? -2.517  13.242  -2.476  1.00 14.68 ? 108  GLU A CG  1 
ATOM   837  C  CD  . GLU A 1 111 ? -1.405  13.380  -1.354  1.00 19.62 ? 108  GLU A CD  1 
ATOM   838  O  OE1 . GLU A 1 111 ? -1.713  13.788  -0.215  1.00 25.59 ? 108  GLU A OE1 1 
ATOM   839  O  OE2 . GLU A 1 111 ? -0.202  13.088  -1.614  1.00 25.50 ? 108  GLU A OE2 1 
ATOM   840  N  N   . ARG A 1 112 ? -6.035  10.461  -0.750  1.00 7.97  ? 109  ARG A N   1 
ATOM   841  C  CA  A ARG A 1 112 ? -7.326  10.111  -0.142  0.60 8.48  ? 109  ARG A CA  1 
ATOM   842  C  CA  B ARG A 1 112 ? -7.323  10.046  -0.169  0.40 8.40  ? 109  ARG A CA  1 
ATOM   843  C  C   . ARG A 1 112 ? -7.122  9.469   1.238   1.00 8.56  ? 109  ARG A C   1 
ATOM   844  O  O   . ARG A 1 112 ? -7.924  9.731   2.181   1.00 8.12  ? 109  ARG A O   1 
ATOM   845  C  CB  A ARG A 1 112 ? -8.163  9.210   -1.029  0.60 8.70  ? 109  ARG A CB  1 
ATOM   846  C  CB  B ARG A 1 112 ? -8.003  8.995   -1.042  0.40 8.62  ? 109  ARG A CB  1 
ATOM   847  C  CG  A ARG A 1 112 ? -8.733  9.959   -2.217  0.60 8.81  ? 109  ARG A CG  1 
ATOM   848  C  CG  B ARG A 1 112 ? -8.699  9.569   -2.269  0.40 8.77  ? 109  ARG A CG  1 
ATOM   849  C  CD  A ARG A 1 112 ? -9.853  9.250   -2.890  0.60 8.51  ? 109  ARG A CD  1 
ATOM   850  C  CD  B ARG A 1 112 ? -9.939  10.343  -1.876  0.40 9.50  ? 109  ARG A CD  1 
ATOM   851  N  NE  A ARG A 1 112 ? -10.124 9.899   -4.161  0.60 9.99  ? 109  ARG A NE  1 
ATOM   852  N  NE  B ARG A 1 112 ? -11.070 9.450   -1.691  0.40 9.92  ? 109  ARG A NE  1 
ATOM   853  C  CZ  A ARG A 1 112 ? -10.813 11.033  -4.303  0.60 9.63  ? 109  ARG A CZ  1 
ATOM   854  C  CZ  B ARG A 1 112 ? -11.633 8.784   -2.689  0.40 9.47  ? 109  ARG A CZ  1 
ATOM   855  N  NH1 A ARG A 1 112 ? -11.356 11.645  -3.244  0.60 10.55 ? 109  ARG A NH1 1 
ATOM   856  N  NH1 B ARG A 1 112 ? -12.657 7.990   -2.471  0.40 9.90  ? 109  ARG A NH1 1 
ATOM   857  N  NH2 A ARG A 1 112 ? -10.982 11.552  -5.512  0.60 9.05  ? 109  ARG A NH2 1 
ATOM   858  N  NH2 B ARG A 1 112 ? -11.159 8.916   -3.918  0.40 11.22 ? 109  ARG A NH2 1 
ATOM   859  N  N   . PHE A 1 113 ? -6.064  8.664   1.376   1.00 7.62  ? 110  PHE A N   1 
ATOM   860  C  CA  . PHE A 1 113 ? -5.792  7.988   2.663   1.00 8.38  ? 110  PHE A CA  1 
ATOM   861  C  C   . PHE A 1 113 ? -5.315  9.034   3.683   1.00 8.28  ? 110  PHE A C   1 
ATOM   862  O  O   . PHE A 1 113 ? -5.830  9.101   4.802   1.00 8.71  ? 110  PHE A O   1 
ATOM   863  C  CB  . PHE A 1 113 ? -4.786  6.857   2.457   1.00 7.53  ? 110  PHE A CB  1 
ATOM   864  C  CG  . PHE A 1 113 ? -4.278  6.263   3.744   1.00 8.84  ? 110  PHE A CG  1 
ATOM   865  C  CD1 . PHE A 1 113 ? -5.161  5.637   4.625   1.00 8.32  ? 110  PHE A CD1 1 
ATOM   866  C  CD2 . PHE A 1 113 ? -2.946  6.388   4.100   1.00 10.15 ? 110  PHE A CD2 1 
ATOM   867  C  CE1 . PHE A 1 113 ? -4.715  5.121   5.854   1.00 8.29  ? 110  PHE A CE1 1 
ATOM   868  C  CE2 . PHE A 1 113 ? -2.473  5.854   5.350   1.00 7.25  ? 110  PHE A CE2 1 
ATOM   869  C  CZ  . PHE A 1 113 ? -3.331  5.238   6.190   1.00 5.75  ? 110  PHE A CZ  1 
ATOM   870  N  N   . ALA A 1 114 ? -4.395  9.899   3.287   1.00 9.71  ? 111  ALA A N   1 
ATOM   871  C  CA  . ALA A 1 114 ? -3.850  10.887  4.241   1.00 10.69 ? 111  ALA A CA  1 
ATOM   872  C  C   . ALA A 1 114 ? -4.933  11.882  4.711   1.00 11.00 ? 111  ALA A C   1 
ATOM   873  O  O   . ALA A 1 114 ? -4.900  12.384  5.854   1.00 11.09 ? 111  ALA A O   1 
ATOM   874  C  CB  . ALA A 1 114 ? -2.676  11.622  3.608   1.00 10.68 ? 111  ALA A CB  1 
ATOM   875  N  N   . ALA A 1 115 ? -5.881  12.180  3.835   1.00 12.07 ? 112  ALA A N   1 
ATOM   876  C  CA  . ALA A 1 115 ? -7.034  13.016  4.168   1.00 12.70 ? 112  ALA A CA  1 
ATOM   877  C  C   . ALA A 1 115 ? -7.844  12.532  5.397   1.00 12.57 ? 112  ALA A C   1 
ATOM   878  O  O   . ALA A 1 115 ? -8.418  13.353  6.142   1.00 12.78 ? 112  ALA A O   1 
ATOM   879  C  CB  . ALA A 1 115 ? -7.957  13.137  2.922   1.00 13.40 ? 112  ALA A CB  1 
ATOM   880  N  N   . GLY A 1 116 ? -7.875  11.219  5.609   1.00 11.52 ? 113  GLY A N   1 
ATOM   881  C  CA  . GLY A 1 116 ? -8.593  10.590  6.691   1.00 11.95 ? 113  GLY A CA  1 
ATOM   882  C  C   . GLY A 1 116 ? -7.859  10.500  8.023   1.00 11.74 ? 113  GLY A C   1 
ATOM   883  O  O   . GLY A 1 116 ? -8.430  9.987   9.004   1.00 13.28 ? 113  GLY A O   1 
ATOM   884  N  N   . LEU A 1 117 ? -6.626  11.011  8.084   1.00 11.03 ? 114  LEU A N   1 
ATOM   885  C  CA  . LEU A 1 117 ? -5.759  10.858  9.272   1.00 10.82 ? 114  LEU A CA  1 
ATOM   886  C  C   . LEU A 1 117 ? -5.627  12.075  10.177  1.00 11.37 ? 114  LEU A C   1 
ATOM   887  O  O   . LEU A 1 117 ? -4.625  12.192  10.916  1.00 11.44 ? 114  LEU A O   1 
ATOM   888  C  CB  . LEU A 1 117 ? -4.359  10.455  8.830   1.00 11.09 ? 114  LEU A CB  1 
ATOM   889  C  CG  . LEU A 1 117 ? -4.257  9.133   8.069   1.00 10.99 ? 114  LEU A CG  1 
ATOM   890  C  CD1 . LEU A 1 117 ? -2.775  8.818   7.754   1.00 14.63 ? 114  LEU A CD1 1 
ATOM   891  C  CD2 . LEU A 1 117 ? -4.867  8.027   8.879   1.00 10.06 ? 114  LEU A CD2 1 
ATOM   892  N  N   . ASP A 1 118 ? -6.601  12.981  10.170  1.00 10.39 ? 115  ASP A N   1 
ATOM   893  C  CA  . ASP A 1 118 ? -6.576  14.053  11.165  1.00 11.22 ? 115  ASP A CA  1 
ATOM   894  C  C   . ASP A 1 118 ? -6.471  13.417  12.570  1.00 10.89 ? 115  ASP A C   1 
ATOM   895  O  O   . ASP A 1 118 ? -7.243  12.519  12.916  1.00 11.22 ? 115  ASP A O   1 
ATOM   896  C  CB  . ASP A 1 118 ? -7.814  14.963  11.029  1.00 11.33 ? 115  ASP A CB  1 
ATOM   897  C  CG  . ASP A 1 118 ? -7.854  16.086  12.075  1.00 14.30 ? 115  ASP A CG  1 
ATOM   898  O  OD1 . ASP A 1 118 ? -6.782  16.559  12.512  1.00 18.79 ? 115  ASP A OD1 1 
ATOM   899  O  OD2 . ASP A 1 118 ? -8.969  16.503  12.458  1.00 16.45 ? 115  ASP A OD2 1 
ATOM   900  N  N   . GLY A 1 119 ? -5.508  13.889  13.352  1.00 10.79 ? 116  GLY A N   1 
ATOM   901  C  CA  . GLY A 1 119 ? -5.226  13.366  14.673  1.00 10.77 ? 116  GLY A CA  1 
ATOM   902  C  C   . GLY A 1 119 ? -3.953  12.538  14.697  1.00 10.87 ? 116  GLY A C   1 
ATOM   903  O  O   . GLY A 1 119 ? -3.460  12.200  15.767  1.00 10.77 ? 116  GLY A O   1 
ATOM   904  N  N   . VAL A 1 120 ? -3.465  12.169  13.514  1.00 10.26 ? 117  VAL A N   1 
ATOM   905  C  CA  . VAL A 1 120 ? -2.143  11.560  13.322  1.00 10.24 ? 117  VAL A CA  1 
ATOM   906  C  C   . VAL A 1 120 ? -1.082  12.614  12.982  1.00 9.42  ? 117  VAL A C   1 
ATOM   907  O  O   . VAL A 1 120 ? -1.341  13.546  12.227  1.00 9.85  ? 117  VAL A O   1 
ATOM   908  C  CB  . VAL A 1 120 ? -2.166  10.523  12.153  1.00 10.40 ? 117  VAL A CB  1 
ATOM   909  C  CG1 . VAL A 1 120 ? -0.775  10.050  11.830  1.00 9.19  ? 117  VAL A CG1 1 
ATOM   910  C  CG2 . VAL A 1 120 ? -3.086  9.371   12.465  1.00 12.21 ? 117  VAL A CG2 1 
ATOM   911  N  N   . ARG A 1 121 ? 0.125   12.394  13.488  1.00 9.09  ? 118  ARG A N   1 
ATOM   912  C  CA  . ARG A 1 121 ? 1.223   13.356  13.465  1.00 8.45  ? 118  ARG A CA  1 
ATOM   913  C  C   . ARG A 1 121 ? 2.105   13.292  12.224  1.00 8.38  ? 118  ARG A C   1 
ATOM   914  O  O   . ARG A 1 121 ? 2.254   14.297  11.536  1.00 8.28  ? 118  ARG A O   1 
ATOM   915  C  CB  . ARG A 1 121 ? 2.050   13.172  14.753  1.00 9.20  ? 118  ARG A CB  1 
ATOM   916  C  CG  . ARG A 1 121 ? 3.297   14.038  14.917  1.00 9.42  ? 118  ARG A CG  1 
ATOM   917  C  CD  . ARG A 1 121 ? 4.058   13.702  16.215  1.00 9.75  ? 118  ARG A CD  1 
ATOM   918  N  NE  . ARG A 1 121 ? 4.727   12.400  16.174  1.00 10.40 ? 118  ARG A NE  1 
ATOM   919  C  CZ  . ARG A 1 121 ? 5.385   11.860  17.195  1.00 13.17 ? 118  ARG A CZ  1 
ATOM   920  N  NH1 . ARG A 1 121 ? 5.959   10.671  17.053  1.00 15.00 ? 118  ARG A NH1 1 
ATOM   921  N  NH2 . ARG A 1 121 ? 5.491   12.505  18.363  1.00 12.91 ? 118  ARG A NH2 1 
ATOM   922  N  N   . ARG A 1 122 ? 2.720   12.134  11.951  1.00 8.77  ? 119  ARG A N   1 
ATOM   923  C  CA  . ARG A 1 122 ? 3.583   11.917  10.770  1.00 8.73  ? 119  ARG A CA  1 
ATOM   924  C  C   . ARG A 1 122 ? 3.182   10.629  10.103  1.00 8.29  ? 119  ARG A C   1 
ATOM   925  O  O   . ARG A 1 122 ? 2.772   9.698   10.790  1.00 7.58  ? 119  ARG A O   1 
ATOM   926  C  CB  . ARG A 1 122 ? 5.070   11.712  11.130  1.00 9.78  ? 119  ARG A CB  1 
ATOM   927  C  CG  . ARG A 1 122 ? 5.631   12.625  12.187  1.00 12.68 ? 119  ARG A CG  1 
ATOM   928  C  CD  . ARG A 1 122 ? 6.904   12.082  12.777  1.00 16.21 ? 119  ARG A CD  1 
ATOM   929  N  NE  . ARG A 1 122 ? 7.094   12.594  14.126  1.00 21.48 ? 119  ARG A NE  1 
ATOM   930  C  CZ  . ARG A 1 122 ? 7.415   13.850  14.425  1.00 24.63 ? 119  ARG A CZ  1 
ATOM   931  N  NH1 . ARG A 1 122 ? 7.598   14.763  13.466  1.00 26.80 ? 119  ARG A NH1 1 
ATOM   932  N  NH2 . ARG A 1 122 ? 7.568   14.206  15.700  1.00 27.07 ? 119  ARG A NH2 1 
ATOM   933  N  N   . LEU A 1 123 ? 3.411   10.567  8.792   1.00 6.96  ? 120  LEU A N   1 
ATOM   934  C  CA  . LEU A 1 123 ? 3.146   9.354   7.973   1.00 6.48  ? 120  LEU A CA  1 
ATOM   935  C  C   . LEU A 1 123 ? 4.467   8.858   7.413   1.00 6.53  ? 120  LEU A C   1 
ATOM   936  O  O   . LEU A 1 123 ? 5.104   9.527   6.608   1.00 7.54  ? 120  LEU A O   1 
ATOM   937  C  CB  . LEU A 1 123 ? 2.159   9.693   6.848   1.00 6.62  ? 120  LEU A CB  1 
ATOM   938  C  CG  . LEU A 1 123 ? 1.782   8.541   5.915   1.00 7.33  ? 120  LEU A CG  1 
ATOM   939  C  CD1 . LEU A 1 123 ? 1.221   7.372   6.698   1.00 5.08  ? 120  LEU A CD1 1 
ATOM   940  C  CD2 . LEU A 1 123 ? 0.765   9.013   4.844   1.00 8.50  ? 120  LEU A CD2 1 
ATOM   941  N  N   . TYR A 1 124 ? 4.863   7.652   7.830   1.00 6.70  ? 121  TYR A N   1 
ATOM   942  C  CA  . TYR A 1 124 ? 6.091   7.039   7.337   1.00 6.21  ? 121  TYR A CA  1 
ATOM   943  C  C   . TYR A 1 124 ? 5.702   6.132   6.189   1.00 5.44  ? 121  TYR A C   1 
ATOM   944  O  O   . TYR A 1 124 ? 4.548   5.762   6.112   1.00 4.17  ? 121  TYR A O   1 
ATOM   945  C  CB  . TYR A 1 124 ? 6.738   6.192   8.426   1.00 6.86  ? 121  TYR A CB  1 
ATOM   946  C  CG  . TYR A 1 124 ? 7.443   7.008   9.547   1.00 8.27  ? 121  TYR A CG  1 
ATOM   947  C  CD1 . TYR A 1 124 ? 8.823   7.232   9.518   1.00 7.40  ? 121  TYR A CD1 1 
ATOM   948  C  CD2 . TYR A 1 124 ? 6.722   7.527   10.629  1.00 11.35 ? 121  TYR A CD2 1 
ATOM   949  C  CE1 . TYR A 1 124 ? 9.475   7.967   10.558  1.00 7.46  ? 121  TYR A CE1 1 
ATOM   950  C  CE2 . TYR A 1 124 ? 7.360   8.268   11.644  1.00 10.59 ? 121  TYR A CE2 1 
ATOM   951  C  CZ  . TYR A 1 124 ? 8.738   8.477   11.593  1.00 10.17 ? 121  TYR A CZ  1 
ATOM   952  O  OH  . TYR A 1 124 ? 9.383   9.195   12.610  1.00 10.09 ? 121  TYR A OH  1 
ATOM   953  N  N   . ALA A 1 125 ? 6.688   5.808   5.359   1.00 6.09  ? 122  ALA A N   1 
ATOM   954  C  CA  . ALA A 1 125 ? 6.597   4.806   4.265   1.00 6.84  ? 122  ALA A CA  1 
ATOM   955  C  C   . ALA A 1 125 ? 7.894   3.987   4.314   1.00 7.92  ? 122  ALA A C   1 
ATOM   956  O  O   . ALA A 1 125 ? 8.980   4.563   4.450   1.00 9.41  ? 122  ALA A O   1 
ATOM   957  C  CB  . ALA A 1 125 ? 6.461   5.526   2.943   1.00 7.01  ? 122  ALA A CB  1 
ATOM   958  N  N   . VAL A 1 126 ? 7.775   2.642   4.227   1.00 9.03  ? 123  VAL A N   1 
ATOM   959  C  CA  . VAL A 1 126 ? 8.935   1.728   4.262   1.00 10.15 ? 123  VAL A CA  1 
ATOM   960  C  C   . VAL A 1 126 ? 9.024   1.013   2.919   1.00 10.31 ? 123  VAL A C   1 
ATOM   961  O  O   . VAL A 1 126 ? 8.035   0.445   2.467   1.00 10.83 ? 123  VAL A O   1 
ATOM   962  C  CB  . VAL A 1 126 ? 8.921   0.739   5.412   1.00 10.26 ? 123  VAL A CB  1 
ATOM   963  C  CG1 . VAL A 1 126 ? 7.579   -0.064  5.485   1.00 10.48 ? 123  VAL A CG1 1 
ATOM   964  C  CG2 . VAL A 1 126 ? 10.184  -0.184  5.335   1.00 11.81 ? 123  VAL A CG2 1 
ATOM   965  N  N   . VAL A 1 127 ? 10.185  1.138   2.259   1.00 9.50  ? 124  VAL A N   1 
ATOM   966  C  CA  . VAL A 1 127 ? 10.385  0.573   0.934   1.00 9.41  ? 124  VAL A CA  1 
ATOM   967  C  C   . VAL A 1 127 ? 11.267  -0.669  1.060   1.00 10.39 ? 124  VAL A C   1 
ATOM   968  O  O   . VAL A 1 127 ? 12.282  -0.630  1.748   1.00 9.55  ? 124  VAL A O   1 
ATOM   969  C  CB  . VAL A 1 127 ? 11.039  1.567   -0.026  1.00 9.55  ? 124  VAL A CB  1 
ATOM   970  C  CG1 . VAL A 1 127 ? 11.258  0.883   -1.404  1.00 8.75  ? 124  VAL A CG1 1 
ATOM   971  C  CG2 . VAL A 1 127 ? 10.189  2.851   -0.136  1.00 8.19  ? 124  VAL A CG2 1 
ATOM   972  N  N   . TYR A 1 128 ? 10.855  -1.770  0.393   1.00 10.70 ? 125  TYR A N   1 
ATOM   973  C  CA  . TYR A 1 128 ? 11.515  -3.056  0.541   1.00 11.55 ? 125  TYR A CA  1 
ATOM   974  C  C   . TYR A 1 128 ? 12.371  -3.329  -0.678  1.00 10.61 ? 125  TYR A C   1 
ATOM   975  O  O   . TYR A 1 128 ? 11.908  -3.193  -1.824  1.00 9.96  ? 125  TYR A O   1 
ATOM   976  C  CB  . TYR A 1 128 ? 10.467  -4.168  0.688   1.00 12.07 ? 125  TYR A CB  1 
ATOM   977  C  CG  . TYR A 1 128 ? 9.686   -4.047  1.995   1.00 15.87 ? 125  TYR A CG  1 
ATOM   978  C  CD1 . TYR A 1 128 ? 10.162  -4.645  3.147   1.00 20.43 ? 125  TYR A CD1 1 
ATOM   979  C  CD2 . TYR A 1 128 ? 8.500   -3.304  2.080   1.00 21.38 ? 125  TYR A CD2 1 
ATOM   980  C  CE1 . TYR A 1 128 ? 9.477   -4.540  4.365   1.00 22.62 ? 125  TYR A CE1 1 
ATOM   981  C  CE2 . TYR A 1 128 ? 7.797   -3.189  3.308   1.00 22.74 ? 125  TYR A CE2 1 
ATOM   982  C  CZ  . TYR A 1 128 ? 8.304   -3.824  4.440   1.00 23.02 ? 125  TYR A CZ  1 
ATOM   983  O  OH  . TYR A 1 128 ? 7.663   -3.759  5.667   1.00 23.39 ? 125  TYR A OH  1 
ATOM   984  N  N   . GLY A 1 129 ? 13.613  -3.683  -0.424  1.00 10.78 ? 126  GLY A N   1 
ATOM   985  C  CA  . GLY A 1 129 ? 14.557  -4.047  -1.486  1.00 11.84 ? 126  GLY A CA  1 
ATOM   986  C  C   . GLY A 1 129 ? 15.089  -2.905  -2.335  1.00 12.31 ? 126  GLY A C   1 
ATOM   987  O  O   . GLY A 1 129 ? 14.899  -1.717  -2.030  1.00 11.46 ? 126  GLY A O   1 
ATOM   988  N  N   . HIS A 1 130 ? 15.796  -3.298  -3.392  1.00 13.16 ? 127  HIS A N   1 
ATOM   989  C  CA  . HIS A 1 130 ? 16.320  -2.379  -4.383  1.00 14.76 ? 127  HIS A CA  1 
ATOM   990  C  C   . HIS A 1 130 ? 15.211  -1.889  -5.320  1.00 14.16 ? 127  HIS A C   1 
ATOM   991  O  O   . HIS A 1 130 ? 15.083  -2.339  -6.484  1.00 14.95 ? 127  HIS A O   1 
ATOM   992  C  CB  . HIS A 1 130 ? 17.391  -3.081  -5.225  1.00 15.56 ? 127  HIS A CB  1 
ATOM   993  C  CG  . HIS A 1 130 ? 18.029  -2.187  -6.244  1.00 19.39 ? 127  HIS A CG  1 
ATOM   994  N  ND1 . HIS A 1 130 ? 18.957  -1.223  -5.910  1.00 23.55 ? 127  HIS A ND1 1 
ATOM   995  C  CD2 . HIS A 1 130 ? 17.862  -2.102  -7.586  1.00 21.56 ? 127  HIS A CD2 1 
ATOM   996  C  CE1 . HIS A 1 130 ? 19.341  -0.588  -7.004  1.00 24.00 ? 127  HIS A CE1 1 
ATOM   997  N  NE2 . HIS A 1 130 ? 18.693  -1.102  -8.036  1.00 23.64 ? 127  HIS A NE2 1 
ATOM   998  N  N   . ASN A 1 131 ? 14.435  -0.946  -4.834  1.00 12.89 ? 128  ASN A N   1 
ATOM   999  C  CA  . ASN A 1 131 ? 13.293  -0.418  -5.575  1.00 11.99 ? 128  ASN A CA  1 
ATOM   1000 C  C   . ASN A 1 131 ? 13.390  1.105   -5.751  1.00 12.40 ? 128  ASN A C   1 
ATOM   1001 O  O   . ASN A 1 131 ? 12.618  1.845   -5.150  1.00 11.70 ? 128  ASN A O   1 
ATOM   1002 C  CB  . ASN A 1 131 ? 12.006  -0.801  -4.846  1.00 10.92 ? 128  ASN A CB  1 
ATOM   1003 C  CG  . ASN A 1 131 ? 10.789  -0.618  -5.704  1.00 8.59  ? 128  ASN A CG  1 
ATOM   1004 O  OD1 . ASN A 1 131 ? 10.872  -0.036  -6.795  1.00 11.33 ? 128  ASN A OD1 1 
ATOM   1005 N  ND2 . ASN A 1 131 ? 9.647   -1.102  -5.232  1.00 8.47  ? 128  ASN A ND2 1 
ATOM   1006 N  N   . PRO A 1 132 ? 14.348  1.588   -6.586  1.00 13.02 ? 129  PRO A N   1 
ATOM   1007 C  CA  . PRO A 1 132 ? 14.516  3.058   -6.735  1.00 12.85 ? 129  PRO A CA  1 
ATOM   1008 C  C   . PRO A 1 132 ? 13.321  3.810   -7.358  1.00 13.50 ? 129  PRO A C   1 
ATOM   1009 O  O   . PRO A 1 132 ? 13.089  5.005   -7.029  1.00 13.06 ? 129  PRO A O   1 
ATOM   1010 C  CB  . PRO A 1 132 ? 15.749  3.176   -7.634  1.00 13.60 ? 129  PRO A CB  1 
ATOM   1011 C  CG  . PRO A 1 132 ? 15.703  1.867   -8.492  1.00 13.66 ? 129  PRO A CG  1 
ATOM   1012 C  CD  . PRO A 1 132 ? 15.281  0.838   -7.447  1.00 13.12 ? 129  PRO A CD  1 
ATOM   1013 N  N   . LYS A 1 133 ? 12.573  3.125   -8.237  1.00 12.64 ? 130  LYS A N   1 
ATOM   1014 C  CA  . LYS A 1 133 ? 11.299  3.668   -8.756  1.00 13.42 ? 130  LYS A CA  1 
ATOM   1015 C  C   . LYS A 1 133 ? 10.274  4.043   -7.685  1.00 12.30 ? 130  LYS A C   1 
ATOM   1016 O  O   . LYS A 1 133 ? 9.577   5.084   -7.803  1.00 12.23 ? 130  LYS A O   1 
ATOM   1017 C  CB  . LYS A 1 133 ? 10.649  2.658   -9.696  1.00 14.22 ? 130  LYS A CB  1 
ATOM   1018 C  CG  . LYS A 1 133 ? 9.089   2.701   -9.744  1.00 16.96 ? 130  LYS A CG  1 
ATOM   1019 C  CD  . LYS A 1 133 ? 8.560   1.511   -10.571 1.00 18.44 ? 130  LYS A CD  1 
ATOM   1020 C  CE  . LYS A 1 133 ? 7.039   1.357   -10.555 1.00 17.62 ? 130  LYS A CE  1 
ATOM   1021 N  NZ  . LYS A 1 133 ? 6.527   0.657   -11.792 1.00 17.85 ? 130  LYS A NZ  1 
ATOM   1022 N  N   . ALA A 1 134 ? 10.118  3.174   -6.682  1.00 10.32 ? 131  ALA A N   1 
ATOM   1023 C  CA  . ALA A 1 134 ? 9.226   3.456   -5.552  1.00 9.45  ? 131  ALA A CA  1 
ATOM   1024 C  C   . ALA A 1 134 ? 9.801   4.594   -4.712  1.00 9.17  ? 131  ALA A C   1 
ATOM   1025 O  O   . ALA A 1 134 ? 9.080   5.471   -4.257  1.00 6.76  ? 131  ALA A O   1 
ATOM   1026 C  CB  . ALA A 1 134 ? 9.000   2.175   -4.669  1.00 9.85  ? 131  ALA A CB  1 
ATOM   1027 N  N   . LYS A 1 135 ? 11.117  4.571   -4.497  1.00 8.66  ? 132  LYS A N   1 
ATOM   1028 C  CA  . LYS A 1 135 ? 11.772  5.654   -3.750  1.00 8.81  ? 132  LYS A CA  1 
ATOM   1029 C  C   . LYS A 1 135 ? 11.588  7.004   -4.446  1.00 8.20  ? 132  LYS A C   1 
ATOM   1030 O  O   . LYS A 1 135 ? 11.276  8.036   -3.799  1.00 8.55  ? 132  LYS A O   1 
ATOM   1031 C  CB  . LYS A 1 135 ? 13.258  5.323   -3.560  1.00 8.59  ? 132  LYS A CB  1 
ATOM   1032 C  CG  . LYS A 1 135 ? 13.498  4.002   -2.820  1.00 9.63  ? 132  LYS A CG  1 
ATOM   1033 C  CD  . LYS A 1 135 ? 15.022  3.749   -2.687  1.00 10.46 ? 132  LYS A CD  1 
ATOM   1034 C  CE  . LYS A 1 135 ? 15.310  2.570   -1.763  1.00 11.78 ? 132  LYS A CE  1 
ATOM   1035 N  NZ  . LYS A 1 135 ? 16.771  2.227   -1.730  1.00 14.15 ? 132  LYS A NZ  1 
ATOM   1036 N  N   . ALA A 1 136 ? 11.745  7.030   -5.758  1.00 7.85  ? 133  ALA A N   1 
ATOM   1037 C  CA  . ALA A 1 136 ? 11.505  8.272   -6.535  1.00 8.55  ? 133  ALA A CA  1 
ATOM   1038 C  C   . ALA A 1 136 ? 10.029  8.754   -6.398  1.00 8.50  ? 133  ALA A C   1 
ATOM   1039 O  O   . ALA A 1 136 ? 9.765   9.962   -6.227  1.00 7.53  ? 133  ALA A O   1 
ATOM   1040 C  CB  . ALA A 1 136 ? 11.892  8.056   -8.017  1.00 8.09  ? 133  ALA A CB  1 
ATOM   1041 N  N   . PHE A 1 137 ? 9.074   7.810   -6.440  1.00 8.46  ? 134  PHE A N   1 
ATOM   1042 C  CA  . PHE A 1 137 ? 7.658   8.155   -6.267  1.00 8.27  ? 134  PHE A CA  1 
ATOM   1043 C  C   . PHE A 1 137 ? 7.379   8.830   -4.931  1.00 8.25  ? 134  PHE A C   1 
ATOM   1044 O  O   . PHE A 1 137 ? 6.733   9.896   -4.879  1.00 7.35  ? 134  PHE A O   1 
ATOM   1045 C  CB  . PHE A 1 137 ? 6.778   6.910   -6.394  1.00 9.17  ? 134  PHE A CB  1 
ATOM   1046 C  CG  . PHE A 1 137 ? 5.342   7.143   -5.998  1.00 8.69  ? 134  PHE A CG  1 
ATOM   1047 C  CD1 . PHE A 1 137 ? 4.441   7.736   -6.871  1.00 8.35  ? 134  PHE A CD1 1 
ATOM   1048 C  CD2 . PHE A 1 137 ? 4.895   6.767   -4.744  1.00 8.09  ? 134  PHE A CD2 1 
ATOM   1049 C  CE1 . PHE A 1 137 ? 3.110   7.942   -6.492  1.00 8.66  ? 134  PHE A CE1 1 
ATOM   1050 C  CE2 . PHE A 1 137 ? 3.580   6.975   -4.358  1.00 8.61  ? 134  PHE A CE2 1 
ATOM   1051 C  CZ  . PHE A 1 137 ? 2.685   7.570   -5.249  1.00 6.85  ? 134  PHE A CZ  1 
ATOM   1052 N  N   . PHE A 1 138 ? 7.808   8.189   -3.846  1.00 7.45  ? 135  PHE A N   1 
ATOM   1053 C  CA  . PHE A 1 138 ? 7.565   8.733   -2.507  1.00 7.03  ? 135  PHE A CA  1 
ATOM   1054 C  C   . PHE A 1 138 ? 8.218   10.080  -2.294  1.00 7.54  ? 135  PHE A C   1 
ATOM   1055 O  O   . PHE A 1 138 ? 7.609   10.957  -1.674  1.00 9.07  ? 135  PHE A O   1 
ATOM   1056 C  CB  . PHE A 1 138 ? 7.903   7.711   -1.381  1.00 7.16  ? 135  PHE A CB  1 
ATOM   1057 C  CG  . PHE A 1 138 ? 6.860   6.600   -1.252  1.00 6.76  ? 135  PHE A CG  1 
ATOM   1058 C  CD1 . PHE A 1 138 ? 5.605   6.847   -0.687  1.00 6.79  ? 135  PHE A CD1 1 
ATOM   1059 C  CD2 . PHE A 1 138 ? 7.133   5.316   -1.729  1.00 7.52  ? 135  PHE A CD2 1 
ATOM   1060 C  CE1 . PHE A 1 138 ? 4.635   5.823   -0.626  1.00 9.70  ? 135  PHE A CE1 1 
ATOM   1061 C  CE2 . PHE A 1 138 ? 6.170   4.308   -1.668  1.00 7.41  ? 135  PHE A CE2 1 
ATOM   1062 C  CZ  . PHE A 1 138 ? 4.928   4.563   -1.129  1.00 5.75  ? 135  PHE A CZ  1 
ATOM   1063 N  N   . GLN A 1 139 ? 9.444   10.260  -2.799  1.00 8.10  ? 136  GLN A N   1 
ATOM   1064 C  CA  . GLN A 1 139 ? 10.113  11.577  -2.668  1.00 9.55  ? 136  GLN A CA  1 
ATOM   1065 C  C   . GLN A 1 139 ? 9.310   12.680  -3.390  1.00 8.11  ? 136  GLN A C   1 
ATOM   1066 O  O   . GLN A 1 139 ? 9.143   13.819  -2.869  1.00 8.38  ? 136  GLN A O   1 
ATOM   1067 C  CB  . GLN A 1 139 ? 11.555  11.515  -3.175  1.00 10.12 ? 136  GLN A CB  1 
ATOM   1068 C  CG  . GLN A 1 139 ? 12.516  10.607  -2.352  1.00 12.84 ? 136  GLN A CG  1 
ATOM   1069 C  CD  . GLN A 1 139 ? 13.430  11.435  -1.450  1.00 16.77 ? 136  GLN A CD  1 
ATOM   1070 O  OE1 . GLN A 1 139 ? 13.024  12.499  -0.921  1.00 18.68 ? 136  GLN A OE1 1 
ATOM   1071 N  NE2 . GLN A 1 139 ? 14.661  10.982  -1.279  1.00 14.95 ? 136  GLN A NE2 1 
ATOM   1072 N  N   . ALA A 1 140 ? 8.796   12.346  -4.567  1.00 8.38  ? 137  ALA A N   1 
ATOM   1073 C  CA  . ALA A 1 140 ? 8.012   13.286  -5.377  1.00 8.62  ? 137  ALA A CA  1 
ATOM   1074 C  C   . ALA A 1 140 ? 6.765   13.718  -4.657  1.00 8.34  ? 137  ALA A C   1 
ATOM   1075 O  O   . ALA A 1 140 ? 6.324   14.851  -4.824  1.00 8.94  ? 137  ALA A O   1 
ATOM   1076 C  CB  . ALA A 1 140 ? 7.653   12.676  -6.760  1.00 8.39  ? 137  ALA A CB  1 
ATOM   1077 N  N   . GLN A 1 141 ? 6.229   12.847  -3.798  1.00 7.83  ? 138  GLN A N   1 
ATOM   1078 C  CA  . GLN A 1 141 ? 5.010   13.168  -3.029  1.00 8.13  ? 138  GLN A CA  1 
ATOM   1079 C  C   . GLN A 1 141 ? 5.317   13.837  -1.698  1.00 9.02  ? 138  GLN A C   1 
ATOM   1080 O  O   . GLN A 1 141 ? 4.414   14.065  -0.897  1.00 9.89  ? 138  GLN A O   1 
ATOM   1081 C  CB  . GLN A 1 141 ? 4.209   11.909  -2.750  1.00 8.86  ? 138  GLN A CB  1 
ATOM   1082 C  CG  . GLN A 1 141 ? 3.914   11.116  -3.965  1.00 9.23  ? 138  GLN A CG  1 
ATOM   1083 C  CD  . GLN A 1 141 ? 3.280   11.956  -5.064  1.00 12.64 ? 138  GLN A CD  1 
ATOM   1084 O  OE1 . GLN A 1 141 ? 2.320   12.670  -4.817  1.00 10.92 ? 138  GLN A OE1 1 
ATOM   1085 N  NE2 . GLN A 1 141 ? 3.802   11.847  -6.293  1.00 10.11 ? 138  GLN A NE2 1 
ATOM   1086 N  N   . GLY A 1 142 ? 6.594   14.122  -1.447  1.00 8.14  ? 139  GLY A N   1 
ATOM   1087 C  CA  . GLY A 1 142 ? 6.963   14.891  -0.272  1.00 7.86  ? 139  GLY A CA  1 
ATOM   1088 C  C   . GLY A 1 142 ? 7.509   14.083  0.901   1.00 7.62  ? 139  GLY A C   1 
ATOM   1089 O  O   . GLY A 1 142 ? 7.701   14.652  1.988   1.00 8.34  ? 139  GLY A O   1 
ATOM   1090 N  N   . PHE A 1 143 ? 7.749   12.787  0.694   1.00 7.74  ? 140  PHE A N   1 
ATOM   1091 C  CA  . PHE A 1 143 ? 8.385   11.898  1.715   1.00 8.11  ? 140  PHE A CA  1 
ATOM   1092 C  C   . PHE A 1 143 ? 9.914   12.042  1.656   1.00 8.78  ? 140  PHE A C   1 
ATOM   1093 O  O   . PHE A 1 143 ? 10.528  11.733  0.656   1.00 9.96  ? 140  PHE A O   1 
ATOM   1094 C  CB  . PHE A 1 143 ? 8.011   10.436  1.520   1.00 7.41  ? 140  PHE A CB  1 
ATOM   1095 C  CG  . PHE A 1 143 ? 6.572   10.128  1.837   1.00 7.36  ? 140  PHE A CG  1 
ATOM   1096 C  CD1 . PHE A 1 143 ? 6.243   9.436   2.985   1.00 7.23  ? 140  PHE A CD1 1 
ATOM   1097 C  CD2 . PHE A 1 143 ? 5.547   10.550  0.988   1.00 9.77  ? 140  PHE A CD2 1 
ATOM   1098 C  CE1 . PHE A 1 143 ? 4.941   9.150   3.290   1.00 8.42  ? 140  PHE A CE1 1 
ATOM   1099 C  CE2 . PHE A 1 143 ? 4.209   10.268  1.283   1.00 9.35  ? 140  PHE A CE2 1 
ATOM   1100 C  CZ  . PHE A 1 143 ? 3.906   9.566   2.432   1.00 11.32 ? 140  PHE A CZ  1 
ATOM   1101 N  N   . ARG A 1 144 ? 10.531  12.512  2.724   1.00 8.76  ? 141  ARG A N   1 
ATOM   1102 C  CA  . ARG A 1 144 ? 12.006  12.562  2.767   1.00 9.14  ? 141  ARG A CA  1 
ATOM   1103 C  C   . ARG A 1 144 ? 12.658  11.329  3.416   1.00 8.15  ? 141  ARG A C   1 
ATOM   1104 O  O   . ARG A 1 144 ? 12.027  10.644  4.269   1.00 8.58  ? 141  ARG A O   1 
ATOM   1105 C  CB  . ARG A 1 144 ? 12.492  13.819  3.496   1.00 10.66 ? 141  ARG A CB  1 
ATOM   1106 C  CG  . ARG A 1 144 ? 12.175  13.774  4.941   1.00 13.97 ? 141  ARG A CG  1 
ATOM   1107 C  CD  . ARG A 1 144 ? 12.977  14.708  5.743   1.00 16.18 ? 141  ARG A CD  1 
ATOM   1108 N  NE  . ARG A 1 144 ? 12.934  14.297  7.151   1.00 18.89 ? 141  ARG A NE  1 
ATOM   1109 C  CZ  . ARG A 1 144 ? 13.903  13.648  7.819   1.00 20.47 ? 141  ARG A CZ  1 
ATOM   1110 N  NH1 . ARG A 1 144 ? 15.067  13.324  7.250   1.00 20.08 ? 141  ARG A NH1 1 
ATOM   1111 N  NH2 . ARG A 1 144 ? 13.711  13.353  9.103   1.00 19.30 ? 141  ARG A NH2 1 
ATOM   1112 N  N   . TYR A 1 145 ? 13.879  11.035  3.016   1.00 6.49  ? 142  TYR A N   1 
ATOM   1113 C  CA  . TYR A 1 145 ? 14.655  9.927   3.510   1.00 5.67  ? 142  TYR A CA  1 
ATOM   1114 C  C   . TYR A 1 145 ? 14.919  10.130  4.973   1.00 5.38  ? 142  TYR A C   1 
ATOM   1115 O  O   . TYR A 1 145 ? 15.288  11.186  5.356   1.00 6.06  ? 142  TYR A O   1 
ATOM   1116 C  CB  . TYR A 1 145 ? 15.961  9.847   2.735   1.00 5.67  ? 142  TYR A CB  1 
ATOM   1117 C  CG  . TYR A 1 145 ? 16.981  8.867   3.232   1.00 2.79  ? 142  TYR A CG  1 
ATOM   1118 C  CD1 . TYR A 1 145 ? 16.924  7.539   2.894   1.00 2.45  ? 142  TYR A CD1 1 
ATOM   1119 C  CD2 . TYR A 1 145 ? 18.036  9.281   4.017   1.00 3.85  ? 142  TYR A CD2 1 
ATOM   1120 C  CE1 . TYR A 1 145 ? 17.877  6.651   3.343   1.00 2.93  ? 142  TYR A CE1 1 
ATOM   1121 C  CE2 . TYR A 1 145 ? 18.984  8.399   4.452   1.00 2.00  ? 142  TYR A CE2 1 
ATOM   1122 C  CZ  . TYR A 1 145 ? 18.892  7.099   4.124   1.00 2.00  ? 142  TYR A CZ  1 
ATOM   1123 O  OH  . TYR A 1 145 ? 19.836  6.245   4.550   1.00 2.51  ? 142  TYR A OH  1 
ATOM   1124 N  N   . VAL A 1 146 ? 14.699  9.098   5.771   1.00 4.90  ? 143  VAL A N   1 
ATOM   1125 C  CA  . VAL A 1 146 ? 15.036  9.086   7.177   1.00 4.98  ? 143  VAL A CA  1 
ATOM   1126 C  C   . VAL A 1 146 ? 16.281  8.230   7.475   1.00 7.23  ? 143  VAL A C   1 
ATOM   1127 O  O   . VAL A 1 146 ? 17.204  8.701   8.047   1.00 8.54  ? 143  VAL A O   1 
ATOM   1128 C  CB  . VAL A 1 146 ? 13.906  8.539   8.008   1.00 4.74  ? 143  VAL A CB  1 
ATOM   1129 C  CG1 . VAL A 1 146 ? 14.311  8.471   9.427   1.00 2.90  ? 143  VAL A CG1 1 
ATOM   1130 C  CG2 . VAL A 1 146 ? 12.671  9.371   7.866   1.00 2.75  ? 143  VAL A CG2 1 
ATOM   1131 N  N   . LYS A 1 147 ? 16.266  6.973   7.050   1.00 7.44  ? 144  LYS A N   1 
ATOM   1132 C  CA  . LYS A 1 147 ? 17.353  6.034   7.266   1.00 8.58  ? 144  LYS A CA  1 
ATOM   1133 C  C   . LYS A 1 147 ? 17.132  4.771   6.452   1.00 8.71  ? 144  LYS A C   1 
ATOM   1134 O  O   . LYS A 1 147 ? 16.050  4.494   6.026   1.00 8.35  ? 144  LYS A O   1 
ATOM   1135 C  CB  . LYS A 1 147 ? 17.399  5.622   8.742   1.00 8.17  ? 144  LYS A CB  1 
ATOM   1136 C  CG  . LYS A 1 147 ? 18.074  6.575   9.605   1.00 9.22  ? 144  LYS A CG  1 
ATOM   1137 C  CD  . LYS A 1 147 ? 17.471  6.607   10.970  1.00 12.47 ? 144  LYS A CD  1 
ATOM   1138 C  CE  . LYS A 1 147 ? 17.937  7.837   11.728  1.00 13.40 ? 144  LYS A CE  1 
ATOM   1139 N  NZ  . LYS A 1 147 ? 17.241  8.021   12.997  1.00 13.73 ? 144  LYS A NZ  1 
ATOM   1140 N  N   . ASP A 1 148 ? 18.166  3.972   6.274   1.00 10.30 ? 145  ASP A N   1 
ATOM   1141 C  CA  . ASP A 1 148 ? 17.903  2.621   5.794   1.00 11.63 ? 145  ASP A CA  1 
ATOM   1142 C  C   . ASP A 1 148 ? 17.858  1.630   6.971   1.00 11.85 ? 145  ASP A C   1 
ATOM   1143 O  O   . ASP A 1 148 ? 18.545  1.801   7.981   1.00 13.18 ? 145  ASP A O   1 
ATOM   1144 C  CB  . ASP A 1 148 ? 18.814  2.221   4.626   1.00 12.25 ? 145  ASP A CB  1 
ATOM   1145 C  CG  . ASP A 1 148 ? 20.264  2.211   4.985   1.00 13.54 ? 145  ASP A CG  1 
ATOM   1146 O  OD1 . ASP A 1 148 ? 20.648  2.942   5.926   1.00 17.80 ? 145  ASP A OD1 1 
ATOM   1147 O  OD2 . ASP A 1 148 ? 21.020  1.480   4.302   1.00 15.29 ? 145  ASP A OD2 1 
ATOM   1148 N  N   . GLY A 1 149 ? 16.994  0.624   6.858   1.00 12.13 ? 146  GLY A N   1 
ATOM   1149 C  CA  . GLY A 1 149 ? 16.816  -0.367  7.923   1.00 12.42 ? 146  GLY A CA  1 
ATOM   1150 C  C   . GLY A 1 149 ? 17.533  -1.649  7.586   1.00 12.69 ? 146  GLY A C   1 
ATOM   1151 O  O   . GLY A 1 149 ? 16.924  -2.701  7.481   1.00 12.74 ? 146  GLY A O   1 
ATOM   1152 N  N   . GLY A 1 150 ? 18.846  -1.563  7.444   1.00 13.46 ? 147  GLY A N   1 
ATOM   1153 C  CA  . GLY A 1 150 ? 19.625  -2.681  6.977   1.00 13.67 ? 147  GLY A CA  1 
ATOM   1154 C  C   . GLY A 1 150 ? 19.481  -2.827  5.474   1.00 14.20 ? 147  GLY A C   1 
ATOM   1155 O  O   . GLY A 1 150 ? 18.859  -1.982  4.809   1.00 13.83 ? 147  GLY A O   1 
ATOM   1156 N  N   . PRO A 1 151 ? 20.033  -3.922  4.928   1.00 14.76 ? 148  PRO A N   1 
ATOM   1157 C  CA  . PRO A 1 151 ? 20.164  -4.144  3.470   1.00 15.07 ? 148  PRO A CA  1 
ATOM   1158 C  C   . PRO A 1 151 ? 18.848  -4.115  2.674   1.00 14.98 ? 148  PRO A C   1 
ATOM   1159 O  O   . PRO A 1 151 ? 18.816  -3.623  1.538   1.00 15.39 ? 148  PRO A O   1 
ATOM   1160 C  CB  . PRO A 1 151 ? 20.782  -5.538  3.375   1.00 15.01 ? 148  PRO A CB  1 
ATOM   1161 C  CG  . PRO A 1 151 ? 21.276  -5.865  4.746   1.00 15.39 ? 148  PRO A CG  1 
ATOM   1162 C  CD  . PRO A 1 151 ? 20.483  -5.081  5.714   1.00 14.80 ? 148  PRO A CD  1 
ATOM   1163 N  N   . THR A 1 152 ? 17.790  -4.647  3.279   1.00 14.50 ? 149  THR A N   1 
ATOM   1164 C  CA  . THR A 1 152 ? 16.518  -4.918  2.603   1.00 14.22 ? 149  THR A CA  1 
ATOM   1165 C  C   . THR A 1 152 ? 15.458  -3.778  2.692   1.00 13.08 ? 149  THR A C   1 
ATOM   1166 O  O   . THR A 1 152 ? 14.502  -3.766  1.913   1.00 12.00 ? 149  THR A O   1 
ATOM   1167 C  CB  . THR A 1 152 ? 15.913  -6.235  3.174   1.00 14.41 ? 149  THR A CB  1 
ATOM   1168 O  OG1 . THR A 1 152 ? 15.499  -6.038  4.538   1.00 15.87 ? 149  THR A OG1 1 
ATOM   1169 C  CG2 . THR A 1 152 ? 16.957  -7.378  3.138   1.00 14.45 ? 149  THR A CG2 1 
ATOM   1170 N  N   . LEU A 1 153 ? 15.656  -2.826  3.608   1.00 12.51 ? 150  LEU A N   1 
ATOM   1171 C  CA  . LEU A 1 153 ? 14.635  -1.808  3.967   1.00 11.58 ? 150  LEU A CA  1 
ATOM   1172 C  C   . LEU A 1 153 ? 15.134  -0.359  3.900   1.00 10.58 ? 150  LEU A C   1 
ATOM   1173 O  O   . LEU A 1 153 ? 16.283  -0.109  4.222   1.00 10.77 ? 150  LEU A O   1 
ATOM   1174 C  CB  . LEU A 1 153 ? 14.168  -2.026  5.425   1.00 11.54 ? 150  LEU A CB  1 
ATOM   1175 C  CG  . LEU A 1 153 ? 13.267  -3.183  5.807   1.00 12.64 ? 150  LEU A CG  1 
ATOM   1176 C  CD1 . LEU A 1 153 ? 12.850  -3.059  7.267   1.00 11.01 ? 150  LEU A CD1 1 
ATOM   1177 C  CD2 . LEU A 1 153 ? 12.042  -3.141  4.914   1.00 15.69 ? 150  LEU A CD2 1 
ATOM   1178 N  N   . THR A 1 154 ? 14.263  0.572   3.504   1.00 8.89  ? 151  THR A N   1 
ATOM   1179 C  CA  . THR A 1 154 ? 14.559  2.031   3.576   1.00 8.30  ? 151  THR A CA  1 
ATOM   1180 C  C   . THR A 1 154 ? 13.359  2.799   4.076   1.00 8.16  ? 151  THR A C   1 
ATOM   1181 O  O   . THR A 1 154 ? 12.254  2.558   3.609   1.00 6.83  ? 151  THR A O   1 
ATOM   1182 C  CB  . THR A 1 154 ? 14.957  2.657   2.212   1.00 8.35  ? 151  THR A CB  1 
ATOM   1183 O  OG1 . THR A 1 154 ? 15.957  1.852   1.596   1.00 8.52  ? 151  THR A OG1 1 
ATOM   1184 C  CG2 . THR A 1 154 ? 15.507  4.103   2.410   1.00 7.88  ? 151  THR A CG2 1 
ATOM   1185 N  N   . TRP A 1 155 ? 13.585  3.738   5.004   1.00 7.81  ? 152  TRP A N   1 
ATOM   1186 C  CA  . TRP A 1 155 ? 12.507  4.497   5.637   1.00 8.24  ? 152  TRP A CA  1 
ATOM   1187 C  C   . TRP A 1 155 ? 12.453  5.956   5.154   1.00 8.98  ? 152  TRP A C   1 
ATOM   1188 O  O   . TRP A 1 155 ? 13.488  6.606   5.017   1.00 6.31  ? 152  TRP A O   1 
ATOM   1189 C  CB  . TRP A 1 155 ? 12.678  4.481   7.156   1.00 8.19  ? 152  TRP A CB  1 
ATOM   1190 C  CG  . TRP A 1 155 ? 12.368  3.145   7.750   1.00 8.94  ? 152  TRP A CG  1 
ATOM   1191 C  CD1 . TRP A 1 155 ? 13.208  2.065   7.841   1.00 9.87  ? 152  TRP A CD1 1 
ATOM   1192 C  CD2 . TRP A 1 155 ? 11.121  2.727   8.270   1.00 10.30 ? 152  TRP A CD2 1 
ATOM   1193 N  NE1 . TRP A 1 155 ? 12.555  1.008   8.408   1.00 9.28  ? 152  TRP A NE1 1 
ATOM   1194 C  CE2 . TRP A 1 155 ? 11.273  1.388   8.695   1.00 10.29 ? 152  TRP A CE2 1 
ATOM   1195 C  CE3 . TRP A 1 155 ? 9.885   3.357   8.439   1.00 10.33 ? 152  TRP A CE3 1 
ATOM   1196 C  CZ2 . TRP A 1 155 ? 10.238  0.670   9.258   1.00 11.07 ? 152  TRP A CZ2 1 
ATOM   1197 C  CZ3 . TRP A 1 155 ? 8.858   2.651   9.012   1.00 11.30 ? 152  TRP A CZ3 1 
ATOM   1198 C  CH2 . TRP A 1 155 ? 9.040   1.313   9.416   1.00 12.32 ? 152  TRP A CH2 1 
ATOM   1199 N  N   . TYR A 1 156 ? 11.216  6.429   4.966   1.00 11.69 ? 153  TYR A N   1 
ATOM   1200 C  CA  . TYR A 1 156 ? 10.875  7.810   4.547   1.00 12.50 ? 153  TYR A CA  1 
ATOM   1201 C  C   . TYR A 1 156 ? 9.718   8.350   5.405   1.00 13.00 ? 153  TYR A C   1 
ATOM   1202 O  O   . TYR A 1 156 ? 8.935   7.575   5.952   1.00 13.97 ? 153  TYR A O   1 
ATOM   1203 C  CB  . TYR A 1 156 ? 10.422  7.788   3.091   1.00 12.99 ? 153  TYR A CB  1 
ATOM   1204 C  CG  . TYR A 1 156 ? 11.474  7.338   2.130   1.00 13.67 ? 153  TYR A CG  1 
ATOM   1205 C  CD1 . TYR A 1 156 ? 12.278  8.256   1.450   1.00 16.72 ? 153  TYR A CD1 1 
ATOM   1206 C  CD2 . TYR A 1 156 ? 11.660  5.966   1.872   1.00 18.54 ? 153  TYR A CD2 1 
ATOM   1207 C  CE1 . TYR A 1 156 ? 13.277  7.831   0.561   1.00 17.82 ? 153  TYR A CE1 1 
ATOM   1208 C  CE2 . TYR A 1 156 ? 12.657  5.537   0.996   1.00 19.42 ? 153  TYR A CE2 1 
ATOM   1209 C  CZ  . TYR A 1 156 ? 13.473  6.482   0.349   1.00 19.54 ? 153  TYR A CZ  1 
ATOM   1210 O  OH  . TYR A 1 156 ? 14.448  6.068   -0.546  1.00 21.44 ? 153  TYR A OH  1 
ATOM   1211 N  N   . VAL A 1 157 ? 9.557   9.683   5.464   1.00 14.36 ? 154  VAL A N   1 
ATOM   1212 C  CA  . VAL A 1 157 ? 8.504   10.303  6.281   1.00 14.42 ? 154  VAL A CA  1 
ATOM   1213 C  C   . VAL A 1 157 ? 7.962   11.609  5.675   1.00 14.75 ? 154  VAL A C   1 
ATOM   1214 O  O   . VAL A 1 157 ? 8.712   12.390  5.046   1.00 14.69 ? 154  VAL A O   1 
ATOM   1215 C  CB  . VAL A 1 157 ? 8.980   10.600  7.733   1.00 14.15 ? 154  VAL A CB  1 
ATOM   1216 C  CG1 . VAL A 1 157 ? 10.052  11.717  7.771   1.00 15.22 ? 154  VAL A CG1 1 
ATOM   1217 C  CG2 . VAL A 1 157 ? 7.775   10.899  8.639   1.00 13.61 ? 154  VAL A CG2 1 
ATOM   1218 N  N   . ARG A 1 158 ? 6.665   11.842  5.902   1.00 16.71 ? 155  ARG A N   1 
ATOM   1219 C  CA  . ARG A 1 158 ? 6.012   13.123  5.536   1.00 16.87 ? 155  ARG A CA  1 
ATOM   1220 C  C   . ARG A 1 158 ? 5.137   13.647  6.662   1.00 18.60 ? 155  ARG A C   1 
ATOM   1221 O  O   . ARG A 1 158 ? 4.221   12.967  7.114   1.00 16.05 ? 155  ARG A O   1 
ATOM   1222 C  CB  . ARG A 1 158 ? 5.144   12.932  4.296   1.00 16.79 ? 155  ARG A CB  1 
ATOM   1223 C  CG  . ARG A 1 158 ? 4.553   14.256  3.749   1.00 17.96 ? 155  ARG A CG  1 
ATOM   1224 C  CD  . ARG A 1 158 ? 3.840   14.048  2.451   1.00 20.92 ? 155  ARG A CD  1 
ATOM   1225 N  NE  . ARG A 1 158 ? 2.529   13.445  2.648   1.00 21.69 ? 155  ARG A NE  1 
ATOM   1226 C  CZ  . ARG A 1 158 ? 1.684   13.112  1.669   1.00 24.76 ? 155  ARG A CZ  1 
ATOM   1227 N  NH1 . ARG A 1 158 ? 1.990   13.318  0.380   1.00 22.91 ? 155  ARG A NH1 1 
ATOM   1228 N  NH2 . ARG A 1 158 ? 0.512   12.558  1.983   1.00 25.87 ? 155  ARG A NH2 1 
ATOM   1229 N  N   . PRO A 1 159 ? 5.365   14.907  7.100   1.00 21.08 ? 156  PRO A N   1 
ATOM   1230 C  CA  . PRO A 1 159 ? 4.503   15.413  8.160   1.00 22.23 ? 156  PRO A CA  1 
ATOM   1231 C  C   . PRO A 1 159 ? 3.087   15.617  7.659   1.00 22.55 ? 156  PRO A C   1 
ATOM   1232 O  O   . PRO A 1 159 ? 2.889   15.882  6.471   1.00 22.63 ? 156  PRO A O   1 
ATOM   1233 C  CB  . PRO A 1 159 ? 5.130   16.776  8.506   1.00 22.96 ? 156  PRO A CB  1 
ATOM   1234 C  CG  . PRO A 1 159 ? 5.696   17.235  7.200   1.00 22.95 ? 156  PRO A CG  1 
ATOM   1235 C  CD  . PRO A 1 159 ? 6.223   15.968  6.539   1.00 22.31 ? 156  PRO A CD  1 
ATOM   1236 N  N   . LEU A 1 160 ? 2.120   15.446  8.556   1.00 23.74 ? 157  LEU A N   1 
ATOM   1237 C  CA  . LEU A 1 160 ? 0.723   15.748  8.252   1.00 24.93 ? 157  LEU A CA  1 
ATOM   1238 C  C   . LEU A 1 160 ? 0.382   17.055  8.958   1.00 24.69 ? 157  LEU A C   1 
ATOM   1239 O  O   . LEU A 1 160 ? -0.566  17.721  8.581   1.00 24.84 ? 157  LEU A O   1 
ATOM   1240 C  CB  . LEU A 1 160 ? -0.240  14.626  8.697   1.00 25.31 ? 157  LEU A CB  1 
ATOM   1241 C  CG  . LEU A 1 160 ? -0.043  13.197  8.163   1.00 27.47 ? 157  LEU A CG  1 
ATOM   1242 C  CD1 . LEU A 1 160 ? -1.388  12.470  8.200   1.00 30.64 ? 157  LEU A CD1 1 
ATOM   1243 C  CD2 . LEU A 1 160 ? 0.538   13.150  6.742   1.00 30.51 ? 157  LEU A CD2 1 
ATOM   1244 O  OXT . LEU A 1 160 ? 1.060   17.481  9.895   1.00 24.93 ? 157  LEU A OXT 1 
HETATM 1245 CL CL  . CL  B 2 .   ? -15.357 8.961   -11.818 1.00 30.34 ? 159  CL  A CL  1 
HETATM 1246 O  O5B . ACO C 3 .   ? 2.717   8.944   -10.127 1.00 40.16 ? 1001 ACO A O5B 1 
HETATM 1247 P  P1A . ACO C 3 .   ? 1.403   7.954   -10.273 1.00 39.72 ? 1001 ACO A P1A 1 
HETATM 1248 O  O1A . ACO C 3 .   ? 1.079   7.828   -11.762 1.00 36.96 ? 1001 ACO A O1A 1 
HETATM 1249 O  O2A . ACO C 3 .   ? 0.414   8.332   -9.182  1.00 31.26 ? 1001 ACO A O2A 1 
HETATM 1250 O  O3A . ACO C 3 .   ? 2.099   6.560   -9.797  1.00 34.08 ? 1001 ACO A O3A 1 
HETATM 1251 P  P2A . ACO C 3 .   ? 1.378   5.139   -9.844  1.00 31.76 ? 1001 ACO A P2A 1 
HETATM 1252 O  O4A . ACO C 3 .   ? 2.142   4.339   -10.905 1.00 31.40 ? 1001 ACO A O4A 1 
HETATM 1253 O  O5A . ACO C 3 .   ? -0.110  5.260   -10.062 1.00 28.43 ? 1001 ACO A O5A 1 
HETATM 1254 O  O6A . ACO C 3 .   ? 1.760   4.641   -8.321  1.00 31.78 ? 1001 ACO A O6A 1 
HETATM 1255 C  CBP . ACO C 3 .   ? 3.404   3.079   -7.334  1.00 27.77 ? 1001 ACO A CBP 1 
HETATM 1256 C  CCP . ACO C 3 .   ? 3.107   4.507   -7.830  1.00 29.91 ? 1001 ACO A CCP 1 
HETATM 1257 C  CDP . ACO C 3 .   ? 2.485   2.859   -6.147  1.00 24.05 ? 1001 ACO A CDP 1 
HETATM 1258 C  CEP . ACO C 3 .   ? 4.847   2.934   -6.861  1.00 27.70 ? 1001 ACO A CEP 1 
HETATM 1259 C  CAP . ACO C 3 .   ? 3.102   2.053   -8.461  1.00 28.96 ? 1001 ACO A CAP 1 
HETATM 1260 O  OAP . ACO C 3 .   ? 3.974   2.268   -9.601  1.00 31.25 ? 1001 ACO A OAP 1 
HETATM 1261 C  C9P . ACO C 3 .   ? 3.306   0.611   -8.039  1.00 28.38 ? 1001 ACO A C9P 1 
HETATM 1262 O  O9P . ACO C 3 .   ? 2.392   -0.062  -7.585  1.00 24.16 ? 1001 ACO A O9P 1 
HETATM 1263 N  N8P . ACO C 3 .   ? 4.524   0.106   -8.218  1.00 30.05 ? 1001 ACO A N8P 1 
HETATM 1264 C  C7P . ACO C 3 .   ? 4.860   -1.305  -7.944  1.00 28.85 ? 1001 ACO A C7P 1 
HETATM 1265 C  C6P . ACO C 3 .   ? 4.691   -1.709  -6.480  1.00 27.91 ? 1001 ACO A C6P 1 
HETATM 1266 C  C5P . ACO C 3 .   ? 5.540   -0.835  -5.569  1.00 29.30 ? 1001 ACO A C5P 1 
HETATM 1267 O  O5P . ACO C 3 .   ? 6.721   -0.537  -5.849  1.00 29.15 ? 1001 ACO A O5P 1 
HETATM 1268 N  N4P . ACO C 3 .   ? 4.921   -0.410  -4.456  1.00 29.18 ? 1001 ACO A N4P 1 
HETATM 1269 C  C3P . ACO C 3 .   ? 5.602   0.411   -3.481  1.00 27.42 ? 1001 ACO A C3P 1 
HETATM 1270 C  C2P . ACO C 3 .   ? 6.263   -0.427  -2.414  1.00 29.24 ? 1001 ACO A C2P 1 
HETATM 1271 S  S1P . ACO C 3 .   ? 7.069   0.570   -1.152  1.00 34.54 ? 1001 ACO A S1P 1 
HETATM 1272 C  C   . ACO C 3 .   ? 5.667   0.951   -0.283  1.00 31.41 ? 1001 ACO A C   1 
HETATM 1273 O  O   . ACO C 3 .   ? 4.607   0.537   -0.674  1.00 28.49 ? 1001 ACO A O   1 
HETATM 1274 C  CH3 . ACO C 3 .   ? 5.745   1.803   0.970   1.00 29.12 ? 1001 ACO A CH3 1 
HETATM 1275 O  O   . HOH D 4 .   ? -0.736  -6.156  12.235  1.00 5.10  ? 160  HOH A O   1 
HETATM 1276 O  O   . HOH D 4 .   ? 0.491   -1.990  7.257   1.00 7.17  ? 161  HOH A O   1 
HETATM 1277 O  O   . HOH D 4 .   ? -1.163  -9.199  7.910   1.00 6.41  ? 162  HOH A O   1 
HETATM 1278 O  O   . HOH D 4 .   ? -12.901 -4.472  -0.041  1.00 7.77  ? 163  HOH A O   1 
HETATM 1279 O  O   . HOH D 4 .   ? 15.245  -6.061  -4.536  1.00 15.85 ? 164  HOH A O   1 
HETATM 1280 O  O   . HOH D 4 .   ? -8.270  -2.730  7.890   1.00 14.21 ? 165  HOH A O   1 
HETATM 1281 O  O   . HOH D 4 .   ? 4.860   5.803   21.245  1.00 21.43 ? 166  HOH A O   1 
HETATM 1282 O  O   . HOH D 4 .   ? -11.902 -9.735  -10.053 1.00 20.87 ? 167  HOH A O   1 
HETATM 1283 O  O   . HOH D 4 .   ? 3.969   -4.863  -10.776 1.00 11.85 ? 168  HOH A O   1 
HETATM 1284 O  O   . HOH D 4 .   ? 16.116  13.706  1.360   1.00 13.40 ? 169  HOH A O   1 
HETATM 1285 O  O   . HOH D 4 .   ? -3.073  -7.348  17.049  1.00 30.64 ? 170  HOH A O   1 
HETATM 1286 O  O   . HOH D 4 .   ? 6.699   -12.512 -10.653 1.00 8.66  ? 171  HOH A O   1 
HETATM 1287 O  O   . HOH D 4 .   ? -3.409  11.824  -9.238  1.00 12.51 ? 172  HOH A O   1 
HETATM 1288 O  O   . HOH D 4 .   ? -1.784  5.103   -12.015 1.00 6.17  ? 173  HOH A O   1 
HETATM 1289 O  O   . HOH D 4 .   ? 11.334  14.538  -7.864  1.00 34.23 ? 174  HOH A O   1 
HETATM 1290 O  O   . HOH D 4 .   ? -15.473 9.112   -15.017 1.00 13.43 ? 175  HOH A O   1 
HETATM 1291 O  O   . HOH D 4 .   ? -8.936  -8.561  6.598   1.00 7.63  ? 176  HOH A O   1 
HETATM 1292 O  O   . HOH D 4 .   ? -12.898 6.375   -0.983  1.00 14.36 ? 177  HOH A O   1 
HETATM 1293 O  O   . HOH D 4 .   ? 17.929  -0.837  -10.359 1.00 2.94  ? 178  HOH A O   1 
HETATM 1294 O  O   . HOH D 4 .   ? 18.339  4.038   0.185   1.00 19.95 ? 179  HOH A O   1 
HETATM 1295 O  O   . HOH D 4 .   ? -11.496 -12.659 -8.837  1.00 23.88 ? 180  HOH A O   1 
HETATM 1296 O  O   . HOH D 4 .   ? 17.371  1.015   -4.458  1.00 28.61 ? 181  HOH A O   1 
HETATM 1297 O  O   . HOH D 4 .   ? 1.593   -18.488 -6.399  1.00 17.55 ? 182  HOH A O   1 
HETATM 1298 O  O   . HOH D 4 .   ? -1.537  7.164   15.234  1.00 8.52  ? 183  HOH A O   1 
HETATM 1299 O  O   . HOH D 4 .   ? -4.980  -20.030 4.692   1.00 9.75  ? 184  HOH A O   1 
HETATM 1300 O  O   . HOH D 4 .   ? -5.698  -24.219 1.504   1.00 18.04 ? 185  HOH A O   1 
HETATM 1301 O  O   . HOH D 4 .   ? -14.292 -12.163 8.593   1.00 14.67 ? 186  HOH A O   1 
HETATM 1302 O  O   . HOH D 4 .   ? -1.123  -18.504 -6.450  1.00 8.35  ? 187  HOH A O   1 
HETATM 1303 O  O   . HOH D 4 .   ? -16.617 -9.810  5.785   1.00 22.57 ? 188  HOH A O   1 
HETATM 1304 O  O   . HOH D 4 .   ? 14.686  -0.393  0.190   1.00 10.93 ? 189  HOH A O   1 
HETATM 1305 O  O   . HOH D 4 .   ? -14.854 -12.098 5.679   1.00 5.16  ? 190  HOH A O   1 
HETATM 1306 O  O   . HOH D 4 .   ? 1.411   -5.045  4.289   1.00 20.96 ? 191  HOH A O   1 
HETATM 1307 O  O   . HOH D 4 .   ? -8.027  9.101   -12.229 1.00 17.91 ? 192  HOH A O   1 
HETATM 1308 O  O   . HOH D 4 .   ? -8.298  6.662   -13.863 1.00 24.36 ? 193  HOH A O   1 
HETATM 1309 O  O   . HOH D 4 .   ? -2.945  -2.689  17.461  1.00 5.71  ? 194  HOH A O   1 
HETATM 1310 O  O   . HOH D 4 .   ? 20.366  8.104   8.229   1.00 18.12 ? 195  HOH A O   1 
HETATM 1311 O  O   . HOH D 4 .   ? -15.163 4.360   -8.334  1.00 11.66 ? 196  HOH A O   1 
HETATM 1312 O  O   . HOH D 4 .   ? 0.349   -11.490 8.046   1.00 21.14 ? 197  HOH A O   1 
HETATM 1313 O  O   . HOH D 4 .   ? -9.729  -0.429  6.254   1.00 13.03 ? 198  HOH A O   1 
HETATM 1314 O  O   . HOH D 4 .   ? -13.590 -8.508  8.574   1.00 19.15 ? 199  HOH A O   1 
HETATM 1315 O  O   . HOH D 4 .   ? -5.798  9.598   -10.494 1.00 17.41 ? 200  HOH A O   1 
HETATM 1316 O  O   . HOH D 4 .   ? -15.474 -4.136  2.453   1.00 20.23 ? 201  HOH A O   1 
HETATM 1317 O  O   . HOH D 4 .   ? -16.914 -2.362  -5.065  1.00 39.31 ? 202  HOH A O   1 
HETATM 1318 O  O   . HOH D 4 .   ? -11.066 -15.766 7.883   1.00 13.20 ? 203  HOH A O   1 
HETATM 1319 O  O   . HOH D 4 .   ? -8.526  -2.342  11.766  1.00 15.62 ? 204  HOH A O   1 
HETATM 1320 O  O   . HOH D 4 .   ? -10.731 -7.002  7.932   1.00 17.47 ? 205  HOH A O   1 
HETATM 1321 O  O   . HOH D 4 .   ? 5.648   -2.712  -16.375 1.00 38.24 ? 206  HOH A O   1 
HETATM 1322 O  O   . HOH D 4 .   ? 6.254   -2.722  -13.912 1.00 28.70 ? 207  HOH A O   1 
HETATM 1323 O  O   . HOH D 4 .   ? -2.033  -5.738  -14.751 1.00 14.17 ? 208  HOH A O   1 
HETATM 1324 O  O   . HOH D 4 .   ? 5.435   -2.800  -10.943 1.00 17.93 ? 209  HOH A O   1 
HETATM 1325 O  O   . HOH D 4 .   ? 0.703   -22.092 3.540   1.00 45.62 ? 210  HOH A O   1 
HETATM 1326 O  O   . HOH D 4 .   ? 10.060  15.504  7.274   1.00 27.09 ? 212  HOH A O   1 
HETATM 1327 O  O   . HOH D 4 .   ? 10.538  6.879   16.170  1.00 27.95 ? 213  HOH A O   1 
HETATM 1328 O  O   . HOH D 4 .   ? 17.727  13.801  7.767   1.00 20.04 ? 214  HOH A O   1 
HETATM 1329 O  O   . HOH D 4 .   ? 13.514  -1.356  9.980   1.00 5.93  ? 215  HOH A O   1 
HETATM 1330 O  O   . HOH D 4 .   ? -0.256  -2.849  17.490  1.00 11.18 ? 216  HOH A O   1 
HETATM 1331 O  O   . HOH D 4 .   ? 1.161   17.914  5.012   1.00 35.75 ? 217  HOH A O   1 
HETATM 1332 O  O   . HOH D 4 .   ? -12.767 -3.465  8.315   1.00 14.17 ? 218  HOH A O   1 
HETATM 1333 O  O   . HOH D 4 .   ? -9.802  -0.430  8.908   1.00 21.19 ? 219  HOH A O   1 
HETATM 1334 O  O   . HOH D 4 .   ? -5.420  -19.376 7.404   1.00 10.01 ? 220  HOH A O   1 
HETATM 1335 O  O   . HOH D 4 .   ? -10.996 -5.250  10.079  1.00 27.67 ? 221  HOH A O   1 
HETATM 1336 O  O   . HOH D 4 .   ? 3.032   -0.438  17.022  1.00 8.84  ? 222  HOH A O   1 
HETATM 1337 O  O   . HOH D 4 .   ? -2.760  15.707  12.047  1.00 24.15 ? 223  HOH A O   1 
HETATM 1338 O  O   . HOH D 4 .   ? -10.757 4.241   -15.882 1.00 34.31 ? 224  HOH A O   1 
HETATM 1339 O  O   . HOH D 4 .   ? -9.906  -6.046  -15.856 1.00 25.88 ? 225  HOH A O   1 
HETATM 1340 O  O   . HOH D 4 .   ? -18.796 0.453   -6.269  1.00 27.75 ? 226  HOH A O   1 
HETATM 1341 O  O   . HOH D 4 .   ? -11.504 -14.737 10.269  1.00 18.20 ? 227  HOH A O   1 
HETATM 1342 O  O   . HOH D 4 .   ? -0.386  -12.254 1.297   1.00 36.23 ? 228  HOH A O   1 
HETATM 1343 O  O   . HOH D 4 .   ? -13.783 -12.108 -3.016  1.00 22.60 ? 229  HOH A O   1 
HETATM 1344 O  O   . HOH D 4 .   ? -15.475 -9.602  -2.156  1.00 20.61 ? 230  HOH A O   1 
HETATM 1345 O  O   . HOH D 4 .   ? 8.734   -16.466 -2.437  1.00 15.50 ? 231  HOH A O   1 
HETATM 1346 O  O   . HOH D 4 .   ? -9.010  11.007  11.501  1.00 17.33 ? 232  HOH A O   1 
HETATM 1347 O  O   . HOH D 4 .   ? 5.642   -17.056 -8.288  1.00 23.13 ? 233  HOH A O   1 
HETATM 1348 O  O   . HOH D 4 .   ? 9.660   -2.528  -2.461  1.00 14.15 ? 234  HOH A O   1 
HETATM 1349 O  O   . HOH D 4 .   ? 7.932   -2.400  -0.785  1.00 19.57 ? 235  HOH A O   1 
HETATM 1350 O  O   . HOH D 4 .   ? -13.553 2.189   -17.999 1.00 48.91 ? 236  HOH A O   1 
HETATM 1351 O  O   . HOH D 4 .   ? -2.249  -12.417 14.691  1.00 23.82 ? 237  HOH A O   1 
HETATM 1352 O  O   . HOH D 4 .   ? 19.125  1.368   -11.136 1.00 21.94 ? 238  HOH A O   1 
HETATM 1353 O  O   . HOH D 4 .   ? 8.111   8.557   15.142  1.00 28.06 ? 239  HOH A O   1 
HETATM 1354 O  O   . HOH D 4 .   ? 0.251   -21.738 0.390   1.00 21.69 ? 240  HOH A O   1 
HETATM 1355 O  O   . HOH D 4 .   ? -13.953 2.135   -20.623 1.00 37.12 ? 241  HOH A O   1 
HETATM 1356 O  O   . HOH D 4 .   ? -15.649 0.526   -3.224  1.00 18.84 ? 242  HOH A O   1 
HETATM 1357 O  O   . HOH D 4 .   ? -9.241  13.346  8.882   1.00 18.82 ? 243  HOH A O   1 
HETATM 1358 O  O   . HOH D 4 .   ? -15.553 -6.840  1.645   1.00 27.19 ? 244  HOH A O   1 
HETATM 1359 O  O   . HOH D 4 .   ? 20.841  4.806   7.568   1.00 12.95 ? 245  HOH A O   1 
HETATM 1360 O  O   . HOH D 4 .   ? 1.734   -10.449 -0.174  1.00 19.66 ? 246  HOH A O   1 
HETATM 1361 O  O   . HOH D 4 .   ? -15.623 -6.620  -2.596  1.00 32.24 ? 247  HOH A O   1 
HETATM 1362 O  O   . HOH D 4 .   ? 19.919  11.827  7.088   1.00 29.96 ? 248  HOH A O   1 
HETATM 1363 O  O   . HOH D 4 .   ? -14.761 -14.887 4.885   1.00 10.59 ? 249  HOH A O   1 
HETATM 1364 O  O   . HOH D 4 .   ? -14.809 -13.306 -4.940  1.00 11.78 ? 250  HOH A O   1 
HETATM 1365 O  O   . HOH D 4 .   ? -8.570  4.809   -22.389 1.00 32.60 ? 251  HOH A O   1 
HETATM 1366 O  O   . HOH D 4 .   ? -12.190 -1.371  9.848   1.00 14.10 ? 252  HOH A O   1 
HETATM 1367 O  O   . HOH D 4 .   ? -16.400 -6.495  -5.545  1.00 25.39 ? 253  HOH A O   1 
HETATM 1368 O  O   . HOH D 4 .   ? -16.423 1.217   -6.171  1.00 11.89 ? 254  HOH A O   1 
HETATM 1369 O  O   . HOH D 4 .   ? -10.564 -3.565  6.714   1.00 12.97 ? 255  HOH A O   1 
HETATM 1370 O  O   . HOH D 4 .   ? -15.446 -4.144  -1.348  1.00 19.20 ? 256  HOH A O   1 
HETATM 1371 O  O   . HOH D 4 .   ? 4.377   -5.134  2.701   1.00 32.16 ? 257  HOH A O   1 
HETATM 1372 O  O   . HOH D 4 .   ? 4.273   -8.300  -0.367  1.00 28.64 ? 258  HOH A O   1 
HETATM 1373 O  O   . HOH D 4 .   ? -0.295  -8.279  13.912  1.00 8.24  ? 259  HOH A O   1 
HETATM 1374 O  O   . HOH D 4 .   ? -2.717  -9.614  14.278  1.00 13.03 ? 260  HOH A O   1 
HETATM 1375 O  O   . HOH D 4 .   ? -8.343  -4.384  10.127  1.00 16.21 ? 261  HOH A O   1 
HETATM 1376 O  O   . HOH D 4 .   ? -7.751  7.342   5.986   1.00 19.71 ? 262  HOH A O   1 
HETATM 1377 O  O   . HOH D 4 .   ? 4.072   16.320  -5.515  1.00 11.04 ? 263  HOH A O   1 
HETATM 1378 O  O   . HOH D 4 .   ? 11.605  12.134  -6.907  1.00 23.30 ? 264  HOH A O   1 
HETATM 1379 O  O   . HOH D 4 .   ? 7.425   9.697   -9.983  1.00 25.14 ? 265  HOH A O   1 
HETATM 1380 O  O   . HOH D 4 .   ? 16.232  13.587  4.619   1.00 9.90  ? 266  HOH A O   1 
HETATM 1381 O  O   . HOH D 4 .   ? 16.474  11.936  9.236   1.00 36.78 ? 267  HOH A O   1 
HETATM 1382 O  O   . HOH D 4 .   ? 2.869   14.259  -9.227  1.00 20.64 ? 268  HOH A O   1 
# 
